data_4X2X
# 
_entry.id   4X2X 
# 
_audit_conform.dict_name       mmcif_pdbx.dic 
_audit_conform.dict_version    5.383 
_audit_conform.dict_location   http://mmcif.pdb.org/dictionaries/ascii/mmcif_pdbx.dic 
# 
loop_
_database_2.database_id 
_database_2.database_code 
_database_2.pdbx_database_accession 
_database_2.pdbx_DOI 
PDB   4X2X         pdb_00004x2x 10.2210/pdb4x2x/pdb 
WWPDB D_1000204975 ?            ?                   
# 
loop_
_pdbx_audit_revision_history.ordinal 
_pdbx_audit_revision_history.data_content_type 
_pdbx_audit_revision_history.major_revision 
_pdbx_audit_revision_history.minor_revision 
_pdbx_audit_revision_history.revision_date 
1 'Structure model' 1 0 2015-02-18 
2 'Structure model' 1 1 2015-02-25 
3 'Structure model' 1 2 2015-03-18 
4 'Structure model' 1 3 2024-01-10 
# 
_pdbx_audit_revision_details.ordinal             1 
_pdbx_audit_revision_details.revision_ordinal    1 
_pdbx_audit_revision_details.data_content_type   'Structure model' 
_pdbx_audit_revision_details.provider            repository 
_pdbx_audit_revision_details.type                'Initial release' 
_pdbx_audit_revision_details.description         ? 
_pdbx_audit_revision_details.details             ? 
# 
loop_
_pdbx_audit_revision_group.ordinal 
_pdbx_audit_revision_group.revision_ordinal 
_pdbx_audit_revision_group.data_content_type 
_pdbx_audit_revision_group.group 
1 2 'Structure model' 'Database references'    
2 3 'Structure model' 'Database references'    
3 4 'Structure model' 'Data collection'        
4 4 'Structure model' 'Database references'    
5 4 'Structure model' 'Refinement description' 
# 
loop_
_pdbx_audit_revision_category.ordinal 
_pdbx_audit_revision_category.revision_ordinal 
_pdbx_audit_revision_category.data_content_type 
_pdbx_audit_revision_category.category 
1 4 'Structure model' chem_comp_atom                
2 4 'Structure model' chem_comp_bond                
3 4 'Structure model' database_2                    
4 4 'Structure model' pdbx_initial_refinement_model 
# 
loop_
_pdbx_audit_revision_item.ordinal 
_pdbx_audit_revision_item.revision_ordinal 
_pdbx_audit_revision_item.data_content_type 
_pdbx_audit_revision_item.item 
1 4 'Structure model' '_database_2.pdbx_DOI'                
2 4 'Structure model' '_database_2.pdbx_database_accession' 
# 
_pdbx_database_status.status_code                     REL 
_pdbx_database_status.status_code_sf                  REL 
_pdbx_database_status.status_code_mr                  ? 
_pdbx_database_status.entry_id                        4X2X 
_pdbx_database_status.recvd_initial_deposition_date   2014-11-27 
_pdbx_database_status.SG_entry                        N 
_pdbx_database_status.deposit_site                    RCSB 
_pdbx_database_status.process_site                    PDBE 
_pdbx_database_status.status_code_cs                  ? 
_pdbx_database_status.methods_development_category    ? 
_pdbx_database_status.pdb_format_compatible           Y 
_pdbx_database_status.status_code_nmr_data            ? 
# 
loop_
_pdbx_database_related.db_name 
_pdbx_database_related.details 
_pdbx_database_related.db_id 
_pdbx_database_related.content_type 
PDB 'This entry contains C terminal extension to include residue P1 prime to P4 prime of NS7 in addition to 4ASH' 4ASH unspecified 
PDB .                                                                                                             4X2V unspecified 
PDB .                                                                                                             4X2W unspecified 
# 
loop_
_audit_author.name 
_audit_author.pdbx_ordinal 
'Leen, E.N.'      1 
'Cromwell Jr, H.' 2 
'Fernandes, H.'   3 
'Curry, S.'       4 
# 
loop_
_citation.abstract 
_citation.abstract_id_CAS 
_citation.book_id_ISBN 
_citation.book_publisher 
_citation.book_publisher_city 
_citation.book_title 
_citation.coordinate_linkage 
_citation.country 
_citation.database_id_Medline 
_citation.details 
_citation.id 
_citation.journal_abbrev 
_citation.journal_id_ASTM 
_citation.journal_id_CSD 
_citation.journal_id_ISSN 
_citation.journal_full 
_citation.journal_issue 
_citation.journal_volume 
_citation.language 
_citation.page_first 
_citation.page_last 
_citation.title 
_citation.year 
_citation.database_id_CSD 
_citation.pdbx_database_id_DOI 
_citation.pdbx_database_id_PubMed 
_citation.unpublished_flag 
? ? ? ? ? ? ? US ? ? primary Peerj      ? ? 2167-8359 ? ? 3 ? e798   e798 
;Structure determination of Murine Norovirus NS6 proteases with C-terminal extensions designed to probe protease-substrate interactions.
;
2015 ? 10.7717/peerj.798            25755927 ? 
? ? ? ? ? ? ? US ? ? 1       'PLoS ONE' ? ? 1932-6203 ? ? 7 ? e38723 ?    
'Structure of a murine norovirus NS6 protease-product complex revealed by adventitious crystallisation.' 2012 ? 
10.1371/journal.pone.0038723 22685603 ? 
# 
loop_
_citation_author.citation_id 
_citation_author.name 
_citation_author.ordinal 
_citation_author.identifier_ORCID 
primary 'Fernandes, H.' 1 ? 
primary 'Leen, E.N.'    2 ? 
primary 'Cromwell, H.'  3 ? 
primary 'Pfeil, M.P.'   4 ? 
primary 'Curry, S.'     5 ? 
1       'Leen, E.N.'    6 ? 
1       'Baeza, G.'     7 ? 
1       'Curry, S.'     8 ? 
# 
loop_
_entity.id 
_entity.type 
_entity.src_method 
_entity.pdbx_description 
_entity.formula_weight 
_entity.pdbx_number_of_molecules 
_entity.pdbx_ec 
_entity.pdbx_mutation 
_entity.pdbx_fragment 
_entity.details 
1 polymer man 'NS6 protease' 18439.098 1  ? C139A 'UNP residues 998-1173' ? 
2 water   nat water          18.015    22 ? ?     ?                       ? 
# 
_entity_poly.entity_id                      1 
_entity_poly.type                           'polypeptide(L)' 
_entity_poly.nstd_linkage                   no 
_entity_poly.nstd_monomer                   no 
_entity_poly.pdbx_seq_one_letter_code       
;SIWSRVVQFGTGWGFWVSGHVFITAKHVAPPKGTEIFGRKPGDFTVTSSGDFLKYYFTSAVRPDIPAMVLENGCQEGVVA
SVLVKRASGEMLALAVRMGSQAAIKIGSAVVHGQTGMLLTGSNAKAQDLGTIPGDAGCPYVYKKGNTWVVIGVHVAATRS
GNTVIAATHGEPTLEA
;
_entity_poly.pdbx_seq_one_letter_code_can   
;SIWSRVVQFGTGWGFWVSGHVFITAKHVAPPKGTEIFGRKPGDFTVTSSGDFLKYYFTSAVRPDIPAMVLENGCQEGVVA
SVLVKRASGEMLALAVRMGSQAAIKIGSAVVHGQTGMLLTGSNAKAQDLGTIPGDAGCPYVYKKGNTWVVIGVHVAATRS
GNTVIAATHGEPTLEA
;
_entity_poly.pdbx_strand_id                 A 
_entity_poly.pdbx_target_identifier         ? 
# 
_pdbx_entity_nonpoly.entity_id   2 
_pdbx_entity_nonpoly.name        water 
_pdbx_entity_nonpoly.comp_id     HOH 
# 
loop_
_entity_poly_seq.entity_id 
_entity_poly_seq.num 
_entity_poly_seq.mon_id 
_entity_poly_seq.hetero 
1 1   SER n 
1 2   ILE n 
1 3   TRP n 
1 4   SER n 
1 5   ARG n 
1 6   VAL n 
1 7   VAL n 
1 8   GLN n 
1 9   PHE n 
1 10  GLY n 
1 11  THR n 
1 12  GLY n 
1 13  TRP n 
1 14  GLY n 
1 15  PHE n 
1 16  TRP n 
1 17  VAL n 
1 18  SER n 
1 19  GLY n 
1 20  HIS n 
1 21  VAL n 
1 22  PHE n 
1 23  ILE n 
1 24  THR n 
1 25  ALA n 
1 26  LYS n 
1 27  HIS n 
1 28  VAL n 
1 29  ALA n 
1 30  PRO n 
1 31  PRO n 
1 32  LYS n 
1 33  GLY n 
1 34  THR n 
1 35  GLU n 
1 36  ILE n 
1 37  PHE n 
1 38  GLY n 
1 39  ARG n 
1 40  LYS n 
1 41  PRO n 
1 42  GLY n 
1 43  ASP n 
1 44  PHE n 
1 45  THR n 
1 46  VAL n 
1 47  THR n 
1 48  SER n 
1 49  SER n 
1 50  GLY n 
1 51  ASP n 
1 52  PHE n 
1 53  LEU n 
1 54  LYS n 
1 55  TYR n 
1 56  TYR n 
1 57  PHE n 
1 58  THR n 
1 59  SER n 
1 60  ALA n 
1 61  VAL n 
1 62  ARG n 
1 63  PRO n 
1 64  ASP n 
1 65  ILE n 
1 66  PRO n 
1 67  ALA n 
1 68  MET n 
1 69  VAL n 
1 70  LEU n 
1 71  GLU n 
1 72  ASN n 
1 73  GLY n 
1 74  CYS n 
1 75  GLN n 
1 76  GLU n 
1 77  GLY n 
1 78  VAL n 
1 79  VAL n 
1 80  ALA n 
1 81  SER n 
1 82  VAL n 
1 83  LEU n 
1 84  VAL n 
1 85  LYS n 
1 86  ARG n 
1 87  ALA n 
1 88  SER n 
1 89  GLY n 
1 90  GLU n 
1 91  MET n 
1 92  LEU n 
1 93  ALA n 
1 94  LEU n 
1 95  ALA n 
1 96  VAL n 
1 97  ARG n 
1 98  MET n 
1 99  GLY n 
1 100 SER n 
1 101 GLN n 
1 102 ALA n 
1 103 ALA n 
1 104 ILE n 
1 105 LYS n 
1 106 ILE n 
1 107 GLY n 
1 108 SER n 
1 109 ALA n 
1 110 VAL n 
1 111 VAL n 
1 112 HIS n 
1 113 GLY n 
1 114 GLN n 
1 115 THR n 
1 116 GLY n 
1 117 MET n 
1 118 LEU n 
1 119 LEU n 
1 120 THR n 
1 121 GLY n 
1 122 SER n 
1 123 ASN n 
1 124 ALA n 
1 125 LYS n 
1 126 ALA n 
1 127 GLN n 
1 128 ASP n 
1 129 LEU n 
1 130 GLY n 
1 131 THR n 
1 132 ILE n 
1 133 PRO n 
1 134 GLY n 
1 135 ASP n 
1 136 ALA n 
1 137 GLY n 
1 138 CYS n 
1 139 PRO n 
1 140 TYR n 
1 141 VAL n 
1 142 TYR n 
1 143 LYS n 
1 144 LYS n 
1 145 GLY n 
1 146 ASN n 
1 147 THR n 
1 148 TRP n 
1 149 VAL n 
1 150 VAL n 
1 151 ILE n 
1 152 GLY n 
1 153 VAL n 
1 154 HIS n 
1 155 VAL n 
1 156 ALA n 
1 157 ALA n 
1 158 THR n 
1 159 ARG n 
1 160 SER n 
1 161 GLY n 
1 162 ASN n 
1 163 THR n 
1 164 VAL n 
1 165 ILE n 
1 166 ALA n 
1 167 ALA n 
1 168 THR n 
1 169 HIS n 
1 170 GLY n 
1 171 GLU n 
1 172 PRO n 
1 173 THR n 
1 174 LEU n 
1 175 GLU n 
1 176 ALA n 
# 
_entity_src_gen.entity_id                          1 
_entity_src_gen.pdbx_src_id                        1 
_entity_src_gen.pdbx_alt_source_flag               sample 
_entity_src_gen.pdbx_seq_type                      'Biological sequence' 
_entity_src_gen.pdbx_beg_seq_num                   1 
_entity_src_gen.pdbx_end_seq_num                   176 
_entity_src_gen.gene_src_common_name               ? 
_entity_src_gen.gene_src_genus                     ? 
_entity_src_gen.pdbx_gene_src_gene                 ? 
_entity_src_gen.gene_src_species                   ? 
_entity_src_gen.gene_src_strain                    ? 
_entity_src_gen.gene_src_tissue                    ? 
_entity_src_gen.gene_src_tissue_fraction           ? 
_entity_src_gen.gene_src_details                   ? 
_entity_src_gen.pdbx_gene_src_fragment             ? 
_entity_src_gen.pdbx_gene_src_scientific_name      'Murine norovirus 1' 
_entity_src_gen.pdbx_gene_src_ncbi_taxonomy_id     223997 
_entity_src_gen.pdbx_gene_src_variant              ? 
_entity_src_gen.pdbx_gene_src_cell_line            ? 
_entity_src_gen.pdbx_gene_src_atcc                 ? 
_entity_src_gen.pdbx_gene_src_organ                ? 
_entity_src_gen.pdbx_gene_src_organelle            ? 
_entity_src_gen.pdbx_gene_src_cell                 ? 
_entity_src_gen.pdbx_gene_src_cellular_location    ? 
_entity_src_gen.host_org_common_name               ? 
_entity_src_gen.pdbx_host_org_scientific_name      'Escherichia coli BL21(DE3)' 
_entity_src_gen.pdbx_host_org_ncbi_taxonomy_id     469008 
_entity_src_gen.host_org_genus                     ? 
_entity_src_gen.pdbx_host_org_gene                 ? 
_entity_src_gen.pdbx_host_org_organ                ? 
_entity_src_gen.host_org_species                   ? 
_entity_src_gen.pdbx_host_org_tissue               ? 
_entity_src_gen.pdbx_host_org_tissue_fraction      ? 
_entity_src_gen.pdbx_host_org_strain               ? 
_entity_src_gen.pdbx_host_org_variant              'pLysS ' 
_entity_src_gen.pdbx_host_org_cell_line            ? 
_entity_src_gen.pdbx_host_org_atcc                 ? 
_entity_src_gen.pdbx_host_org_culture_collection   ? 
_entity_src_gen.pdbx_host_org_cell                 ? 
_entity_src_gen.pdbx_host_org_organelle            ? 
_entity_src_gen.pdbx_host_org_cellular_location    ? 
_entity_src_gen.pdbx_host_org_vector_type          ? 
_entity_src_gen.pdbx_host_org_vector               ? 
_entity_src_gen.host_org_details                   ? 
_entity_src_gen.expression_system_id               ? 
_entity_src_gen.plasmid_name                       ? 
_entity_src_gen.plasmid_details                    ? 
_entity_src_gen.pdbx_description                   ? 
# 
loop_
_chem_comp.id 
_chem_comp.type 
_chem_comp.mon_nstd_flag 
_chem_comp.name 
_chem_comp.pdbx_synonyms 
_chem_comp.formula 
_chem_comp.formula_weight 
ALA 'L-peptide linking' y ALANINE         ? 'C3 H7 N O2'     89.093  
ARG 'L-peptide linking' y ARGININE        ? 'C6 H15 N4 O2 1' 175.209 
ASN 'L-peptide linking' y ASPARAGINE      ? 'C4 H8 N2 O3'    132.118 
ASP 'L-peptide linking' y 'ASPARTIC ACID' ? 'C4 H7 N O4'     133.103 
CYS 'L-peptide linking' y CYSTEINE        ? 'C3 H7 N O2 S'   121.158 
GLN 'L-peptide linking' y GLUTAMINE       ? 'C5 H10 N2 O3'   146.144 
GLU 'L-peptide linking' y 'GLUTAMIC ACID' ? 'C5 H9 N O4'     147.129 
GLY 'peptide linking'   y GLYCINE         ? 'C2 H5 N O2'     75.067  
HIS 'L-peptide linking' y HISTIDINE       ? 'C6 H10 N3 O2 1' 156.162 
HOH non-polymer         . WATER           ? 'H2 O'           18.015  
ILE 'L-peptide linking' y ISOLEUCINE      ? 'C6 H13 N O2'    131.173 
LEU 'L-peptide linking' y LEUCINE         ? 'C6 H13 N O2'    131.173 
LYS 'L-peptide linking' y LYSINE          ? 'C6 H15 N2 O2 1' 147.195 
MET 'L-peptide linking' y METHIONINE      ? 'C5 H11 N O2 S'  149.211 
PHE 'L-peptide linking' y PHENYLALANINE   ? 'C9 H11 N O2'    165.189 
PRO 'L-peptide linking' y PROLINE         ? 'C5 H9 N O2'     115.130 
SER 'L-peptide linking' y SERINE          ? 'C3 H7 N O3'     105.093 
THR 'L-peptide linking' y THREONINE       ? 'C4 H9 N O3'     119.119 
TRP 'L-peptide linking' y TRYPTOPHAN      ? 'C11 H12 N2 O2'  204.225 
TYR 'L-peptide linking' y TYROSINE        ? 'C9 H11 N O3'    181.189 
VAL 'L-peptide linking' y VALINE          ? 'C5 H11 N O2'    117.146 
# 
loop_
_pdbx_poly_seq_scheme.asym_id 
_pdbx_poly_seq_scheme.entity_id 
_pdbx_poly_seq_scheme.seq_id 
_pdbx_poly_seq_scheme.mon_id 
_pdbx_poly_seq_scheme.ndb_seq_num 
_pdbx_poly_seq_scheme.pdb_seq_num 
_pdbx_poly_seq_scheme.auth_seq_num 
_pdbx_poly_seq_scheme.pdb_mon_id 
_pdbx_poly_seq_scheme.auth_mon_id 
_pdbx_poly_seq_scheme.pdb_strand_id 
_pdbx_poly_seq_scheme.pdb_ins_code 
_pdbx_poly_seq_scheme.hetero 
A 1 1   SER 1   4   4   SER SER A . n 
A 1 2   ILE 2   5   5   ILE ILE A . n 
A 1 3   TRP 3   6   6   TRP TRP A . n 
A 1 4   SER 4   7   7   SER SER A . n 
A 1 5   ARG 5   8   8   ARG ARG A . n 
A 1 6   VAL 6   9   9   VAL VAL A . n 
A 1 7   VAL 7   10  10  VAL VAL A . n 
A 1 8   GLN 8   11  11  GLN GLN A . n 
A 1 9   PHE 9   12  12  PHE PHE A . n 
A 1 10  GLY 10  13  13  GLY GLY A . n 
A 1 11  THR 11  14  14  THR THR A . n 
A 1 12  GLY 12  15  15  GLY GLY A . n 
A 1 13  TRP 13  16  16  TRP TRP A . n 
A 1 14  GLY 14  17  17  GLY GLY A . n 
A 1 15  PHE 15  18  18  PHE PHE A . n 
A 1 16  TRP 16  19  19  TRP TRP A . n 
A 1 17  VAL 17  20  20  VAL VAL A . n 
A 1 18  SER 18  21  21  SER SER A . n 
A 1 19  GLY 19  22  22  GLY GLY A . n 
A 1 20  HIS 20  23  23  HIS HIS A . n 
A 1 21  VAL 21  24  24  VAL VAL A . n 
A 1 22  PHE 22  25  25  PHE PHE A . n 
A 1 23  ILE 23  26  26  ILE ILE A . n 
A 1 24  THR 24  27  27  THR THR A . n 
A 1 25  ALA 25  28  28  ALA ALA A . n 
A 1 26  LYS 26  29  29  LYS LYS A . n 
A 1 27  HIS 27  30  30  HIS HIS A . n 
A 1 28  VAL 28  31  31  VAL VAL A . n 
A 1 29  ALA 29  32  32  ALA ALA A . n 
A 1 30  PRO 30  33  33  PRO PRO A . n 
A 1 31  PRO 31  34  34  PRO PRO A . n 
A 1 32  LYS 32  35  35  LYS LYS A . n 
A 1 33  GLY 33  36  36  GLY GLY A . n 
A 1 34  THR 34  37  37  THR THR A . n 
A 1 35  GLU 35  38  38  GLU GLU A . n 
A 1 36  ILE 36  39  39  ILE ILE A . n 
A 1 37  PHE 37  40  40  PHE PHE A . n 
A 1 38  GLY 38  41  41  GLY GLY A . n 
A 1 39  ARG 39  42  42  ARG ARG A . n 
A 1 40  LYS 40  43  43  LYS LYS A . n 
A 1 41  PRO 41  44  44  PRO PRO A . n 
A 1 42  GLY 42  45  45  GLY GLY A . n 
A 1 43  ASP 43  46  46  ASP ASP A . n 
A 1 44  PHE 44  47  47  PHE PHE A . n 
A 1 45  THR 45  48  48  THR THR A . n 
A 1 46  VAL 46  49  49  VAL VAL A . n 
A 1 47  THR 47  50  50  THR THR A . n 
A 1 48  SER 48  51  51  SER SER A . n 
A 1 49  SER 49  52  52  SER SER A . n 
A 1 50  GLY 50  53  53  GLY GLY A . n 
A 1 51  ASP 51  54  54  ASP ASP A . n 
A 1 52  PHE 52  55  55  PHE PHE A . n 
A 1 53  LEU 53  56  56  LEU LEU A . n 
A 1 54  LYS 54  57  57  LYS LYS A . n 
A 1 55  TYR 55  58  58  TYR TYR A . n 
A 1 56  TYR 56  59  59  TYR TYR A . n 
A 1 57  PHE 57  60  60  PHE PHE A . n 
A 1 58  THR 58  61  61  THR THR A . n 
A 1 59  SER 59  62  62  SER SER A . n 
A 1 60  ALA 60  63  63  ALA ALA A . n 
A 1 61  VAL 61  64  64  VAL VAL A . n 
A 1 62  ARG 62  65  65  ARG ARG A . n 
A 1 63  PRO 63  66  66  PRO PRO A . n 
A 1 64  ASP 64  67  67  ASP ASP A . n 
A 1 65  ILE 65  68  68  ILE ILE A . n 
A 1 66  PRO 66  69  69  PRO PRO A . n 
A 1 67  ALA 67  70  70  ALA ALA A . n 
A 1 68  MET 68  71  71  MET MET A . n 
A 1 69  VAL 69  72  72  VAL VAL A . n 
A 1 70  LEU 70  73  73  LEU LEU A . n 
A 1 71  GLU 71  74  74  GLU GLU A . n 
A 1 72  ASN 72  75  75  ASN ASN A . n 
A 1 73  GLY 73  76  76  GLY GLY A . n 
A 1 74  CYS 74  77  77  CYS CYS A . n 
A 1 75  GLN 75  78  78  GLN GLN A . n 
A 1 76  GLU 76  79  79  GLU GLU A . n 
A 1 77  GLY 77  80  80  GLY GLY A . n 
A 1 78  VAL 78  81  81  VAL VAL A . n 
A 1 79  VAL 79  82  82  VAL VAL A . n 
A 1 80  ALA 80  83  83  ALA ALA A . n 
A 1 81  SER 81  84  84  SER SER A . n 
A 1 82  VAL 82  85  85  VAL VAL A . n 
A 1 83  LEU 83  86  86  LEU LEU A . n 
A 1 84  VAL 84  87  87  VAL VAL A . n 
A 1 85  LYS 85  88  88  LYS LYS A . n 
A 1 86  ARG 86  89  89  ARG ARG A . n 
A 1 87  ALA 87  90  90  ALA ALA A . n 
A 1 88  SER 88  91  91  SER SER A . n 
A 1 89  GLY 89  92  92  GLY GLY A . n 
A 1 90  GLU 90  93  93  GLU GLU A . n 
A 1 91  MET 91  94  94  MET MET A . n 
A 1 92  LEU 92  95  95  LEU LEU A . n 
A 1 93  ALA 93  96  96  ALA ALA A . n 
A 1 94  LEU 94  97  97  LEU LEU A . n 
A 1 95  ALA 95  98  98  ALA ALA A . n 
A 1 96  VAL 96  99  99  VAL VAL A . n 
A 1 97  ARG 97  100 100 ARG ARG A . n 
A 1 98  MET 98  101 101 MET MET A . n 
A 1 99  GLY 99  102 102 GLY GLY A . n 
A 1 100 SER 100 103 103 SER SER A . n 
A 1 101 GLN 101 104 104 GLN GLN A . n 
A 1 102 ALA 102 105 105 ALA ALA A . n 
A 1 103 ALA 103 106 106 ALA ALA A . n 
A 1 104 ILE 104 107 107 ILE ILE A . n 
A 1 105 LYS 105 108 108 LYS LYS A . n 
A 1 106 ILE 106 109 109 ILE ILE A . n 
A 1 107 GLY 107 110 110 GLY GLY A . n 
A 1 108 SER 108 111 111 SER SER A . n 
A 1 109 ALA 109 112 112 ALA ALA A . n 
A 1 110 VAL 110 113 113 VAL VAL A . n 
A 1 111 VAL 111 114 114 VAL VAL A . n 
A 1 112 HIS 112 115 115 HIS HIS A . n 
A 1 113 GLY 113 116 116 GLY GLY A . n 
A 1 114 GLN 114 117 117 GLN GLN A . n 
A 1 115 THR 115 118 118 THR THR A . n 
A 1 116 GLY 116 119 119 GLY GLY A . n 
A 1 117 MET 117 120 120 MET MET A . n 
A 1 118 LEU 118 121 121 LEU LEU A . n 
A 1 119 LEU 119 122 122 LEU LEU A . n 
A 1 120 THR 120 123 123 THR THR A . n 
A 1 121 GLY 121 124 124 GLY GLY A . n 
A 1 122 SER 122 125 ?   ?   ?   A . n 
A 1 123 ASN 123 126 ?   ?   ?   A . n 
A 1 124 ALA 124 127 ?   ?   ?   A . n 
A 1 125 LYS 125 128 ?   ?   ?   A . n 
A 1 126 ALA 126 129 ?   ?   ?   A . n 
A 1 127 GLN 127 130 ?   ?   ?   A . n 
A 1 128 ASP 128 131 ?   ?   ?   A . n 
A 1 129 LEU 129 132 ?   ?   ?   A . n 
A 1 130 GLY 130 133 133 GLY GLY A . n 
A 1 131 THR 131 134 134 THR THR A . n 
A 1 132 ILE 132 135 135 ILE ILE A . n 
A 1 133 PRO 133 136 136 PRO PRO A . n 
A 1 134 GLY 134 137 137 GLY GLY A . n 
A 1 135 ASP 135 138 138 ASP ASP A . n 
A 1 136 ALA 136 139 139 ALA ALA A . n 
A 1 137 GLY 137 140 140 GLY GLY A . n 
A 1 138 CYS 138 141 141 CYS CYS A . n 
A 1 139 PRO 139 142 142 PRO PRO A . n 
A 1 140 TYR 140 143 143 TYR TYR A . n 
A 1 141 VAL 141 144 144 VAL VAL A . n 
A 1 142 TYR 142 145 145 TYR TYR A . n 
A 1 143 LYS 143 146 146 LYS LYS A . n 
A 1 144 LYS 144 147 147 LYS LYS A . n 
A 1 145 GLY 145 148 148 GLY GLY A . n 
A 1 146 ASN 146 149 149 ASN ASN A . n 
A 1 147 THR 147 150 150 THR THR A . n 
A 1 148 TRP 148 151 151 TRP TRP A . n 
A 1 149 VAL 149 152 152 VAL VAL A . n 
A 1 150 VAL 150 153 153 VAL VAL A . n 
A 1 151 ILE 151 154 154 ILE ILE A . n 
A 1 152 GLY 152 155 155 GLY GLY A . n 
A 1 153 VAL 153 156 156 VAL VAL A . n 
A 1 154 HIS 154 157 157 HIS HIS A . n 
A 1 155 VAL 155 158 158 VAL VAL A . n 
A 1 156 ALA 156 159 159 ALA ALA A . n 
A 1 157 ALA 157 160 160 ALA ALA A . n 
A 1 158 THR 158 161 161 THR THR A . n 
A 1 159 ARG 159 162 ?   ?   ?   A . n 
A 1 160 SER 160 163 ?   ?   ?   A . n 
A 1 161 GLY 161 164 164 GLY GLY A . n 
A 1 162 ASN 162 165 165 ASN ASN A . n 
A 1 163 THR 163 166 166 THR THR A . n 
A 1 164 VAL 164 167 167 VAL VAL A . n 
A 1 165 ILE 165 168 168 ILE ILE A . n 
A 1 166 ALA 166 169 169 ALA ALA A . n 
A 1 167 ALA 167 170 170 ALA ALA A . n 
A 1 168 THR 168 171 171 THR THR A . n 
A 1 169 HIS 169 172 172 HIS HIS A . n 
A 1 170 GLY 170 173 173 GLY GLY A . n 
A 1 171 GLU 171 174 174 GLU GLU A . n 
A 1 172 PRO 172 175 175 PRO PRO A . n 
A 1 173 THR 173 176 176 THR THR A . n 
A 1 174 LEU 174 177 177 LEU LEU A . n 
A 1 175 GLU 175 178 178 GLU GLU A . n 
A 1 176 ALA 176 179 179 ALA ALA A . n 
# 
loop_
_pdbx_nonpoly_scheme.asym_id 
_pdbx_nonpoly_scheme.entity_id 
_pdbx_nonpoly_scheme.mon_id 
_pdbx_nonpoly_scheme.ndb_seq_num 
_pdbx_nonpoly_scheme.pdb_seq_num 
_pdbx_nonpoly_scheme.auth_seq_num 
_pdbx_nonpoly_scheme.pdb_mon_id 
_pdbx_nonpoly_scheme.auth_mon_id 
_pdbx_nonpoly_scheme.pdb_strand_id 
_pdbx_nonpoly_scheme.pdb_ins_code 
B 2 HOH 1  201 9  HOH HOH A . 
B 2 HOH 2  202 19 HOH HOH A . 
B 2 HOH 3  203 17 HOH HOH A . 
B 2 HOH 4  204 20 HOH HOH A . 
B 2 HOH 5  205 15 HOH HOH A . 
B 2 HOH 6  206 7  HOH HOH A . 
B 2 HOH 7  207 1  HOH HOH A . 
B 2 HOH 8  208 5  HOH HOH A . 
B 2 HOH 9  209 6  HOH HOH A . 
B 2 HOH 10 210 14 HOH HOH A . 
B 2 HOH 11 211 2  HOH HOH A . 
B 2 HOH 12 212 3  HOH HOH A . 
B 2 HOH 13 213 4  HOH HOH A . 
B 2 HOH 14 214 8  HOH HOH A . 
B 2 HOH 15 215 10 HOH HOH A . 
B 2 HOH 16 216 11 HOH HOH A . 
B 2 HOH 17 217 12 HOH HOH A . 
B 2 HOH 18 218 13 HOH HOH A . 
B 2 HOH 19 219 16 HOH HOH A . 
B 2 HOH 20 220 18 HOH HOH A . 
B 2 HOH 21 221 21 HOH HOH A . 
B 2 HOH 22 222 22 HOH HOH A . 
# 
loop_
_software.citation_id 
_software.classification 
_software.compiler_name 
_software.compiler_version 
_software.contact_author 
_software.contact_author_email 
_software.date 
_software.description 
_software.dependencies 
_software.hardware 
_software.language 
_software.location 
_software.mods 
_software.name 
_software.os 
_software.os_version 
_software.type 
_software.version 
_software.pdbx_ordinal 
? refinement        ? ? ? ? ? ? ? ? ? ? ? PHENIX      ? ? ? .    1 
? 'data extraction' ? ? ? ? ? ? ? ? ? ? ? PDB_EXTRACT ? ? ? 3.15 2 
? phasing           ? ? ? ? ? ? ? ? ? ? ? PHASER      ? ? ? .    3 
? 'data reduction'  ? ? ? ? ? ? ? ? ? ? ? MOSFLM      ? ? ? .    4 
? 'data scaling'    ? ? ? ? ? ? ? ? ? ? ? SCALA       ? ? ? .    5 
# 
_cell.length_a           88.190 
_cell.length_b           35.360 
_cell.length_c           52.810 
_cell.angle_alpha        90.000 
_cell.angle_beta         105.980 
_cell.angle_gamma        90.000 
_cell.entry_id           4X2X 
_cell.Z_PDB              4 
_cell.pdbx_unique_axis   ? 
# 
_symmetry.space_group_name_H-M             'C 1 2 1' 
_symmetry.entry_id                         4X2X 
_symmetry.pdbx_full_space_group_name_H-M   ? 
_symmetry.cell_setting                     ? 
_symmetry.Int_Tables_number                5 
# 
_exptl.absorpt_coefficient_mu     ? 
_exptl.absorpt_correction_T_max   ? 
_exptl.absorpt_correction_T_min   ? 
_exptl.absorpt_correction_type    ? 
_exptl.absorpt_process_details    ? 
_exptl.entry_id                   4X2X 
_exptl.crystals_number            1 
_exptl.details                    ? 
_exptl.method                     'X-RAY DIFFRACTION' 
_exptl.method_details             ? 
# 
_exptl_crystal.colour                      ? 
_exptl_crystal.density_diffrn              ? 
_exptl_crystal.density_Matthews            2.15 
_exptl_crystal.density_method              ? 
_exptl_crystal.density_percent_sol         42.70 
_exptl_crystal.description                 ? 
_exptl_crystal.F_000                       ? 
_exptl_crystal.id                          1 
_exptl_crystal.preparation                 ? 
_exptl_crystal.size_max                    ? 
_exptl_crystal.size_mid                    ? 
_exptl_crystal.size_min                    ? 
_exptl_crystal.size_rad                    ? 
_exptl_crystal.colour_lustre               ? 
_exptl_crystal.colour_modifier             ? 
_exptl_crystal.colour_primary              ? 
_exptl_crystal.density_meas                ? 
_exptl_crystal.density_meas_esd            ? 
_exptl_crystal.density_meas_gt             ? 
_exptl_crystal.density_meas_lt             ? 
_exptl_crystal.density_meas_temp           ? 
_exptl_crystal.density_meas_temp_esd       ? 
_exptl_crystal.density_meas_temp_gt        ? 
_exptl_crystal.density_meas_temp_lt        ? 
_exptl_crystal.pdbx_crystal_image_url      ? 
_exptl_crystal.pdbx_crystal_image_format   ? 
_exptl_crystal.pdbx_mosaicity              ? 
_exptl_crystal.pdbx_mosaicity_esd          ? 
# 
_exptl_crystal_grow.apparatus       ? 
_exptl_crystal_grow.atmosphere      ? 
_exptl_crystal_grow.crystal_id      1 
_exptl_crystal_grow.details         ? 
_exptl_crystal_grow.method          'VAPOR DIFFUSION, SITTING DROP' 
_exptl_crystal_grow.method_ref      ? 
_exptl_crystal_grow.pH              ? 
_exptl_crystal_grow.pressure        ? 
_exptl_crystal_grow.pressure_esd    ? 
_exptl_crystal_grow.seeding         ? 
_exptl_crystal_grow.seeding_ref     ? 
_exptl_crystal_grow.temp            291.15 
_exptl_crystal_grow.temp_details    ? 
_exptl_crystal_grow.temp_esd        ? 
_exptl_crystal_grow.time            ? 
_exptl_crystal_grow.pdbx_details    '0.2 M KSCN, 0.1 M Bis-Tris propane pH 6.5-7.5, 20% w/v PEG 3350, cryo 30% (v/v) PEG 3350' 
_exptl_crystal_grow.pdbx_pH_range   '6.5 - 7.5' 
# 
_diffrn.ambient_environment    ? 
_diffrn.ambient_temp           100 
_diffrn.ambient_temp_details   ? 
_diffrn.ambient_temp_esd       ? 
_diffrn.crystal_id             1 
_diffrn.crystal_support        ? 
_diffrn.crystal_treatment      ? 
_diffrn.details                ? 
_diffrn.id                     1 
_diffrn.ambient_pressure       ? 
_diffrn.ambient_pressure_esd   ? 
_diffrn.ambient_pressure_gt    ? 
_diffrn.ambient_pressure_lt    ? 
_diffrn.ambient_temp_gt        ? 
_diffrn.ambient_temp_lt        ? 
# 
_diffrn_detector.details                      ? 
_diffrn_detector.detector                     CCD 
_diffrn_detector.diffrn_id                    1 
_diffrn_detector.type                         'RIGAKU SATURN 944+' 
_diffrn_detector.area_resol_mean              ? 
_diffrn_detector.dtime                        ? 
_diffrn_detector.pdbx_frames_total            ? 
_diffrn_detector.pdbx_collection_time_total   ? 
_diffrn_detector.pdbx_collection_date         2013-04-22 
# 
_diffrn_radiation.collimation                      ? 
_diffrn_radiation.diffrn_id                        1 
_diffrn_radiation.filter_edge                      ? 
_diffrn_radiation.inhomogeneity                    ? 
_diffrn_radiation.monochromator                    ? 
_diffrn_radiation.polarisn_norm                    ? 
_diffrn_radiation.polarisn_ratio                   ? 
_diffrn_radiation.probe                            ? 
_diffrn_radiation.type                             ? 
_diffrn_radiation.xray_symbol                      ? 
_diffrn_radiation.wavelength_id                    1 
_diffrn_radiation.pdbx_monochromatic_or_laue_m_l   M 
_diffrn_radiation.pdbx_wavelength_list             ? 
_diffrn_radiation.pdbx_wavelength                  ? 
_diffrn_radiation.pdbx_diffrn_protocol             'SINGLE WAVELENGTH' 
_diffrn_radiation.pdbx_analyzer                    ? 
_diffrn_radiation.pdbx_scattering_type             x-ray 
# 
_diffrn_radiation_wavelength.id           1 
_diffrn_radiation_wavelength.wavelength   1.54 
_diffrn_radiation_wavelength.wt           1.0 
# 
_diffrn_source.current                     ? 
_diffrn_source.details                     ? 
_diffrn_source.diffrn_id                   1 
_diffrn_source.power                       ? 
_diffrn_source.size                        ? 
_diffrn_source.source                      'ROTATING ANODE' 
_diffrn_source.target                      ? 
_diffrn_source.type                        'RIGAKU MICROMAX-007 HF' 
_diffrn_source.voltage                     ? 
_diffrn_source.take-off_angle              ? 
_diffrn_source.pdbx_wavelength_list        1.54 
_diffrn_source.pdbx_wavelength             ? 
_diffrn_source.pdbx_synchrotron_beamline   ? 
_diffrn_source.pdbx_synchrotron_site       ? 
# 
_reflns.B_iso_Wilson_estimate            ? 
_reflns.entry_id                         4X2X 
_reflns.data_reduction_details           ? 
_reflns.data_reduction_method            ? 
_reflns.d_resolution_high                2.472 
_reflns.d_resolution_low                 38.11 
_reflns.details                          ? 
_reflns.limit_h_max                      ? 
_reflns.limit_h_min                      ? 
_reflns.limit_k_max                      ? 
_reflns.limit_k_min                      ? 
_reflns.limit_l_max                      ? 
_reflns.limit_l_min                      ? 
_reflns.number_all                       ? 
_reflns.number_obs                       5711 
_reflns.observed_criterion               ? 
_reflns.observed_criterion_F_max         ? 
_reflns.observed_criterion_F_min         ? 
_reflns.observed_criterion_I_max         ? 
_reflns.observed_criterion_I_min         ? 
_reflns.observed_criterion_sigma_F       ? 
_reflns.observed_criterion_sigma_I       ? 
_reflns.percent_possible_obs             99.03 
_reflns.R_free_details                   ? 
_reflns.Rmerge_F_all                     ? 
_reflns.Rmerge_F_obs                     ? 
_reflns.Friedel_coverage                 ? 
_reflns.number_gt                        ? 
_reflns.threshold_expression             ? 
_reflns.pdbx_redundancy                  3.0 
_reflns.pdbx_Rmerge_I_obs                0.034 
_reflns.pdbx_Rmerge_I_all                ? 
_reflns.pdbx_Rsym_value                  ? 
_reflns.pdbx_netI_over_av_sigmaI         ? 
_reflns.pdbx_netI_over_sigmaI            19.63 
_reflns.pdbx_res_netI_over_av_sigmaI_2   ? 
_reflns.pdbx_res_netI_over_sigmaI_2      ? 
_reflns.pdbx_chi_squared                 ? 
_reflns.pdbx_scaling_rejects             ? 
_reflns.pdbx_d_res_high_opt              ? 
_reflns.pdbx_d_res_low_opt               ? 
_reflns.pdbx_d_res_opt_method            ? 
_reflns.phase_calculation_details        ? 
_reflns.pdbx_Rrim_I_all                  ? 
_reflns.pdbx_Rpim_I_all                  ? 
_reflns.pdbx_d_opt                       ? 
_reflns.pdbx_number_measured_all         ? 
_reflns.pdbx_diffrn_id                   1 
_reflns.pdbx_ordinal                     1 
_reflns.pdbx_CC_half                     ? 
_reflns.pdbx_R_split                     ? 
# 
_reflns_shell.d_res_high                  2.472 
_reflns_shell.d_res_low                   38.11 
_reflns_shell.meanI_over_sigI_all         ? 
_reflns_shell.meanI_over_sigI_obs         6.94 
_reflns_shell.number_measured_all         ? 
_reflns_shell.number_measured_obs         ? 
_reflns_shell.number_possible             ? 
_reflns_shell.number_unique_all           ? 
_reflns_shell.number_unique_obs           ? 
_reflns_shell.percent_possible_all        92.44 
_reflns_shell.percent_possible_obs        ? 
_reflns_shell.Rmerge_F_all                ? 
_reflns_shell.Rmerge_F_obs                ? 
_reflns_shell.Rmerge_I_all                ? 
_reflns_shell.Rmerge_I_obs                0.106 
_reflns_shell.meanI_over_sigI_gt          ? 
_reflns_shell.meanI_over_uI_all           ? 
_reflns_shell.meanI_over_uI_gt            ? 
_reflns_shell.number_measured_gt          ? 
_reflns_shell.number_unique_gt            ? 
_reflns_shell.percent_possible_gt         ? 
_reflns_shell.Rmerge_F_gt                 ? 
_reflns_shell.Rmerge_I_gt                 ? 
_reflns_shell.pdbx_redundancy             2.3 
_reflns_shell.pdbx_Rsym_value             ? 
_reflns_shell.pdbx_chi_squared            ? 
_reflns_shell.pdbx_netI_over_sigmaI_all   ? 
_reflns_shell.pdbx_netI_over_sigmaI_obs   ? 
_reflns_shell.pdbx_Rrim_I_all             ? 
_reflns_shell.pdbx_Rpim_I_all             ? 
_reflns_shell.pdbx_rejects                ? 
_reflns_shell.pdbx_ordinal                1 
_reflns_shell.pdbx_diffrn_id              1 
_reflns_shell.pdbx_CC_half                ? 
_reflns_shell.pdbx_R_split                ? 
# 
_refine.entry_id                                 4X2X 
_refine.pdbx_refine_id                           'X-RAY DIFFRACTION' 
_refine.ls_d_res_high                            2.4720 
_refine.ls_d_res_low                             38.1080 
_refine.pdbx_ls_sigma_F                          1.340 
_refine.pdbx_data_cutoff_high_absF               ? 
_refine.pdbx_data_cutoff_low_absF                ? 
_refine.ls_percent_reflns_obs                    98.9400 
_refine.ls_number_reflns_obs                     5705 
_refine.ls_number_reflns_all                     ? 
_refine.pdbx_ls_cross_valid_method               'FREE R-VALUE' 
_refine.ls_matrix_type                           ? 
_refine.pdbx_R_Free_selection_details            'Random selection' 
_refine.details                                  ? 
_refine.ls_R_factor_all                          ? 
_refine.ls_R_factor_obs                          0.2108 
_refine.ls_R_factor_R_work                       0.2085 
_refine.ls_wR_factor_R_work                      ? 
_refine.ls_R_factor_R_free                       0.2524 
_refine.ls_wR_factor_R_free                      ? 
_refine.ls_percent_reflns_R_free                 5.0100 
_refine.ls_number_reflns_R_free                  286 
_refine.ls_number_reflns_R_work                  5419 
_refine.ls_R_factor_R_free_error                 ? 
_refine.B_iso_mean                               22.8200 
_refine.solvent_model_param_bsol                 ? 
_refine.solvent_model_param_ksol                 ? 
_refine.pdbx_isotropic_thermal_model             ? 
_refine.aniso_B[1][1]                            ? 
_refine.aniso_B[2][2]                            ? 
_refine.aniso_B[3][3]                            ? 
_refine.aniso_B[1][2]                            ? 
_refine.aniso_B[1][3]                            ? 
_refine.aniso_B[2][3]                            ? 
_refine.correlation_coeff_Fo_to_Fc               ? 
_refine.correlation_coeff_Fo_to_Fc_free          ? 
_refine.overall_SU_R_Cruickshank_DPI             ? 
_refine.pdbx_overall_SU_R_free_Cruickshank_DPI   ? 
_refine.pdbx_overall_SU_R_Blow_DPI               ? 
_refine.pdbx_overall_SU_R_free_Blow_DPI          ? 
_refine.overall_SU_R_free                        ? 
_refine.pdbx_overall_ESU_R                       ? 
_refine.pdbx_overall_ESU_R_Free                  ? 
_refine.overall_SU_ML                            0.2900 
_refine.overall_SU_B                             ? 
_refine.solvent_model_details                    'FLAT BULK SOLVENT MODEL' 
_refine.pdbx_solvent_vdw_probe_radii             1.1100 
_refine.pdbx_solvent_ion_probe_radii             ? 
_refine.pdbx_solvent_shrinkage_radii             0.9000 
_refine.ls_number_parameters                     ? 
_refine.ls_number_restraints                     ? 
_refine.pdbx_starting_model                      4ASH 
_refine.pdbx_method_to_determine_struct          'MOLECULAR REPLACEMENT' 
_refine.pdbx_stereochemistry_target_values       MLHL 
_refine.pdbx_stereochem_target_val_spec_case     ? 
_refine.overall_FOM_work_R_set                   0.7988 
_refine.B_iso_max                                64.510 
_refine.B_iso_min                                4.990 
_refine.pdbx_overall_phase_error                 26.5500 
_refine.occupancy_max                            ? 
_refine.occupancy_min                            ? 
_refine.pdbx_diffrn_id                           1 
_refine.pdbx_TLS_residual_ADP_flag               ? 
_refine.pdbx_ls_sigma_I                          ? 
_refine.pdbx_data_cutoff_high_rms_absF           ? 
_refine.ls_R_factor_R_free_error_details         ? 
# 
_refine_hist.cycle_id                         final 
_refine_hist.pdbx_refine_id                   'X-RAY DIFFRACTION' 
_refine_hist.d_res_high                       2.4720 
_refine_hist.d_res_low                        38.1080 
_refine_hist.pdbx_number_atoms_ligand         0 
_refine_hist.number_atoms_solvent             22 
_refine_hist.number_atoms_total               1244 
_refine_hist.pdbx_number_residues_total       166 
_refine_hist.pdbx_B_iso_mean_solvent          28.27 
_refine_hist.pdbx_number_atoms_protein        1222 
_refine_hist.pdbx_number_atoms_nucleic_acid   0 
# 
loop_
_refine_ls_restr.pdbx_refine_id 
_refine_ls_restr.type 
_refine_ls_restr.number 
_refine_ls_restr.dev_ideal 
_refine_ls_restr.dev_ideal_target 
_refine_ls_restr.weight 
_refine_ls_restr.pdbx_restraint_function 
'X-RAY DIFFRACTION' f_bond_d           1251 0.009  ? ? ? 
'X-RAY DIFFRACTION' f_angle_d          1700 1.083  ? ? ? 
'X-RAY DIFFRACTION' f_chiral_restr     195  0.070  ? ? ? 
'X-RAY DIFFRACTION' f_plane_restr      213  0.005  ? ? ? 
'X-RAY DIFFRACTION' f_dihedral_angle_d 425  13.774 ? ? ? 
# 
loop_
_refine_ls_shell.d_res_high 
_refine_ls_shell.d_res_low 
_refine_ls_shell.pdbx_total_number_of_bins_used 
_refine_ls_shell.percent_reflns_obs 
_refine_ls_shell.number_reflns_R_work 
_refine_ls_shell.R_factor_all 
_refine_ls_shell.R_factor_R_work 
_refine_ls_shell.R_factor_R_free 
_refine_ls_shell.percent_reflns_R_free 
_refine_ls_shell.number_reflns_R_free 
_refine_ls_shell.R_factor_R_free_error 
_refine_ls_shell.number_reflns_all 
_refine_ls_shell.number_reflns_obs 
_refine_ls_shell.pdbx_refine_id 
_refine_ls_shell.R_factor_obs 
2.4723 3.1147  2 98.0000  2652 . 0.2429 0.3166 . 139 . 2791 . 'X-RAY DIFFRACTION' . 
3.1147 38.1121 2 100.0000 2767 . 0.1926 0.2238 . 147 . 2914 . 'X-RAY DIFFRACTION' . 
# 
_struct.entry_id                     4X2X 
_struct.title                        
;Crystal structure of the Murine Norovirus NS6 protease (inactive C139A mutant) with a C-terminal extension to include residues P1 prime - P4 prime of NS7
;
_struct.pdbx_model_details           ? 
_struct.pdbx_formula_weight          ? 
_struct.pdbx_formula_weight_method   ? 
_struct.pdbx_model_type_details      ? 
_struct.pdbx_CASP_flag               ? 
# 
_struct_keywords.entry_id        4X2X 
_struct_keywords.text            'Murine norovirus Protease, VIRAL PROTEIN' 
_struct_keywords.pdbx_keywords   'VIRAL PROTEIN' 
# 
loop_
_struct_asym.id 
_struct_asym.pdbx_blank_PDB_chainid_flag 
_struct_asym.pdbx_modified 
_struct_asym.entity_id 
_struct_asym.details 
A N N 1 ? 
B N N 2 ? 
# 
_struct_ref.id                         1 
_struct_ref.db_name                    UNP 
_struct_ref.db_code                    Q80J95_9CALI 
_struct_ref.pdbx_db_accession          Q80J95 
_struct_ref.pdbx_db_isoform            ? 
_struct_ref.entity_id                  1 
_struct_ref.pdbx_seq_one_letter_code   
;SIWSRVVQFGTGWGFWVSGHVFITAKHVAPPKGTEIFGRKPGDFTVTSSGDFLKYYFTSAVRPDIPAMVLENGCQEGVVA
SVLVKRASGEMLALAVRMGSQAAIKIGSAVVHGQTGMLLTGSNAKAQDLGTIPGDCGCPYVYKKGNTWVVIGVHVAATRS
GNTVIAATHGEPTLEA
;
_struct_ref.pdbx_align_begin           998 
# 
_struct_ref_seq.align_id                      1 
_struct_ref_seq.ref_id                        1 
_struct_ref_seq.pdbx_PDB_id_code              4X2X 
_struct_ref_seq.pdbx_strand_id                A 
_struct_ref_seq.seq_align_beg                 1 
_struct_ref_seq.pdbx_seq_align_beg_ins_code   ? 
_struct_ref_seq.seq_align_end                 176 
_struct_ref_seq.pdbx_seq_align_end_ins_code   ? 
_struct_ref_seq.pdbx_db_accession             Q80J95 
_struct_ref_seq.db_align_beg                  998 
_struct_ref_seq.pdbx_db_align_beg_ins_code    ? 
_struct_ref_seq.db_align_end                  1173 
_struct_ref_seq.pdbx_db_align_end_ins_code    ? 
_struct_ref_seq.pdbx_auth_seq_align_beg       4 
_struct_ref_seq.pdbx_auth_seq_align_end       179 
# 
_struct_ref_seq_dif.align_id                     1 
_struct_ref_seq_dif.pdbx_pdb_id_code             4X2X 
_struct_ref_seq_dif.mon_id                       ALA 
_struct_ref_seq_dif.pdbx_pdb_strand_id           A 
_struct_ref_seq_dif.seq_num                      136 
_struct_ref_seq_dif.pdbx_pdb_ins_code            ? 
_struct_ref_seq_dif.pdbx_seq_db_name             UNP 
_struct_ref_seq_dif.pdbx_seq_db_accession_code   Q80J95 
_struct_ref_seq_dif.db_mon_id                    CYS 
_struct_ref_seq_dif.pdbx_seq_db_seq_num          1133 
_struct_ref_seq_dif.details                      'engineered mutation' 
_struct_ref_seq_dif.pdbx_auth_seq_num            139 
_struct_ref_seq_dif.pdbx_ordinal                 1 
# 
_pdbx_struct_assembly.id                   1 
_pdbx_struct_assembly.details              author_and_software_defined_assembly 
_pdbx_struct_assembly.method_details       PISA 
_pdbx_struct_assembly.oligomeric_details   monomeric 
_pdbx_struct_assembly.oligomeric_count     1 
# 
loop_
_pdbx_struct_assembly_prop.biol_id 
_pdbx_struct_assembly_prop.type 
_pdbx_struct_assembly_prop.value 
_pdbx_struct_assembly_prop.details 
1 'ABSA (A^2)' 0    ? 
1 MORE         0    ? 
1 'SSA (A^2)'  8630 ? 
# 
_pdbx_struct_assembly_gen.assembly_id       1 
_pdbx_struct_assembly_gen.oper_expression   1 
_pdbx_struct_assembly_gen.asym_id_list      A,B 
# 
_pdbx_struct_oper_list.id                   1 
_pdbx_struct_oper_list.type                 'identity operation' 
_pdbx_struct_oper_list.name                 1_555 
_pdbx_struct_oper_list.symmetry_operation   x,y,z 
_pdbx_struct_oper_list.matrix[1][1]         1.0000000000 
_pdbx_struct_oper_list.matrix[1][2]         0.0000000000 
_pdbx_struct_oper_list.matrix[1][3]         0.0000000000 
_pdbx_struct_oper_list.vector[1]            0.0000000000 
_pdbx_struct_oper_list.matrix[2][1]         0.0000000000 
_pdbx_struct_oper_list.matrix[2][2]         1.0000000000 
_pdbx_struct_oper_list.matrix[2][3]         0.0000000000 
_pdbx_struct_oper_list.vector[2]            0.0000000000 
_pdbx_struct_oper_list.matrix[3][1]         0.0000000000 
_pdbx_struct_oper_list.matrix[3][2]         0.0000000000 
_pdbx_struct_oper_list.matrix[3][3]         1.0000000000 
_pdbx_struct_oper_list.vector[3]            0.0000000000 
# 
loop_
_struct_conf.conf_type_id 
_struct_conf.id 
_struct_conf.pdbx_PDB_helix_id 
_struct_conf.beg_label_comp_id 
_struct_conf.beg_label_asym_id 
_struct_conf.beg_label_seq_id 
_struct_conf.pdbx_beg_PDB_ins_code 
_struct_conf.end_label_comp_id 
_struct_conf.end_label_asym_id 
_struct_conf.end_label_seq_id 
_struct_conf.pdbx_end_PDB_ins_code 
_struct_conf.beg_auth_comp_id 
_struct_conf.beg_auth_asym_id 
_struct_conf.beg_auth_seq_id 
_struct_conf.end_auth_comp_id 
_struct_conf.end_auth_asym_id 
_struct_conf.end_auth_seq_id 
_struct_conf.pdbx_PDB_helix_class 
_struct_conf.details 
_struct_conf.pdbx_PDB_helix_length 
HELX_P HELX_P1 AA1 SER A 1   ? SER A 4   ? SER A 4   SER A 7   5 ? 4 
HELX_P HELX_P2 AA2 HIS A 27  ? ALA A 29  ? HIS A 30  ALA A 32  5 ? 3 
HELX_P HELX_P3 AA3 ILE A 132 ? ALA A 136 ? ILE A 135 ALA A 139 5 ? 5 
# 
_struct_conf_type.id          HELX_P 
_struct_conf_type.criteria    ? 
_struct_conf_type.reference   ? 
# 
loop_
_struct_sheet.id 
_struct_sheet.type 
_struct_sheet.number_strands 
_struct_sheet.details 
AA1 ? 5 ? 
AA2 ? 8 ? 
# 
loop_
_struct_sheet_order.sheet_id 
_struct_sheet_order.range_id_1 
_struct_sheet_order.range_id_2 
_struct_sheet_order.offset 
_struct_sheet_order.sense 
AA1 1 2 ? anti-parallel 
AA1 2 3 ? anti-parallel 
AA1 3 4 ? anti-parallel 
AA1 4 5 ? anti-parallel 
AA2 1 2 ? parallel      
AA2 2 3 ? anti-parallel 
AA2 3 4 ? anti-parallel 
AA2 4 5 ? anti-parallel 
AA2 5 6 ? anti-parallel 
AA2 6 7 ? anti-parallel 
AA2 7 8 ? anti-parallel 
# 
loop_
_struct_sheet_range.sheet_id 
_struct_sheet_range.id 
_struct_sheet_range.beg_label_comp_id 
_struct_sheet_range.beg_label_asym_id 
_struct_sheet_range.beg_label_seq_id 
_struct_sheet_range.pdbx_beg_PDB_ins_code 
_struct_sheet_range.end_label_comp_id 
_struct_sheet_range.end_label_asym_id 
_struct_sheet_range.end_label_seq_id 
_struct_sheet_range.pdbx_end_PDB_ins_code 
_struct_sheet_range.beg_auth_comp_id 
_struct_sheet_range.beg_auth_asym_id 
_struct_sheet_range.beg_auth_seq_id 
_struct_sheet_range.end_auth_comp_id 
_struct_sheet_range.end_auth_asym_id 
_struct_sheet_range.end_auth_seq_id 
AA1 1 VAL A 6   ? PHE A 9   ? VAL A 9   PHE A 12  
AA1 2 GLY A 12  ? TRP A 16  ? GLY A 15  TRP A 19  
AA1 3 VAL A 21  ? ALA A 25  ? VAL A 24  ALA A 28  
AA1 4 PHE A 52  ? PHE A 57  ? PHE A 55  PHE A 60  
AA1 5 PHE A 44  ? SER A 49  ? PHE A 47  SER A 52  
AA2 1 VAL A 69  ? LEU A 70  ? VAL A 72  LEU A 73  
AA2 2 THR A 147 ? ALA A 157 ? THR A 150 ALA A 160 
AA2 3 THR A 163 ? ALA A 167 ? THR A 166 ALA A 170 
AA2 4 ALA A 109 ? LEU A 118 ? ALA A 112 LEU A 121 
AA2 5 MET A 91  ? ILE A 106 ? MET A 94  ILE A 109 
AA2 6 VAL A 79  ? LYS A 85  ? VAL A 82  LYS A 88  
AA2 7 PRO A 139 ? LYS A 144 ? PRO A 142 LYS A 147 
AA2 8 THR A 147 ? ALA A 157 ? THR A 150 ALA A 160 
# 
loop_
_pdbx_struct_sheet_hbond.sheet_id 
_pdbx_struct_sheet_hbond.range_id_1 
_pdbx_struct_sheet_hbond.range_id_2 
_pdbx_struct_sheet_hbond.range_1_label_atom_id 
_pdbx_struct_sheet_hbond.range_1_label_comp_id 
_pdbx_struct_sheet_hbond.range_1_label_asym_id 
_pdbx_struct_sheet_hbond.range_1_label_seq_id 
_pdbx_struct_sheet_hbond.range_1_PDB_ins_code 
_pdbx_struct_sheet_hbond.range_1_auth_atom_id 
_pdbx_struct_sheet_hbond.range_1_auth_comp_id 
_pdbx_struct_sheet_hbond.range_1_auth_asym_id 
_pdbx_struct_sheet_hbond.range_1_auth_seq_id 
_pdbx_struct_sheet_hbond.range_2_label_atom_id 
_pdbx_struct_sheet_hbond.range_2_label_comp_id 
_pdbx_struct_sheet_hbond.range_2_label_asym_id 
_pdbx_struct_sheet_hbond.range_2_label_seq_id 
_pdbx_struct_sheet_hbond.range_2_PDB_ins_code 
_pdbx_struct_sheet_hbond.range_2_auth_atom_id 
_pdbx_struct_sheet_hbond.range_2_auth_comp_id 
_pdbx_struct_sheet_hbond.range_2_auth_asym_id 
_pdbx_struct_sheet_hbond.range_2_auth_seq_id 
AA1 1 2 N PHE A 9   ? N PHE A 12  O GLY A 12  ? O GLY A 15  
AA1 2 3 N PHE A 15  ? N PHE A 18  O ILE A 23  ? O ILE A 26  
AA1 3 4 N PHE A 22  ? N PHE A 25  O TYR A 55  ? O TYR A 58  
AA1 4 5 O LYS A 54  ? O LYS A 57  N THR A 47  ? N THR A 50  
AA2 1 2 N VAL A 69  ? N VAL A 72  O VAL A 150 ? O VAL A 153 
AA2 2 3 N ALA A 156 ? N ALA A 159 O ILE A 165 ? O ILE A 168 
AA2 3 4 O VAL A 164 ? O VAL A 167 N GLY A 116 ? N GLY A 119 
AA2 4 5 O THR A 115 ? O THR A 118 N GLY A 99  ? N GLY A 102 
AA2 5 6 O LEU A 92  ? O LEU A 95  N VAL A 84  ? N VAL A 87  
AA2 6 7 N SER A 81  ? N SER A 84  O VAL A 141 ? O VAL A 144 
AA2 7 8 N LYS A 144 ? N LYS A 147 O THR A 147 ? O THR A 150 
# 
loop_
_pdbx_validate_close_contact.id 
_pdbx_validate_close_contact.PDB_model_num 
_pdbx_validate_close_contact.auth_atom_id_1 
_pdbx_validate_close_contact.auth_asym_id_1 
_pdbx_validate_close_contact.auth_comp_id_1 
_pdbx_validate_close_contact.auth_seq_id_1 
_pdbx_validate_close_contact.PDB_ins_code_1 
_pdbx_validate_close_contact.label_alt_id_1 
_pdbx_validate_close_contact.auth_atom_id_2 
_pdbx_validate_close_contact.auth_asym_id_2 
_pdbx_validate_close_contact.auth_comp_id_2 
_pdbx_validate_close_contact.auth_seq_id_2 
_pdbx_validate_close_contact.PDB_ins_code_2 
_pdbx_validate_close_contact.label_alt_id_2 
_pdbx_validate_close_contact.dist 
1 1 NZ A LYS 29  ? ? O A HOH 201 ? ? 2.12 
2 1 N  A GLY 137 ? ? O A HOH 222 ? ? 2.13 
3 1 O  A HOH 218 ? ? O A HOH 219 ? ? 2.16 
# 
_pdbx_validate_torsion.id              1 
_pdbx_validate_torsion.PDB_model_num   1 
_pdbx_validate_torsion.auth_comp_id    ASN 
_pdbx_validate_torsion.auth_asym_id    A 
_pdbx_validate_torsion.auth_seq_id     165 
_pdbx_validate_torsion.PDB_ins_code    ? 
_pdbx_validate_torsion.label_alt_id    ? 
_pdbx_validate_torsion.phi             79.09 
_pdbx_validate_torsion.psi             -23.59 
# 
loop_
_pdbx_unobs_or_zero_occ_residues.id 
_pdbx_unobs_or_zero_occ_residues.PDB_model_num 
_pdbx_unobs_or_zero_occ_residues.polymer_flag 
_pdbx_unobs_or_zero_occ_residues.occupancy_flag 
_pdbx_unobs_or_zero_occ_residues.auth_asym_id 
_pdbx_unobs_or_zero_occ_residues.auth_comp_id 
_pdbx_unobs_or_zero_occ_residues.auth_seq_id 
_pdbx_unobs_or_zero_occ_residues.PDB_ins_code 
_pdbx_unobs_or_zero_occ_residues.label_asym_id 
_pdbx_unobs_or_zero_occ_residues.label_comp_id 
_pdbx_unobs_or_zero_occ_residues.label_seq_id 
1  1 Y 1 A SER 125 ? A SER 122 
2  1 Y 1 A ASN 126 ? A ASN 123 
3  1 Y 1 A ALA 127 ? A ALA 124 
4  1 Y 1 A LYS 128 ? A LYS 125 
5  1 Y 1 A ALA 129 ? A ALA 126 
6  1 Y 1 A GLN 130 ? A GLN 127 
7  1 Y 1 A ASP 131 ? A ASP 128 
8  1 Y 1 A LEU 132 ? A LEU 129 
9  1 Y 1 A ARG 162 ? A ARG 159 
10 1 Y 1 A SER 163 ? A SER 160 
# 
loop_
_chem_comp_atom.comp_id 
_chem_comp_atom.atom_id 
_chem_comp_atom.type_symbol 
_chem_comp_atom.pdbx_aromatic_flag 
_chem_comp_atom.pdbx_stereo_config 
_chem_comp_atom.pdbx_ordinal 
ALA N    N N N 1   
ALA CA   C N S 2   
ALA C    C N N 3   
ALA O    O N N 4   
ALA CB   C N N 5   
ALA OXT  O N N 6   
ALA H    H N N 7   
ALA H2   H N N 8   
ALA HA   H N N 9   
ALA HB1  H N N 10  
ALA HB2  H N N 11  
ALA HB3  H N N 12  
ALA HXT  H N N 13  
ARG N    N N N 14  
ARG CA   C N S 15  
ARG C    C N N 16  
ARG O    O N N 17  
ARG CB   C N N 18  
ARG CG   C N N 19  
ARG CD   C N N 20  
ARG NE   N N N 21  
ARG CZ   C N N 22  
ARG NH1  N N N 23  
ARG NH2  N N N 24  
ARG OXT  O N N 25  
ARG H    H N N 26  
ARG H2   H N N 27  
ARG HA   H N N 28  
ARG HB2  H N N 29  
ARG HB3  H N N 30  
ARG HG2  H N N 31  
ARG HG3  H N N 32  
ARG HD2  H N N 33  
ARG HD3  H N N 34  
ARG HE   H N N 35  
ARG HH11 H N N 36  
ARG HH12 H N N 37  
ARG HH21 H N N 38  
ARG HH22 H N N 39  
ARG HXT  H N N 40  
ASN N    N N N 41  
ASN CA   C N S 42  
ASN C    C N N 43  
ASN O    O N N 44  
ASN CB   C N N 45  
ASN CG   C N N 46  
ASN OD1  O N N 47  
ASN ND2  N N N 48  
ASN OXT  O N N 49  
ASN H    H N N 50  
ASN H2   H N N 51  
ASN HA   H N N 52  
ASN HB2  H N N 53  
ASN HB3  H N N 54  
ASN HD21 H N N 55  
ASN HD22 H N N 56  
ASN HXT  H N N 57  
ASP N    N N N 58  
ASP CA   C N S 59  
ASP C    C N N 60  
ASP O    O N N 61  
ASP CB   C N N 62  
ASP CG   C N N 63  
ASP OD1  O N N 64  
ASP OD2  O N N 65  
ASP OXT  O N N 66  
ASP H    H N N 67  
ASP H2   H N N 68  
ASP HA   H N N 69  
ASP HB2  H N N 70  
ASP HB3  H N N 71  
ASP HD2  H N N 72  
ASP HXT  H N N 73  
CYS N    N N N 74  
CYS CA   C N R 75  
CYS C    C N N 76  
CYS O    O N N 77  
CYS CB   C N N 78  
CYS SG   S N N 79  
CYS OXT  O N N 80  
CYS H    H N N 81  
CYS H2   H N N 82  
CYS HA   H N N 83  
CYS HB2  H N N 84  
CYS HB3  H N N 85  
CYS HG   H N N 86  
CYS HXT  H N N 87  
GLN N    N N N 88  
GLN CA   C N S 89  
GLN C    C N N 90  
GLN O    O N N 91  
GLN CB   C N N 92  
GLN CG   C N N 93  
GLN CD   C N N 94  
GLN OE1  O N N 95  
GLN NE2  N N N 96  
GLN OXT  O N N 97  
GLN H    H N N 98  
GLN H2   H N N 99  
GLN HA   H N N 100 
GLN HB2  H N N 101 
GLN HB3  H N N 102 
GLN HG2  H N N 103 
GLN HG3  H N N 104 
GLN HE21 H N N 105 
GLN HE22 H N N 106 
GLN HXT  H N N 107 
GLU N    N N N 108 
GLU CA   C N S 109 
GLU C    C N N 110 
GLU O    O N N 111 
GLU CB   C N N 112 
GLU CG   C N N 113 
GLU CD   C N N 114 
GLU OE1  O N N 115 
GLU OE2  O N N 116 
GLU OXT  O N N 117 
GLU H    H N N 118 
GLU H2   H N N 119 
GLU HA   H N N 120 
GLU HB2  H N N 121 
GLU HB3  H N N 122 
GLU HG2  H N N 123 
GLU HG3  H N N 124 
GLU HE2  H N N 125 
GLU HXT  H N N 126 
GLY N    N N N 127 
GLY CA   C N N 128 
GLY C    C N N 129 
GLY O    O N N 130 
GLY OXT  O N N 131 
GLY H    H N N 132 
GLY H2   H N N 133 
GLY HA2  H N N 134 
GLY HA3  H N N 135 
GLY HXT  H N N 136 
HIS N    N N N 137 
HIS CA   C N S 138 
HIS C    C N N 139 
HIS O    O N N 140 
HIS CB   C N N 141 
HIS CG   C Y N 142 
HIS ND1  N Y N 143 
HIS CD2  C Y N 144 
HIS CE1  C Y N 145 
HIS NE2  N Y N 146 
HIS OXT  O N N 147 
HIS H    H N N 148 
HIS H2   H N N 149 
HIS HA   H N N 150 
HIS HB2  H N N 151 
HIS HB3  H N N 152 
HIS HD1  H N N 153 
HIS HD2  H N N 154 
HIS HE1  H N N 155 
HIS HE2  H N N 156 
HIS HXT  H N N 157 
HOH O    O N N 158 
HOH H1   H N N 159 
HOH H2   H N N 160 
ILE N    N N N 161 
ILE CA   C N S 162 
ILE C    C N N 163 
ILE O    O N N 164 
ILE CB   C N S 165 
ILE CG1  C N N 166 
ILE CG2  C N N 167 
ILE CD1  C N N 168 
ILE OXT  O N N 169 
ILE H    H N N 170 
ILE H2   H N N 171 
ILE HA   H N N 172 
ILE HB   H N N 173 
ILE HG12 H N N 174 
ILE HG13 H N N 175 
ILE HG21 H N N 176 
ILE HG22 H N N 177 
ILE HG23 H N N 178 
ILE HD11 H N N 179 
ILE HD12 H N N 180 
ILE HD13 H N N 181 
ILE HXT  H N N 182 
LEU N    N N N 183 
LEU CA   C N S 184 
LEU C    C N N 185 
LEU O    O N N 186 
LEU CB   C N N 187 
LEU CG   C N N 188 
LEU CD1  C N N 189 
LEU CD2  C N N 190 
LEU OXT  O N N 191 
LEU H    H N N 192 
LEU H2   H N N 193 
LEU HA   H N N 194 
LEU HB2  H N N 195 
LEU HB3  H N N 196 
LEU HG   H N N 197 
LEU HD11 H N N 198 
LEU HD12 H N N 199 
LEU HD13 H N N 200 
LEU HD21 H N N 201 
LEU HD22 H N N 202 
LEU HD23 H N N 203 
LEU HXT  H N N 204 
LYS N    N N N 205 
LYS CA   C N S 206 
LYS C    C N N 207 
LYS O    O N N 208 
LYS CB   C N N 209 
LYS CG   C N N 210 
LYS CD   C N N 211 
LYS CE   C N N 212 
LYS NZ   N N N 213 
LYS OXT  O N N 214 
LYS H    H N N 215 
LYS H2   H N N 216 
LYS HA   H N N 217 
LYS HB2  H N N 218 
LYS HB3  H N N 219 
LYS HG2  H N N 220 
LYS HG3  H N N 221 
LYS HD2  H N N 222 
LYS HD3  H N N 223 
LYS HE2  H N N 224 
LYS HE3  H N N 225 
LYS HZ1  H N N 226 
LYS HZ2  H N N 227 
LYS HZ3  H N N 228 
LYS HXT  H N N 229 
MET N    N N N 230 
MET CA   C N S 231 
MET C    C N N 232 
MET O    O N N 233 
MET CB   C N N 234 
MET CG   C N N 235 
MET SD   S N N 236 
MET CE   C N N 237 
MET OXT  O N N 238 
MET H    H N N 239 
MET H2   H N N 240 
MET HA   H N N 241 
MET HB2  H N N 242 
MET HB3  H N N 243 
MET HG2  H N N 244 
MET HG3  H N N 245 
MET HE1  H N N 246 
MET HE2  H N N 247 
MET HE3  H N N 248 
MET HXT  H N N 249 
PHE N    N N N 250 
PHE CA   C N S 251 
PHE C    C N N 252 
PHE O    O N N 253 
PHE CB   C N N 254 
PHE CG   C Y N 255 
PHE CD1  C Y N 256 
PHE CD2  C Y N 257 
PHE CE1  C Y N 258 
PHE CE2  C Y N 259 
PHE CZ   C Y N 260 
PHE OXT  O N N 261 
PHE H    H N N 262 
PHE H2   H N N 263 
PHE HA   H N N 264 
PHE HB2  H N N 265 
PHE HB3  H N N 266 
PHE HD1  H N N 267 
PHE HD2  H N N 268 
PHE HE1  H N N 269 
PHE HE2  H N N 270 
PHE HZ   H N N 271 
PHE HXT  H N N 272 
PRO N    N N N 273 
PRO CA   C N S 274 
PRO C    C N N 275 
PRO O    O N N 276 
PRO CB   C N N 277 
PRO CG   C N N 278 
PRO CD   C N N 279 
PRO OXT  O N N 280 
PRO H    H N N 281 
PRO HA   H N N 282 
PRO HB2  H N N 283 
PRO HB3  H N N 284 
PRO HG2  H N N 285 
PRO HG3  H N N 286 
PRO HD2  H N N 287 
PRO HD3  H N N 288 
PRO HXT  H N N 289 
SER N    N N N 290 
SER CA   C N S 291 
SER C    C N N 292 
SER O    O N N 293 
SER CB   C N N 294 
SER OG   O N N 295 
SER OXT  O N N 296 
SER H    H N N 297 
SER H2   H N N 298 
SER HA   H N N 299 
SER HB2  H N N 300 
SER HB3  H N N 301 
SER HG   H N N 302 
SER HXT  H N N 303 
THR N    N N N 304 
THR CA   C N S 305 
THR C    C N N 306 
THR O    O N N 307 
THR CB   C N R 308 
THR OG1  O N N 309 
THR CG2  C N N 310 
THR OXT  O N N 311 
THR H    H N N 312 
THR H2   H N N 313 
THR HA   H N N 314 
THR HB   H N N 315 
THR HG1  H N N 316 
THR HG21 H N N 317 
THR HG22 H N N 318 
THR HG23 H N N 319 
THR HXT  H N N 320 
TRP N    N N N 321 
TRP CA   C N S 322 
TRP C    C N N 323 
TRP O    O N N 324 
TRP CB   C N N 325 
TRP CG   C Y N 326 
TRP CD1  C Y N 327 
TRP CD2  C Y N 328 
TRP NE1  N Y N 329 
TRP CE2  C Y N 330 
TRP CE3  C Y N 331 
TRP CZ2  C Y N 332 
TRP CZ3  C Y N 333 
TRP CH2  C Y N 334 
TRP OXT  O N N 335 
TRP H    H N N 336 
TRP H2   H N N 337 
TRP HA   H N N 338 
TRP HB2  H N N 339 
TRP HB3  H N N 340 
TRP HD1  H N N 341 
TRP HE1  H N N 342 
TRP HE3  H N N 343 
TRP HZ2  H N N 344 
TRP HZ3  H N N 345 
TRP HH2  H N N 346 
TRP HXT  H N N 347 
TYR N    N N N 348 
TYR CA   C N S 349 
TYR C    C N N 350 
TYR O    O N N 351 
TYR CB   C N N 352 
TYR CG   C Y N 353 
TYR CD1  C Y N 354 
TYR CD2  C Y N 355 
TYR CE1  C Y N 356 
TYR CE2  C Y N 357 
TYR CZ   C Y N 358 
TYR OH   O N N 359 
TYR OXT  O N N 360 
TYR H    H N N 361 
TYR H2   H N N 362 
TYR HA   H N N 363 
TYR HB2  H N N 364 
TYR HB3  H N N 365 
TYR HD1  H N N 366 
TYR HD2  H N N 367 
TYR HE1  H N N 368 
TYR HE2  H N N 369 
TYR HH   H N N 370 
TYR HXT  H N N 371 
VAL N    N N N 372 
VAL CA   C N S 373 
VAL C    C N N 374 
VAL O    O N N 375 
VAL CB   C N N 376 
VAL CG1  C N N 377 
VAL CG2  C N N 378 
VAL OXT  O N N 379 
VAL H    H N N 380 
VAL H2   H N N 381 
VAL HA   H N N 382 
VAL HB   H N N 383 
VAL HG11 H N N 384 
VAL HG12 H N N 385 
VAL HG13 H N N 386 
VAL HG21 H N N 387 
VAL HG22 H N N 388 
VAL HG23 H N N 389 
VAL HXT  H N N 390 
# 
loop_
_chem_comp_bond.comp_id 
_chem_comp_bond.atom_id_1 
_chem_comp_bond.atom_id_2 
_chem_comp_bond.value_order 
_chem_comp_bond.pdbx_aromatic_flag 
_chem_comp_bond.pdbx_stereo_config 
_chem_comp_bond.pdbx_ordinal 
ALA N   CA   sing N N 1   
ALA N   H    sing N N 2   
ALA N   H2   sing N N 3   
ALA CA  C    sing N N 4   
ALA CA  CB   sing N N 5   
ALA CA  HA   sing N N 6   
ALA C   O    doub N N 7   
ALA C   OXT  sing N N 8   
ALA CB  HB1  sing N N 9   
ALA CB  HB2  sing N N 10  
ALA CB  HB3  sing N N 11  
ALA OXT HXT  sing N N 12  
ARG N   CA   sing N N 13  
ARG N   H    sing N N 14  
ARG N   H2   sing N N 15  
ARG CA  C    sing N N 16  
ARG CA  CB   sing N N 17  
ARG CA  HA   sing N N 18  
ARG C   O    doub N N 19  
ARG C   OXT  sing N N 20  
ARG CB  CG   sing N N 21  
ARG CB  HB2  sing N N 22  
ARG CB  HB3  sing N N 23  
ARG CG  CD   sing N N 24  
ARG CG  HG2  sing N N 25  
ARG CG  HG3  sing N N 26  
ARG CD  NE   sing N N 27  
ARG CD  HD2  sing N N 28  
ARG CD  HD3  sing N N 29  
ARG NE  CZ   sing N N 30  
ARG NE  HE   sing N N 31  
ARG CZ  NH1  sing N N 32  
ARG CZ  NH2  doub N N 33  
ARG NH1 HH11 sing N N 34  
ARG NH1 HH12 sing N N 35  
ARG NH2 HH21 sing N N 36  
ARG NH2 HH22 sing N N 37  
ARG OXT HXT  sing N N 38  
ASN N   CA   sing N N 39  
ASN N   H    sing N N 40  
ASN N   H2   sing N N 41  
ASN CA  C    sing N N 42  
ASN CA  CB   sing N N 43  
ASN CA  HA   sing N N 44  
ASN C   O    doub N N 45  
ASN C   OXT  sing N N 46  
ASN CB  CG   sing N N 47  
ASN CB  HB2  sing N N 48  
ASN CB  HB3  sing N N 49  
ASN CG  OD1  doub N N 50  
ASN CG  ND2  sing N N 51  
ASN ND2 HD21 sing N N 52  
ASN ND2 HD22 sing N N 53  
ASN OXT HXT  sing N N 54  
ASP N   CA   sing N N 55  
ASP N   H    sing N N 56  
ASP N   H2   sing N N 57  
ASP CA  C    sing N N 58  
ASP CA  CB   sing N N 59  
ASP CA  HA   sing N N 60  
ASP C   O    doub N N 61  
ASP C   OXT  sing N N 62  
ASP CB  CG   sing N N 63  
ASP CB  HB2  sing N N 64  
ASP CB  HB3  sing N N 65  
ASP CG  OD1  doub N N 66  
ASP CG  OD2  sing N N 67  
ASP OD2 HD2  sing N N 68  
ASP OXT HXT  sing N N 69  
CYS N   CA   sing N N 70  
CYS N   H    sing N N 71  
CYS N   H2   sing N N 72  
CYS CA  C    sing N N 73  
CYS CA  CB   sing N N 74  
CYS CA  HA   sing N N 75  
CYS C   O    doub N N 76  
CYS C   OXT  sing N N 77  
CYS CB  SG   sing N N 78  
CYS CB  HB2  sing N N 79  
CYS CB  HB3  sing N N 80  
CYS SG  HG   sing N N 81  
CYS OXT HXT  sing N N 82  
GLN N   CA   sing N N 83  
GLN N   H    sing N N 84  
GLN N   H2   sing N N 85  
GLN CA  C    sing N N 86  
GLN CA  CB   sing N N 87  
GLN CA  HA   sing N N 88  
GLN C   O    doub N N 89  
GLN C   OXT  sing N N 90  
GLN CB  CG   sing N N 91  
GLN CB  HB2  sing N N 92  
GLN CB  HB3  sing N N 93  
GLN CG  CD   sing N N 94  
GLN CG  HG2  sing N N 95  
GLN CG  HG3  sing N N 96  
GLN CD  OE1  doub N N 97  
GLN CD  NE2  sing N N 98  
GLN NE2 HE21 sing N N 99  
GLN NE2 HE22 sing N N 100 
GLN OXT HXT  sing N N 101 
GLU N   CA   sing N N 102 
GLU N   H    sing N N 103 
GLU N   H2   sing N N 104 
GLU CA  C    sing N N 105 
GLU CA  CB   sing N N 106 
GLU CA  HA   sing N N 107 
GLU C   O    doub N N 108 
GLU C   OXT  sing N N 109 
GLU CB  CG   sing N N 110 
GLU CB  HB2  sing N N 111 
GLU CB  HB3  sing N N 112 
GLU CG  CD   sing N N 113 
GLU CG  HG2  sing N N 114 
GLU CG  HG3  sing N N 115 
GLU CD  OE1  doub N N 116 
GLU CD  OE2  sing N N 117 
GLU OE2 HE2  sing N N 118 
GLU OXT HXT  sing N N 119 
GLY N   CA   sing N N 120 
GLY N   H    sing N N 121 
GLY N   H2   sing N N 122 
GLY CA  C    sing N N 123 
GLY CA  HA2  sing N N 124 
GLY CA  HA3  sing N N 125 
GLY C   O    doub N N 126 
GLY C   OXT  sing N N 127 
GLY OXT HXT  sing N N 128 
HIS N   CA   sing N N 129 
HIS N   H    sing N N 130 
HIS N   H2   sing N N 131 
HIS CA  C    sing N N 132 
HIS CA  CB   sing N N 133 
HIS CA  HA   sing N N 134 
HIS C   O    doub N N 135 
HIS C   OXT  sing N N 136 
HIS CB  CG   sing N N 137 
HIS CB  HB2  sing N N 138 
HIS CB  HB3  sing N N 139 
HIS CG  ND1  sing Y N 140 
HIS CG  CD2  doub Y N 141 
HIS ND1 CE1  doub Y N 142 
HIS ND1 HD1  sing N N 143 
HIS CD2 NE2  sing Y N 144 
HIS CD2 HD2  sing N N 145 
HIS CE1 NE2  sing Y N 146 
HIS CE1 HE1  sing N N 147 
HIS NE2 HE2  sing N N 148 
HIS OXT HXT  sing N N 149 
HOH O   H1   sing N N 150 
HOH O   H2   sing N N 151 
ILE N   CA   sing N N 152 
ILE N   H    sing N N 153 
ILE N   H2   sing N N 154 
ILE CA  C    sing N N 155 
ILE CA  CB   sing N N 156 
ILE CA  HA   sing N N 157 
ILE C   O    doub N N 158 
ILE C   OXT  sing N N 159 
ILE CB  CG1  sing N N 160 
ILE CB  CG2  sing N N 161 
ILE CB  HB   sing N N 162 
ILE CG1 CD1  sing N N 163 
ILE CG1 HG12 sing N N 164 
ILE CG1 HG13 sing N N 165 
ILE CG2 HG21 sing N N 166 
ILE CG2 HG22 sing N N 167 
ILE CG2 HG23 sing N N 168 
ILE CD1 HD11 sing N N 169 
ILE CD1 HD12 sing N N 170 
ILE CD1 HD13 sing N N 171 
ILE OXT HXT  sing N N 172 
LEU N   CA   sing N N 173 
LEU N   H    sing N N 174 
LEU N   H2   sing N N 175 
LEU CA  C    sing N N 176 
LEU CA  CB   sing N N 177 
LEU CA  HA   sing N N 178 
LEU C   O    doub N N 179 
LEU C   OXT  sing N N 180 
LEU CB  CG   sing N N 181 
LEU CB  HB2  sing N N 182 
LEU CB  HB3  sing N N 183 
LEU CG  CD1  sing N N 184 
LEU CG  CD2  sing N N 185 
LEU CG  HG   sing N N 186 
LEU CD1 HD11 sing N N 187 
LEU CD1 HD12 sing N N 188 
LEU CD1 HD13 sing N N 189 
LEU CD2 HD21 sing N N 190 
LEU CD2 HD22 sing N N 191 
LEU CD2 HD23 sing N N 192 
LEU OXT HXT  sing N N 193 
LYS N   CA   sing N N 194 
LYS N   H    sing N N 195 
LYS N   H2   sing N N 196 
LYS CA  C    sing N N 197 
LYS CA  CB   sing N N 198 
LYS CA  HA   sing N N 199 
LYS C   O    doub N N 200 
LYS C   OXT  sing N N 201 
LYS CB  CG   sing N N 202 
LYS CB  HB2  sing N N 203 
LYS CB  HB3  sing N N 204 
LYS CG  CD   sing N N 205 
LYS CG  HG2  sing N N 206 
LYS CG  HG3  sing N N 207 
LYS CD  CE   sing N N 208 
LYS CD  HD2  sing N N 209 
LYS CD  HD3  sing N N 210 
LYS CE  NZ   sing N N 211 
LYS CE  HE2  sing N N 212 
LYS CE  HE3  sing N N 213 
LYS NZ  HZ1  sing N N 214 
LYS NZ  HZ2  sing N N 215 
LYS NZ  HZ3  sing N N 216 
LYS OXT HXT  sing N N 217 
MET N   CA   sing N N 218 
MET N   H    sing N N 219 
MET N   H2   sing N N 220 
MET CA  C    sing N N 221 
MET CA  CB   sing N N 222 
MET CA  HA   sing N N 223 
MET C   O    doub N N 224 
MET C   OXT  sing N N 225 
MET CB  CG   sing N N 226 
MET CB  HB2  sing N N 227 
MET CB  HB3  sing N N 228 
MET CG  SD   sing N N 229 
MET CG  HG2  sing N N 230 
MET CG  HG3  sing N N 231 
MET SD  CE   sing N N 232 
MET CE  HE1  sing N N 233 
MET CE  HE2  sing N N 234 
MET CE  HE3  sing N N 235 
MET OXT HXT  sing N N 236 
PHE N   CA   sing N N 237 
PHE N   H    sing N N 238 
PHE N   H2   sing N N 239 
PHE CA  C    sing N N 240 
PHE CA  CB   sing N N 241 
PHE CA  HA   sing N N 242 
PHE C   O    doub N N 243 
PHE C   OXT  sing N N 244 
PHE CB  CG   sing N N 245 
PHE CB  HB2  sing N N 246 
PHE CB  HB3  sing N N 247 
PHE CG  CD1  doub Y N 248 
PHE CG  CD2  sing Y N 249 
PHE CD1 CE1  sing Y N 250 
PHE CD1 HD1  sing N N 251 
PHE CD2 CE2  doub Y N 252 
PHE CD2 HD2  sing N N 253 
PHE CE1 CZ   doub Y N 254 
PHE CE1 HE1  sing N N 255 
PHE CE2 CZ   sing Y N 256 
PHE CE2 HE2  sing N N 257 
PHE CZ  HZ   sing N N 258 
PHE OXT HXT  sing N N 259 
PRO N   CA   sing N N 260 
PRO N   CD   sing N N 261 
PRO N   H    sing N N 262 
PRO CA  C    sing N N 263 
PRO CA  CB   sing N N 264 
PRO CA  HA   sing N N 265 
PRO C   O    doub N N 266 
PRO C   OXT  sing N N 267 
PRO CB  CG   sing N N 268 
PRO CB  HB2  sing N N 269 
PRO CB  HB3  sing N N 270 
PRO CG  CD   sing N N 271 
PRO CG  HG2  sing N N 272 
PRO CG  HG3  sing N N 273 
PRO CD  HD2  sing N N 274 
PRO CD  HD3  sing N N 275 
PRO OXT HXT  sing N N 276 
SER N   CA   sing N N 277 
SER N   H    sing N N 278 
SER N   H2   sing N N 279 
SER CA  C    sing N N 280 
SER CA  CB   sing N N 281 
SER CA  HA   sing N N 282 
SER C   O    doub N N 283 
SER C   OXT  sing N N 284 
SER CB  OG   sing N N 285 
SER CB  HB2  sing N N 286 
SER CB  HB3  sing N N 287 
SER OG  HG   sing N N 288 
SER OXT HXT  sing N N 289 
THR N   CA   sing N N 290 
THR N   H    sing N N 291 
THR N   H2   sing N N 292 
THR CA  C    sing N N 293 
THR CA  CB   sing N N 294 
THR CA  HA   sing N N 295 
THR C   O    doub N N 296 
THR C   OXT  sing N N 297 
THR CB  OG1  sing N N 298 
THR CB  CG2  sing N N 299 
THR CB  HB   sing N N 300 
THR OG1 HG1  sing N N 301 
THR CG2 HG21 sing N N 302 
THR CG2 HG22 sing N N 303 
THR CG2 HG23 sing N N 304 
THR OXT HXT  sing N N 305 
TRP N   CA   sing N N 306 
TRP N   H    sing N N 307 
TRP N   H2   sing N N 308 
TRP CA  C    sing N N 309 
TRP CA  CB   sing N N 310 
TRP CA  HA   sing N N 311 
TRP C   O    doub N N 312 
TRP C   OXT  sing N N 313 
TRP CB  CG   sing N N 314 
TRP CB  HB2  sing N N 315 
TRP CB  HB3  sing N N 316 
TRP CG  CD1  doub Y N 317 
TRP CG  CD2  sing Y N 318 
TRP CD1 NE1  sing Y N 319 
TRP CD1 HD1  sing N N 320 
TRP CD2 CE2  doub Y N 321 
TRP CD2 CE3  sing Y N 322 
TRP NE1 CE2  sing Y N 323 
TRP NE1 HE1  sing N N 324 
TRP CE2 CZ2  sing Y N 325 
TRP CE3 CZ3  doub Y N 326 
TRP CE3 HE3  sing N N 327 
TRP CZ2 CH2  doub Y N 328 
TRP CZ2 HZ2  sing N N 329 
TRP CZ3 CH2  sing Y N 330 
TRP CZ3 HZ3  sing N N 331 
TRP CH2 HH2  sing N N 332 
TRP OXT HXT  sing N N 333 
TYR N   CA   sing N N 334 
TYR N   H    sing N N 335 
TYR N   H2   sing N N 336 
TYR CA  C    sing N N 337 
TYR CA  CB   sing N N 338 
TYR CA  HA   sing N N 339 
TYR C   O    doub N N 340 
TYR C   OXT  sing N N 341 
TYR CB  CG   sing N N 342 
TYR CB  HB2  sing N N 343 
TYR CB  HB3  sing N N 344 
TYR CG  CD1  doub Y N 345 
TYR CG  CD2  sing Y N 346 
TYR CD1 CE1  sing Y N 347 
TYR CD1 HD1  sing N N 348 
TYR CD2 CE2  doub Y N 349 
TYR CD2 HD2  sing N N 350 
TYR CE1 CZ   doub Y N 351 
TYR CE1 HE1  sing N N 352 
TYR CE2 CZ   sing Y N 353 
TYR CE2 HE2  sing N N 354 
TYR CZ  OH   sing N N 355 
TYR OH  HH   sing N N 356 
TYR OXT HXT  sing N N 357 
VAL N   CA   sing N N 358 
VAL N   H    sing N N 359 
VAL N   H2   sing N N 360 
VAL CA  C    sing N N 361 
VAL CA  CB   sing N N 362 
VAL CA  HA   sing N N 363 
VAL C   O    doub N N 364 
VAL C   OXT  sing N N 365 
VAL CB  CG1  sing N N 366 
VAL CB  CG2  sing N N 367 
VAL CB  HB   sing N N 368 
VAL CG1 HG11 sing N N 369 
VAL CG1 HG12 sing N N 370 
VAL CG1 HG13 sing N N 371 
VAL CG2 HG21 sing N N 372 
VAL CG2 HG22 sing N N 373 
VAL CG2 HG23 sing N N 374 
VAL OXT HXT  sing N N 375 
# 
_pdbx_initial_refinement_model.id               1 
_pdbx_initial_refinement_model.entity_id_list   ? 
_pdbx_initial_refinement_model.type             'experimental model' 
_pdbx_initial_refinement_model.source_name      PDB 
_pdbx_initial_refinement_model.accession_code   4ASH 
_pdbx_initial_refinement_model.details          ? 
# 
_atom_sites.entry_id                    4X2X 
_atom_sites.fract_transf_matrix[1][1]   -0.00480984 
_atom_sites.fract_transf_matrix[1][2]   0.00475692 
_atom_sites.fract_transf_matrix[1][3]   0.00966194 
_atom_sites.fract_transf_matrix[2][1]   -0.00356447 
_atom_sites.fract_transf_matrix[2][2]   -0.02583289 
_atom_sites.fract_transf_matrix[2][3]   0.01094401 
_atom_sites.fract_transf_matrix[3][1]   0.01491313 
_atom_sites.fract_transf_matrix[3][2]   0.00322005 
_atom_sites.fract_transf_matrix[3][3]   0.01245800 
_atom_sites.fract_transf_vector[1]      1.142281 
_atom_sites.fract_transf_vector[2]      -0.238025 
_atom_sites.fract_transf_vector[3]      1.250619 
# 
loop_
_atom_type.symbol 
C 
N 
O 
S 
# 
loop_
_atom_site.group_PDB 
_atom_site.id 
_atom_site.type_symbol 
_atom_site.label_atom_id 
_atom_site.label_alt_id 
_atom_site.label_comp_id 
_atom_site.label_asym_id 
_atom_site.label_entity_id 
_atom_site.label_seq_id 
_atom_site.pdbx_PDB_ins_code 
_atom_site.Cartn_x 
_atom_site.Cartn_y 
_atom_site.Cartn_z 
_atom_site.occupancy 
_atom_site.B_iso_or_equiv 
_atom_site.pdbx_formal_charge 
_atom_site.auth_seq_id 
_atom_site.auth_comp_id 
_atom_site.auth_asym_id 
_atom_site.auth_atom_id 
_atom_site.pdbx_PDB_model_num 
ATOM   1    N N   . SER A 1 1   ? -5.357  -14.397 -6.560  1.00 22.61 ? 4   SER A N   1 
ATOM   2    C CA  . SER A 1 1   ? -6.674  -13.882 -6.175  1.00 26.25 ? 4   SER A CA  1 
ATOM   3    C C   . SER A 1 1   ? -6.595  -12.561 -5.406  1.00 23.32 ? 4   SER A C   1 
ATOM   4    O O   . SER A 1 1   ? -7.263  -11.591 -5.774  1.00 23.30 ? 4   SER A O   1 
ATOM   5    C CB  . SER A 1 1   ? -7.463  -14.909 -5.368  1.00 28.78 ? 4   SER A CB  1 
ATOM   6    O OG  . SER A 1 1   ? -8.454  -14.257 -4.579  1.00 35.86 ? 4   SER A OG  1 
ATOM   7    N N   . ILE A 1 2   ? -5.792  -12.525 -4.338  1.00 22.94 ? 5   ILE A N   1 
ATOM   8    C CA  . ILE A 1 2   ? -5.459  -11.261 -3.664  1.00 19.51 ? 5   ILE A CA  1 
ATOM   9    C C   . ILE A 1 2   ? -4.753  -10.328 -4.657  1.00 19.07 ? 5   ILE A C   1 
ATOM   10   O O   . ILE A 1 2   ? -4.837  -9.100  -4.541  1.00 17.55 ? 5   ILE A O   1 
ATOM   11   C CB  . ILE A 1 2   ? -4.571  -11.488 -2.407  1.00 21.47 ? 5   ILE A CB  1 
ATOM   12   C CG1 . ILE A 1 2   ? -4.353  -10.193 -1.629  1.00 19.10 ? 5   ILE A CG1 1 
ATOM   13   C CG2 . ILE A 1 2   ? -3.218  -12.071 -2.791  1.00 23.29 ? 5   ILE A CG2 1 
ATOM   14   C CD1 . ILE A 1 2   ? -3.623  -10.393 -0.322  1.00 22.09 ? 5   ILE A CD1 1 
ATOM   15   N N   . TRP A 1 3   ? -4.080  -10.921 -5.645  1.00 15.77 ? 6   TRP A N   1 
ATOM   16   C CA  . TRP A 1 3   ? -3.422  -10.159 -6.697  1.00 15.71 ? 6   TRP A CA  1 
ATOM   17   C C   . TRP A 1 3   ? -4.398  -9.329  -7.538  1.00 15.09 ? 6   TRP A C   1 
ATOM   18   O O   . TRP A 1 3   ? -4.003  -8.320  -8.127  1.00 16.20 ? 6   TRP A O   1 
ATOM   19   C CB  . TRP A 1 3   ? -2.595  -11.081 -7.611  1.00 14.07 ? 6   TRP A CB  1 
ATOM   20   C CG  . TRP A 1 3   ? -1.316  -11.581 -7.001  1.00 17.98 ? 6   TRP A CG  1 
ATOM   21   C CD1 . TRP A 1 3   ? -1.111  -12.800 -6.405  1.00 21.09 ? 6   TRP A CD1 1 
ATOM   22   C CD2 . TRP A 1 3   ? -0.059  -10.880 -6.921  1.00 15.24 ? 6   TRP A CD2 1 
ATOM   23   N NE1 . TRP A 1 3   ? 0.187   -12.892 -5.955  1.00 16.65 ? 6   TRP A NE1 1 
ATOM   24   C CE2 . TRP A 1 3   ? 0.856   -11.731 -6.263  1.00 18.35 ? 6   TRP A CE2 1 
ATOM   25   C CE3 . TRP A 1 3   ? 0.377   -9.616  -7.331  1.00 15.12 ? 6   TRP A CE3 1 
ATOM   26   C CZ2 . TRP A 1 3   ? 2.193   -11.354 -6.015  1.00 16.49 ? 6   TRP A CZ2 1 
ATOM   27   C CZ3 . TRP A 1 3   ? 1.705   -9.244  -7.090  1.00 15.90 ? 6   TRP A CZ3 1 
ATOM   28   C CH2 . TRP A 1 3   ? 2.593   -10.109 -6.438  1.00 15.37 ? 6   TRP A CH2 1 
ATOM   29   N N   . SER A 1 4   ? -5.662  -9.742  -7.614  1.00 14.03 ? 7   SER A N   1 
ATOM   30   C CA  . SER A 1 4   ? -6.647  -8.970  -8.373  1.00 16.25 ? 7   SER A CA  1 
ATOM   31   C C   . SER A 1 4   ? -6.967  -7.638  -7.669  1.00 16.01 ? 7   SER A C   1 
ATOM   32   O O   . SER A 1 4   ? -7.572  -6.730  -8.272  1.00 13.12 ? 7   SER A O   1 
ATOM   33   C CB  . SER A 1 4   ? -7.934  -9.779  -8.605  1.00 16.96 ? 7   SER A CB  1 
ATOM   34   O OG  . SER A 1 4   ? -8.824  -9.697  -7.502  1.00 17.01 ? 7   SER A OG  1 
ATOM   35   N N   . ARG A 1 5   ? -6.560  -7.522  -6.401  1.00 13.83 ? 8   ARG A N   1 
ATOM   36   C CA  . ARG A 1 5   ? -6.757  -6.283  -5.654  1.00 12.57 ? 8   ARG A CA  1 
ATOM   37   C C   . ARG A 1 5   ? -5.694  -5.244  -5.998  1.00 9.11  ? 8   ARG A C   1 
ATOM   38   O O   . ARG A 1 5   ? -5.857  -4.061  -5.716  1.00 8.58  ? 8   ARG A O   1 
ATOM   39   C CB  . ARG A 1 5   ? -6.738  -6.541  -4.157  1.00 11.68 ? 8   ARG A CB  1 
ATOM   40   C CG  . ARG A 1 5   ? -7.746  -7.563  -3.652  1.00 15.81 ? 8   ARG A CG  1 
ATOM   41   C CD  . ARG A 1 5   ? -7.526  -7.780  -2.163  1.00 13.27 ? 8   ARG A CD  1 
ATOM   42   N NE  . ARG A 1 5   ? -8.555  -8.616  -1.564  1.00 14.50 ? 8   ARG A NE  1 
ATOM   43   C CZ  . ARG A 1 5   ? -9.327  -8.252  -0.545  1.00 17.88 ? 8   ARG A CZ  1 
ATOM   44   N NH1 . ARG A 1 5   ? -9.197  -7.053  0.012   1.00 14.55 ? 8   ARG A NH1 1 
ATOM   45   N NH2 . ARG A 1 5   ? -10.228 -9.099  -0.075  1.00 20.69 ? 8   ARG A NH2 1 
ATOM   46   N N   . VAL A 1 6   ? -4.600  -5.691  -6.601  1.00 7.94  ? 9   VAL A N   1 
ATOM   47   C CA  . VAL A 1 6   ? -3.518  -4.786  -6.972  1.00 10.25 ? 9   VAL A CA  1 
ATOM   48   C C   . VAL A 1 6   ? -3.790  -4.317  -8.401  1.00 9.95  ? 9   VAL A C   1 
ATOM   49   O O   . VAL A 1 6   ? -3.858  -5.144  -9.309  1.00 12.48 ? 9   VAL A O   1 
ATOM   50   C CB  . VAL A 1 6   ? -2.132  -5.502  -6.881  1.00 10.52 ? 9   VAL A CB  1 
ATOM   51   C CG1 . VAL A 1 6   ? -0.992  -4.526  -7.091  1.00 9.36  ? 9   VAL A CG1 1 
ATOM   52   C CG2 . VAL A 1 6   ? -1.975  -6.198  -5.529  1.00 9.33  ? 9   VAL A CG2 1 
ATOM   53   N N   . VAL A 1 7   ? -3.960  -3.008  -8.601  1.00 9.56  ? 10  VAL A N   1 
ATOM   54   C CA  . VAL A 1 7   ? -4.270  -2.446  -9.929  1.00 10.31 ? 10  VAL A CA  1 
ATOM   55   C C   . VAL A 1 7   ? -3.434  -1.197  -10.227 1.00 11.10 ? 10  VAL A C   1 
ATOM   56   O O   . VAL A 1 7   ? -2.969  -0.532  -9.293  1.00 12.72 ? 10  VAL A O   1 
ATOM   57   C CB  . VAL A 1 7   ? -5.761  -2.055  -10.047 1.00 12.85 ? 10  VAL A CB  1 
ATOM   58   C CG1 . VAL A 1 7   ? -6.655  -3.247  -9.801  1.00 11.27 ? 10  VAL A CG1 1 
ATOM   59   C CG2 . VAL A 1 7   ? -6.091  -0.935  -9.053  1.00 12.64 ? 10  VAL A CG2 1 
ATOM   60   N N   . GLN A 1 8   ? -3.247  -0.865  -11.509 1.00 12.33 ? 11  GLN A N   1 
ATOM   61   C CA  . GLN A 1 8   ? -2.495  0.347   -11.864 1.00 14.37 ? 11  GLN A CA  1 
ATOM   62   C C   . GLN A 1 8   ? -3.282  1.551   -11.367 1.00 11.78 ? 11  GLN A C   1 
ATOM   63   O O   . GLN A 1 8   ? -4.515  1.525   -11.348 1.00 12.81 ? 11  GLN A O   1 
ATOM   64   C CB  . GLN A 1 8   ? -2.234  0.482   -13.382 1.00 14.29 ? 11  GLN A CB  1 
ATOM   65   C CG  . GLN A 1 8   ? -1.746  -0.792  -14.085 1.00 20.38 ? 11  GLN A CG  1 
ATOM   66   C CD  . GLN A 1 8   ? -0.714  -0.545  -15.190 1.00 22.18 ? 11  GLN A CD  1 
ATOM   67   O OE1 . GLN A 1 8   ? 0.064   0.414   -15.143 1.00 26.42 ? 11  GLN A OE1 1 
ATOM   68   N NE2 . GLN A 1 8   ? -0.687  -1.433  -16.172 1.00 13.26 ? 11  GLN A NE2 1 
ATOM   69   N N   . PHE A 1 9   ? -2.569  2.593   -10.959 1.00 8.71  ? 12  PHE A N   1 
ATOM   70   C CA  . PHE A 1 9   ? -3.206  3.792   -10.461 1.00 9.53  ? 12  PHE A CA  1 
ATOM   71   C C   . PHE A 1 9   ? -2.229  4.952   -10.539 1.00 11.43 ? 12  PHE A C   1 
ATOM   72   O O   . PHE A 1 9   ? -1.140  4.894   -9.940  1.00 11.37 ? 12  PHE A O   1 
ATOM   73   C CB  . PHE A 1 9   ? -3.633  3.578   -9.010  1.00 9.64  ? 12  PHE A CB  1 
ATOM   74   C CG  . PHE A 1 9   ? -4.599  4.608   -8.504  1.00 11.28 ? 12  PHE A CG  1 
ATOM   75   C CD1 . PHE A 1 9   ? -5.887  4.677   -9.028  1.00 8.60  ? 12  PHE A CD1 1 
ATOM   76   C CD2 . PHE A 1 9   ? -4.228  5.494   -7.482  1.00 11.06 ? 12  PHE A CD2 1 
ATOM   77   C CE1 . PHE A 1 9   ? -6.799  5.617   -8.561  1.00 12.19 ? 12  PHE A CE1 1 
ATOM   78   C CE2 . PHE A 1 9   ? -5.131  6.442   -6.997  1.00 12.28 ? 12  PHE A CE2 1 
ATOM   79   C CZ  . PHE A 1 9   ? -6.424  6.504   -7.544  1.00 15.16 ? 12  PHE A CZ  1 
ATOM   80   N N   . GLY A 1 10  ? -2.623  6.018   -11.239 1.00 11.83 ? 13  GLY A N   1 
ATOM   81   C CA  . GLY A 1 10  ? -1.726  7.145   -11.471 1.00 13.35 ? 13  GLY A CA  1 
ATOM   82   C C   . GLY A 1 10  ? -0.399  6.686   -12.071 1.00 13.04 ? 13  GLY A C   1 
ATOM   83   O O   . GLY A 1 10  ? -0.390  5.980   -13.078 1.00 12.05 ? 13  GLY A O   1 
ATOM   84   N N   . THR A 1 11  ? 0.716   7.040   -11.431 1.00 14.33 ? 14  THR A N   1 
ATOM   85   C CA  . THR A 1 11  ? 2.031   6.646   -11.939 1.00 13.86 ? 14  THR A CA  1 
ATOM   86   C C   . THR A 1 11  ? 2.620   5.447   -11.199 1.00 13.16 ? 14  THR A C   1 
ATOM   87   O O   . THR A 1 11  ? 3.833   5.186   -11.276 1.00 15.08 ? 14  THR A O   1 
ATOM   88   C CB  . THR A 1 11  ? 3.018   7.818   -11.884 1.00 13.51 ? 14  THR A CB  1 
ATOM   89   O OG1 . THR A 1 11  ? 3.010   8.367   -10.564 1.00 15.15 ? 14  THR A OG1 1 
ATOM   90   C CG2 . THR A 1 11  ? 2.615   8.906   -12.881 1.00 9.13  ? 14  THR A CG2 1 
ATOM   91   N N   . GLY A 1 12  ? 1.753   4.718   -10.495 1.00 11.82 ? 15  GLY A N   1 
ATOM   92   C CA  . GLY A 1 12  ? 2.164   3.574   -9.693  1.00 11.23 ? 15  GLY A CA  1 
ATOM   93   C C   . GLY A 1 12  ? 1.071   2.523   -9.596  1.00 10.78 ? 15  GLY A C   1 
ATOM   94   O O   . GLY A 1 12  ? 0.465   2.163   -10.606 1.00 9.88  ? 15  GLY A O   1 
ATOM   95   N N   . TRP A 1 13  ? 0.818   2.037   -8.378  1.00 11.66 ? 16  TRP A N   1 
ATOM   96   C CA  . TRP A 1 13  ? -0.211  1.028   -8.131  1.00 9.75  ? 16  TRP A CA  1 
ATOM   97   C C   . TRP A 1 13  ? -1.007  1.369   -6.892  1.00 9.61  ? 16  TRP A C   1 
ATOM   98   O O   . TRP A 1 13  ? -0.607  2.229   -6.112  1.00 6.94  ? 16  TRP A O   1 
ATOM   99   C CB  . TRP A 1 13  ? 0.435   -0.345  -7.954  1.00 9.83  ? 16  TRP A CB  1 
ATOM   100  C CG  . TRP A 1 13  ? 1.271   -0.707  -9.141  1.00 13.25 ? 16  TRP A CG  1 
ATOM   101  C CD1 . TRP A 1 13  ? 2.558   -0.311  -9.388  1.00 12.61 ? 16  TRP A CD1 1 
ATOM   102  C CD2 . TRP A 1 13  ? 0.868   -1.497  -10.273 1.00 12.27 ? 16  TRP A CD2 1 
ATOM   103  N NE1 . TRP A 1 13  ? 2.983   -0.820  -10.594 1.00 16.41 ? 16  TRP A NE1 1 
ATOM   104  C CE2 . TRP A 1 13  ? 1.970   -1.554  -11.156 1.00 14.58 ? 16  TRP A CE2 1 
ATOM   105  C CE3 . TRP A 1 13  ? -0.310  -2.171  -10.617 1.00 12.75 ? 16  TRP A CE3 1 
ATOM   106  C CZ2 . TRP A 1 13  ? 1.930   -2.264  -12.368 1.00 10.76 ? 16  TRP A CZ2 1 
ATOM   107  C CZ3 . TRP A 1 13  ? -0.351  -2.875  -11.825 1.00 11.75 ? 16  TRP A CZ3 1 
ATOM   108  C CH2 . TRP A 1 13  ? 0.762   -2.915  -12.682 1.00 9.68  ? 16  TRP A CH2 1 
ATOM   109  N N   . GLY A 1 14  ? -2.141  0.689   -6.722  1.00 9.60  ? 17  GLY A N   1 
ATOM   110  C CA  . GLY A 1 14  ? -2.932  0.814   -5.515  1.00 7.79  ? 17  GLY A CA  1 
ATOM   111  C C   . GLY A 1 14  ? -3.518  -0.526  -5.132  1.00 7.13  ? 17  GLY A C   1 
ATOM   112  O O   . GLY A 1 14  ? -3.405  -1.489  -5.900  1.00 6.92  ? 17  GLY A O   1 
ATOM   113  N N   . PHE A 1 15  ? -4.158  -0.592  -3.966  1.00 7.75  ? 18  PHE A N   1 
ATOM   114  C CA  . PHE A 1 15  ? -4.632  -1.876  -3.437  1.00 8.47  ? 18  PHE A CA  1 
ATOM   115  C C   . PHE A 1 15  ? -6.017  -1.775  -2.822  1.00 9.47  ? 18  PHE A C   1 
ATOM   116  O O   . PHE A 1 15  ? -6.264  -0.914  -1.967  1.00 9.49  ? 18  PHE A O   1 
ATOM   117  C CB  . PHE A 1 15  ? -3.651  -2.413  -2.394  1.00 7.16  ? 18  PHE A CB  1 
ATOM   118  C CG  . PHE A 1 15  ? -4.031  -3.761  -1.812  1.00 8.78  ? 18  PHE A CG  1 
ATOM   119  C CD1 . PHE A 1 15  ? -3.842  -4.942  -2.537  1.00 11.21 ? 18  PHE A CD1 1 
ATOM   120  C CD2 . PHE A 1 15  ? -4.538  -3.858  -0.522  1.00 9.29  ? 18  PHE A CD2 1 
ATOM   121  C CE1 . PHE A 1 15  ? -4.160  -6.202  -1.982  1.00 10.64 ? 18  PHE A CE1 1 
ATOM   122  C CE2 . PHE A 1 15  ? -4.856  -5.100  0.041   1.00 10.31 ? 18  PHE A CE2 1 
ATOM   123  C CZ  . PHE A 1 15  ? -4.669  -6.272  -0.695  1.00 12.19 ? 18  PHE A CZ  1 
ATOM   124  N N   . TRP A 1 16  ? -6.914  -2.660  -3.251  1.00 9.29  ? 19  TRP A N   1 
ATOM   125  C CA  . TRP A 1 16  ? -8.248  -2.748  -2.668  1.00 10.15 ? 19  TRP A CA  1 
ATOM   126  C C   . TRP A 1 16  ? -8.229  -3.530  -1.359  1.00 9.49  ? 19  TRP A C   1 
ATOM   127  O O   . TRP A 1 16  ? -8.160  -4.762  -1.364  1.00 10.48 ? 19  TRP A O   1 
ATOM   128  C CB  . TRP A 1 16  ? -9.218  -3.412  -3.651  1.00 11.98 ? 19  TRP A CB  1 
ATOM   129  C CG  . TRP A 1 16  ? -9.569  -2.541  -4.826  1.00 11.56 ? 19  TRP A CG  1 
ATOM   130  C CD1 . TRP A 1 16  ? -9.087  -2.644  -6.094  1.00 10.50 ? 19  TRP A CD1 1 
ATOM   131  C CD2 . TRP A 1 16  ? -10.479 -1.429  -4.831  1.00 11.59 ? 19  TRP A CD2 1 
ATOM   132  N NE1 . TRP A 1 16  ? -9.637  -1.662  -6.893  1.00 11.01 ? 19  TRP A NE1 1 
ATOM   133  C CE2 . TRP A 1 16  ? -10.497 -0.905  -6.140  1.00 11.75 ? 19  TRP A CE2 1 
ATOM   134  C CE3 . TRP A 1 16  ? -11.268 -0.817  -3.850  1.00 10.57 ? 19  TRP A CE3 1 
ATOM   135  C CZ2 . TRP A 1 16  ? -11.279 0.204   -6.499  1.00 12.69 ? 19  TRP A CZ2 1 
ATOM   136  C CZ3 . TRP A 1 16  ? -12.045 0.275   -4.203  1.00 11.04 ? 19  TRP A CZ3 1 
ATOM   137  C CH2 . TRP A 1 16  ? -12.045 0.775   -5.516  1.00 13.54 ? 19  TRP A CH2 1 
ATOM   138  N N   . VAL A 1 17  ? -8.284  -2.803  -0.246  1.00 9.09  ? 20  VAL A N   1 
ATOM   139  C CA  . VAL A 1 17  ? -8.413  -3.403  1.081   1.00 11.25 ? 20  VAL A CA  1 
ATOM   140  C C   . VAL A 1 17  ? -9.780  -4.077  1.229   1.00 11.97 ? 20  VAL A C   1 
ATOM   141  O O   . VAL A 1 17  ? -9.892  -5.152  1.820   1.00 12.94 ? 20  VAL A O   1 
ATOM   142  C CB  . VAL A 1 17  ? -8.207  -2.362  2.197   1.00 10.52 ? 20  VAL A CB  1 
ATOM   143  C CG1 . VAL A 1 17  ? -8.403  -2.989  3.543   1.00 10.71 ? 20  VAL A CG1 1 
ATOM   144  C CG2 . VAL A 1 17  ? -6.807  -1.755  2.102   1.00 10.62 ? 20  VAL A CG2 1 
ATOM   145  N N   . SER A 1 18  ? -10.810 -3.437  0.677   1.00 9.79  ? 21  SER A N   1 
ATOM   146  C CA  . SER A 1 18  ? -12.162 -3.992  0.639   1.00 11.19 ? 21  SER A CA  1 
ATOM   147  C C   . SER A 1 18  ? -12.845 -3.490  -0.620  1.00 13.87 ? 21  SER A C   1 
ATOM   148  O O   . SER A 1 18  ? -12.201 -2.845  -1.468  1.00 15.38 ? 21  SER A O   1 
ATOM   149  C CB  . SER A 1 18  ? -12.979 -3.562  1.864   1.00 12.38 ? 21  SER A CB  1 
ATOM   150  O OG  . SER A 1 18  ? -13.323 -2.181  1.810   1.00 11.10 ? 21  SER A OG  1 
ATOM   151  N N   . GLY A 1 19  ? -14.141 -3.766  -0.747  1.00 10.83 ? 22  GLY A N   1 
ATOM   152  C CA  . GLY A 1 19  ? -14.889 -3.286  -1.892  1.00 11.83 ? 22  GLY A CA  1 
ATOM   153  C C   . GLY A 1 19  ? -15.086 -1.781  -1.892  1.00 13.31 ? 22  GLY A C   1 
ATOM   154  O O   . GLY A 1 19  ? -15.402 -1.184  -2.934  1.00 13.03 ? 22  GLY A O   1 
ATOM   155  N N   . HIS A 1 20  ? -14.883 -1.168  -0.724  1.00 12.24 ? 23  HIS A N   1 
ATOM   156  C CA  . HIS A 1 20  ? -15.091 0.266   -0.537  1.00 14.35 ? 23  HIS A CA  1 
ATOM   157  C C   . HIS A 1 20  ? -13.789 1.037   -0.323  1.00 15.01 ? 23  HIS A C   1 
ATOM   158  O O   . HIS A 1 20  ? -13.777 2.268   -0.426  1.00 16.08 ? 23  HIS A O   1 
ATOM   159  C CB  . HIS A 1 20  ? -15.994 0.527   0.675   1.00 15.15 ? 23  HIS A CB  1 
ATOM   160  C CG  . HIS A 1 20  ? -17.399 0.047   0.504   1.00 18.60 ? 23  HIS A CG  1 
ATOM   161  N ND1 . HIS A 1 20  ? -18.455 0.907   0.289   1.00 18.61 ? 23  HIS A ND1 1 
ATOM   162  C CD2 . HIS A 1 20  ? -17.927 -1.204  0.530   1.00 17.14 ? 23  HIS A CD2 1 
ATOM   163  C CE1 . HIS A 1 20  ? -19.574 0.206   0.180   1.00 19.65 ? 23  HIS A CE1 1 
ATOM   164  N NE2 . HIS A 1 20  ? -19.281 -1.075  0.325   1.00 16.15 ? 23  HIS A NE2 1 
ATOM   165  N N   . VAL A 1 21  ? -12.710 0.324   0.001   1.00 13.36 ? 24  VAL A N   1 
ATOM   166  C CA  . VAL A 1 21  ? -11.469 0.974   0.443   1.00 11.01 ? 24  VAL A CA  1 
ATOM   167  C C   . VAL A 1 21  ? -10.264 0.701   -0.478  1.00 10.85 ? 24  VAL A C   1 
ATOM   168  O O   . VAL A 1 21  ? -9.817  -0.445  -0.627  1.00 8.96  ? 24  VAL A O   1 
ATOM   169  C CB  . VAL A 1 21  ? -11.134 0.637   1.927   1.00 9.67  ? 24  VAL A CB  1 
ATOM   170  C CG1 . VAL A 1 21  ? -9.762  1.182   2.315   1.00 10.06 ? 24  VAL A CG1 1 
ATOM   171  C CG2 . VAL A 1 21  ? -12.194 1.217   2.863   1.00 10.02 ? 24  VAL A CG2 1 
ATOM   172  N N   . PHE A 1 22  ? -9.758  1.769   -1.097  1.00 9.62  ? 25  PHE A N   1 
ATOM   173  C CA  . PHE A 1 22  ? -8.594  1.700   -1.981  1.00 12.53 ? 25  PHE A CA  1 
ATOM   174  C C   . PHE A 1 22  ? -7.437  2.540   -1.402  1.00 10.75 ? 25  PHE A C   1 
ATOM   175  O O   . PHE A 1 22  ? -7.610  3.726   -1.090  1.00 11.38 ? 25  PHE A O   1 
ATOM   176  C CB  . PHE A 1 22  ? -8.982  2.196   -3.391  1.00 11.38 ? 25  PHE A CB  1 
ATOM   177  C CG  . PHE A 1 22  ? -7.925  1.942   -4.453  1.00 11.76 ? 25  PHE A CG  1 
ATOM   178  C CD1 . PHE A 1 22  ? -7.740  0.670   -4.986  1.00 8.74  ? 25  PHE A CD1 1 
ATOM   179  C CD2 . PHE A 1 22  ? -7.125  2.989   -4.937  1.00 16.55 ? 25  PHE A CD2 1 
ATOM   180  C CE1 . PHE A 1 22  ? -6.775  0.440   -5.960  1.00 7.11  ? 25  PHE A CE1 1 
ATOM   181  C CE2 . PHE A 1 22  ? -6.155  2.759   -5.930  1.00 8.94  ? 25  PHE A CE2 1 
ATOM   182  C CZ  . PHE A 1 22  ? -5.994  1.484   -6.434  1.00 7.30  ? 25  PHE A CZ  1 
ATOM   183  N N   . ILE A 1 23  ? -6.268  1.925   -1.253  1.00 8.72  ? 26  ILE A N   1 
ATOM   184  C CA  . ILE A 1 23  ? -5.075  2.618   -0.736  1.00 8.75  ? 26  ILE A CA  1 
ATOM   185  C C   . ILE A 1 23  ? -3.939  2.654   -1.781  1.00 9.50  ? 26  ILE A C   1 
ATOM   186  O O   . ILE A 1 23  ? -3.834  1.766   -2.653  1.00 8.86  ? 26  ILE A O   1 
ATOM   187  C CB  . ILE A 1 23  ? -4.559  1.979   0.582   1.00 7.14  ? 26  ILE A CB  1 
ATOM   188  C CG1 . ILE A 1 23  ? -4.096  0.543   0.353   1.00 4.99  ? 26  ILE A CG1 1 
ATOM   189  C CG2 . ILE A 1 23  ? -5.639  2.004   1.650   1.00 9.45  ? 26  ILE A CG2 1 
ATOM   190  C CD1 . ILE A 1 23  ? -3.565  -0.110  1.593   1.00 7.20  ? 26  ILE A CD1 1 
ATOM   191  N N   . THR A 1 24  ? -3.106  3.685   -1.703  1.00 8.59  ? 27  THR A N   1 
ATOM   192  C CA  . THR A 1 24  ? -2.011  3.840   -2.657  1.00 12.51 ? 27  THR A CA  1 
ATOM   193  C C   . THR A 1 24  ? -0.938  4.755   -2.092  1.00 10.29 ? 27  THR A C   1 
ATOM   194  O O   . THR A 1 24  ? -1.109  5.322   -1.008  1.00 6.93  ? 27  THR A O   1 
ATOM   195  C CB  . THR A 1 24  ? -2.505  4.405   -4.034  1.00 10.49 ? 27  THR A CB  1 
ATOM   196  O OG1 . THR A 1 24  ? -1.431  4.373   -4.977  1.00 8.08  ? 27  THR A OG1 1 
ATOM   197  C CG2 . THR A 1 24  ? -2.991  5.841   -3.897  1.00 11.81 ? 27  THR A CG2 1 
ATOM   198  N N   . ALA A 1 25  ? 0.167   4.894   -2.823  1.00 10.68 ? 28  ALA A N   1 
ATOM   199  C CA  . ALA A 1 25  ? 1.197   5.851   -2.412  1.00 12.90 ? 28  ALA A CA  1 
ATOM   200  C C   . ALA A 1 25  ? 0.778   7.229   -2.905  1.00 13.58 ? 28  ALA A C   1 
ATOM   201  O O   . ALA A 1 25  ? 0.420   7.388   -4.072  1.00 12.52 ? 28  ALA A O   1 
ATOM   202  C CB  . ALA A 1 25  ? 2.553   5.466   -2.945  1.00 12.20 ? 28  ALA A CB  1 
ATOM   203  N N   . LYS A 1 26  ? 0.795   8.221   -2.017  1.00 14.04 ? 29  LYS A N   1 
ATOM   204  C CA  . LYS A 1 26  ? 0.244   9.524   -2.380  1.00 17.28 ? 29  LYS A CA  1 
ATOM   205  C C   . LYS A 1 26  ? 0.945   10.118  -3.605  1.00 17.74 ? 29  LYS A C   1 
ATOM   206  O O   . LYS A 1 26  ? 0.296   10.706  -4.473  1.00 16.11 ? 29  LYS A O   1 
ATOM   207  C CB  . LYS A 1 26  ? 0.296   10.489  -1.198  1.00 18.90 ? 29  LYS A CB  1 
ATOM   208  C CG  . LYS A 1 26  ? -0.535  11.765  -1.395  1.00 20.54 ? 29  LYS A CG  1 
ATOM   209  C CD  . LYS A 1 26  ? -0.118  12.818  -0.390  1.00 21.13 ? 29  LYS A CD  1 
ATOM   210  C CE  . LYS A 1 26  ? -1.315  13.590  0.117   1.00 33.20 ? 29  LYS A CE  1 
ATOM   211  N NZ  . LYS A 1 26  ? -0.914  14.677  1.057   1.00 31.91 ? 29  LYS A NZ  1 
ATOM   212  N N   . HIS A 1 27  ? 2.263   9.921   -3.681  1.00 17.85 ? 30  HIS A N   1 
ATOM   213  C CA  . HIS A 1 27  ? 3.078   10.492  -4.755  1.00 15.01 ? 30  HIS A CA  1 
ATOM   214  C C   . HIS A 1 27  ? 2.867   9.872   -6.160  1.00 17.76 ? 30  HIS A C   1 
ATOM   215  O O   . HIS A 1 27  ? 3.419   10.390  -7.134  1.00 18.35 ? 30  HIS A O   1 
ATOM   216  C CB  . HIS A 1 27  ? 4.568   10.515  -4.361  1.00 13.24 ? 30  HIS A CB  1 
ATOM   217  C CG  . HIS A 1 27  ? 5.295   9.221   -4.596  1.00 17.37 ? 30  HIS A CG  1 
ATOM   218  N ND1 . HIS A 1 27  ? 5.467   8.264   -3.615  1.00 15.66 ? 30  HIS A ND1 1 
ATOM   219  C CD2 . HIS A 1 27  ? 5.925   8.742   -5.699  1.00 14.43 ? 30  HIS A CD2 1 
ATOM   220  C CE1 . HIS A 1 27  ? 6.156   7.250   -4.107  1.00 15.14 ? 30  HIS A CE1 1 
ATOM   221  N NE2 . HIS A 1 27  ? 6.441   7.512   -5.370  1.00 13.81 ? 30  HIS A NE2 1 
ATOM   222  N N   . VAL A 1 28  ? 2.079   8.797   -6.278  1.00 11.88 ? 31  VAL A N   1 
ATOM   223  C CA  . VAL A 1 28  ? 1.741   8.279   -7.614  1.00 12.02 ? 31  VAL A CA  1 
ATOM   224  C C   . VAL A 1 28  ? 0.304   8.567   -8.016  1.00 12.52 ? 31  VAL A C   1 
ATOM   225  O O   . VAL A 1 28  ? -0.086  8.340   -9.155  1.00 13.17 ? 31  VAL A O   1 
ATOM   226  C CB  . VAL A 1 28  ? 1.977   6.751   -7.780  1.00 11.68 ? 31  VAL A CB  1 
ATOM   227  C CG1 . VAL A 1 28  ? 3.407   6.379   -7.462  1.00 11.67 ? 31  VAL A CG1 1 
ATOM   228  C CG2 . VAL A 1 28  ? 0.964   5.939   -6.937  1.00 11.00 ? 31  VAL A CG2 1 
ATOM   229  N N   . ALA A 1 29  ? -0.488  9.052   -7.072  1.00 13.90 ? 32  ALA A N   1 
ATOM   230  C CA  . ALA A 1 29  ? -1.923  9.211   -7.288  1.00 17.04 ? 32  ALA A CA  1 
ATOM   231  C C   . ALA A 1 29  ? -2.249  10.334  -8.273  1.00 19.43 ? 32  ALA A C   1 
ATOM   232  O O   . ALA A 1 29  ? -1.531  11.329  -8.339  1.00 18.07 ? 32  ALA A O   1 
ATOM   233  C CB  . ALA A 1 29  ? -2.631  9.438   -5.967  1.00 12.97 ? 32  ALA A CB  1 
ATOM   234  N N   . PRO A 1 30  ? -3.346  10.174  -9.041  1.00 21.21 ? 33  PRO A N   1 
ATOM   235  C CA  . PRO A 1 30  ? -3.819  11.266  -9.901  1.00 26.43 ? 33  PRO A CA  1 
ATOM   236  C C   . PRO A 1 30  ? -4.150  12.513  -9.073  1.00 28.79 ? 33  PRO A C   1 
ATOM   237  O O   . PRO A 1 30  ? -4.330  12.423  -7.845  1.00 26.72 ? 33  PRO A O   1 
ATOM   238  C CB  . PRO A 1 30  ? -5.084  10.686  -10.562 1.00 22.05 ? 33  PRO A CB  1 
ATOM   239  C CG  . PRO A 1 30  ? -5.485  9.520   -9.710  1.00 20.00 ? 33  PRO A CG  1 
ATOM   240  C CD  . PRO A 1 30  ? -4.201  8.978   -9.144  1.00 17.79 ? 33  PRO A CD  1 
ATOM   241  N N   . PRO A 1 31  ? -4.192  13.680  -9.732  1.00 28.17 ? 34  PRO A N   1 
ATOM   242  C CA  . PRO A 1 31  ? -4.423  14.923  -8.985  1.00 29.50 ? 34  PRO A CA  1 
ATOM   243  C C   . PRO A 1 31  ? -5.755  14.884  -8.245  1.00 31.49 ? 34  PRO A C   1 
ATOM   244  O O   . PRO A 1 31  ? -6.704  14.239  -8.712  1.00 30.45 ? 34  PRO A O   1 
ATOM   245  C CB  . PRO A 1 31  ? -4.459  15.996  -10.082 1.00 30.73 ? 34  PRO A CB  1 
ATOM   246  C CG  . PRO A 1 31  ? -3.646  15.410  -11.220 1.00 28.70 ? 34  PRO A CG  1 
ATOM   247  C CD  . PRO A 1 31  ? -3.917  13.923  -11.163 1.00 26.48 ? 34  PRO A CD  1 
ATOM   248  N N   . LYS A 1 32  ? -5.802  15.546  -7.093  1.00 33.10 ? 35  LYS A N   1 
ATOM   249  C CA  . LYS A 1 32  ? -7.020  15.678  -6.312  1.00 29.07 ? 35  LYS A CA  1 
ATOM   250  C C   . LYS A 1 32  ? -8.075  16.312  -7.205  1.00 31.34 ? 35  LYS A C   1 
ATOM   251  O O   . LYS A 1 32  ? -7.815  17.334  -7.834  1.00 38.26 ? 35  LYS A O   1 
ATOM   252  C CB  . LYS A 1 32  ? -6.747  16.565  -5.098  1.00 38.21 ? 35  LYS A CB  1 
ATOM   253  C CG  . LYS A 1 32  ? -7.491  16.148  -3.848  1.00 45.05 ? 35  LYS A CG  1 
ATOM   254  C CD  . LYS A 1 32  ? -7.233  17.085  -2.685  1.00 43.55 ? 35  LYS A CD  1 
ATOM   255  C CE  . LYS A 1 32  ? -8.021  16.618  -1.470  1.00 48.61 ? 35  LYS A CE  1 
ATOM   256  N NZ  . LYS A 1 32  ? -9.356  16.092  -1.881  1.00 47.04 ? 35  LYS A NZ  1 
ATOM   257  N N   . GLY A 1 33  ? -9.252  15.701  -7.286  1.00 28.41 ? 36  GLY A N   1 
ATOM   258  C CA  . GLY A 1 33  ? -10.281 16.177  -8.191  1.00 22.99 ? 36  GLY A CA  1 
ATOM   259  C C   . GLY A 1 33  ? -10.498 15.284  -9.397  1.00 25.51 ? 36  GLY A C   1 
ATOM   260  O O   . GLY A 1 33  ? -11.436 15.491  -10.162 1.00 33.63 ? 36  GLY A O   1 
ATOM   261  N N   . THR A 1 34  ? -9.642  14.283  -9.578  1.00 23.95 ? 37  THR A N   1 
ATOM   262  C CA  . THR A 1 34  ? -9.741  13.422  -10.754 1.00 23.17 ? 37  THR A CA  1 
ATOM   263  C C   . THR A 1 34  ? -10.839 12.374  -10.577 1.00 26.07 ? 37  THR A C   1 
ATOM   264  O O   . THR A 1 34  ? -11.067 11.877  -9.481  1.00 23.77 ? 37  THR A O   1 
ATOM   265  C CB  . THR A 1 34  ? -8.392  12.735  -11.076 1.00 24.60 ? 37  THR A CB  1 
ATOM   266  O OG1 . THR A 1 34  ? -7.378  13.731  -11.266 1.00 32.98 ? 37  THR A OG1 1 
ATOM   267  C CG2 . THR A 1 34  ? -8.482  11.845  -12.337 1.00 17.83 ? 37  THR A CG2 1 
ATOM   268  N N   . GLU A 1 35  ? -11.525 12.040  -11.663 1.00 25.99 ? 38  GLU A N   1 
ATOM   269  C CA  . GLU A 1 35  ? -12.521 10.988  -11.624 1.00 25.82 ? 38  GLU A CA  1 
ATOM   270  C C   . GLU A 1 35  ? -11.806 9.635   -11.646 1.00 26.06 ? 38  GLU A C   1 
ATOM   271  O O   . GLU A 1 35  ? -11.005 9.356   -12.547 1.00 24.08 ? 38  GLU A O   1 
ATOM   272  C CB  . GLU A 1 35  ? -13.486 11.140  -12.809 1.00 26.29 ? 38  GLU A CB  1 
ATOM   273  C CG  . GLU A 1 35  ? -14.313 9.899   -13.125 1.00 32.78 ? 38  GLU A CG  1 
ATOM   274  C CD  . GLU A 1 35  ? -15.246 10.074  -14.321 1.00 36.46 ? 38  GLU A CD  1 
ATOM   275  O OE1 . GLU A 1 35  ? -15.311 11.185  -14.894 1.00 35.88 ? 38  GLU A OE1 1 
ATOM   276  O OE2 . GLU A 1 35  ? -15.924 9.087   -14.678 1.00 41.18 ? 38  GLU A OE2 1 
ATOM   277  N N   . ILE A 1 36  ? -12.079 8.798   -10.645 1.00 24.17 ? 39  ILE A N   1 
ATOM   278  C CA  . ILE A 1 36  ? -11.447 7.482   -10.589 1.00 21.85 ? 39  ILE A CA  1 
ATOM   279  C C   . ILE A 1 36  ? -12.439 6.320   -10.521 1.00 21.25 ? 39  ILE A C   1 
ATOM   280  O O   . ILE A 1 36  ? -13.408 6.356   -9.759  1.00 21.48 ? 39  ILE A O   1 
ATOM   281  C CB  . ILE A 1 36  ? -10.445 7.368   -9.425  1.00 21.96 ? 39  ILE A CB  1 
ATOM   282  C CG1 . ILE A 1 36  ? -11.106 7.717   -8.094  1.00 22.20 ? 39  ILE A CG1 1 
ATOM   283  C CG2 . ILE A 1 36  ? -9.212  8.238   -9.670  1.00 19.36 ? 39  ILE A CG2 1 
ATOM   284  C CD1 . ILE A 1 36  ? -10.232 7.359   -6.897  1.00 20.64 ? 39  ILE A CD1 1 
ATOM   285  N N   . PHE A 1 37  ? -12.158 5.282   -11.306 1.00 19.97 ? 40  PHE A N   1 
ATOM   286  C CA  . PHE A 1 37  ? -13.014 4.104   -11.412 1.00 16.53 ? 40  PHE A CA  1 
ATOM   287  C C   . PHE A 1 37  ? -14.461 4.480   -11.736 1.00 19.02 ? 40  PHE A C   1 
ATOM   288  O O   . PHE A 1 37  ? -15.409 3.846   -11.263 1.00 17.65 ? 40  PHE A O   1 
ATOM   289  C CB  . PHE A 1 37  ? -12.914 3.219   -10.157 1.00 13.51 ? 40  PHE A CB  1 
ATOM   290  C CG  . PHE A 1 37  ? -11.493 2.974   -9.684  1.00 15.48 ? 40  PHE A CG  1 
ATOM   291  C CD1 . PHE A 1 37  ? -10.583 2.275   -10.477 1.00 15.12 ? 40  PHE A CD1 1 
ATOM   292  C CD2 . PHE A 1 37  ? -11.073 3.433   -8.440  1.00 13.91 ? 40  PHE A CD2 1 
ATOM   293  C CE1 . PHE A 1 37  ? -9.273  2.047   -10.038 1.00 15.94 ? 40  PHE A CE1 1 
ATOM   294  C CE2 . PHE A 1 37  ? -9.763  3.204   -7.985  1.00 14.94 ? 40  PHE A CE2 1 
ATOM   295  C CZ  . PHE A 1 37  ? -8.866  2.512   -8.783  1.00 14.57 ? 40  PHE A CZ  1 
ATOM   296  N N   . GLY A 1 38  ? -14.611 5.515   -12.558 1.00 21.53 ? 41  GLY A N   1 
ATOM   297  C CA  . GLY A 1 38  ? -15.916 5.986   -12.980 1.00 22.05 ? 41  GLY A CA  1 
ATOM   298  C C   . GLY A 1 38  ? -16.664 6.698   -11.873 1.00 26.33 ? 41  GLY A C   1 
ATOM   299  O O   . GLY A 1 38  ? -17.892 6.828   -11.918 1.00 32.24 ? 41  GLY A O   1 
ATOM   300  N N   . ARG A 1 39  ? -15.925 7.156   -10.867 1.00 24.30 ? 42  ARG A N   1 
ATOM   301  C CA  . ARG A 1 39  ? -16.531 7.806   -9.717  1.00 22.39 ? 42  ARG A CA  1 
ATOM   302  C C   . ARG A 1 39  ? -16.061 9.258   -9.593  1.00 28.19 ? 42  ARG A C   1 
ATOM   303  O O   . ARG A 1 39  ? -14.884 9.570   -9.839  1.00 22.96 ? 42  ARG A O   1 
ATOM   304  C CB  . ARG A 1 39  ? -16.220 7.024   -8.437  1.00 22.39 ? 42  ARG A CB  1 
ATOM   305  C CG  . ARG A 1 39  ? -16.675 5.571   -8.469  1.00 23.88 ? 42  ARG A CG  1 
ATOM   306  C CD  . ARG A 1 39  ? -18.195 5.468   -8.491  1.00 24.08 ? 42  ARG A CD  1 
ATOM   307  N NE  . ARG A 1 39  ? -18.663 4.084   -8.562  1.00 25.62 ? 42  ARG A NE  1 
ATOM   308  C CZ  . ARG A 1 39  ? -18.867 3.304   -7.501  1.00 21.49 ? 42  ARG A CZ  1 
ATOM   309  N NH1 . ARG A 1 39  ? -18.635 3.765   -6.278  1.00 16.96 ? 42  ARG A NH1 1 
ATOM   310  N NH2 . ARG A 1 39  ? -19.286 2.056   -7.663  1.00 21.25 ? 42  ARG A NH2 1 
ATOM   311  N N   . LYS A 1 40  ? -16.984 10.143  -9.219  1.00 25.98 ? 43  LYS A N   1 
ATOM   312  C CA  . LYS A 1 40  ? -16.657 11.560  -9.072  1.00 30.47 ? 43  LYS A CA  1 
ATOM   313  C C   . LYS A 1 40  ? -16.348 11.897  -7.610  1.00 27.13 ? 43  LYS A C   1 
ATOM   314  O O   . LYS A 1 40  ? -16.840 11.217  -6.692  1.00 22.56 ? 43  LYS A O   1 
ATOM   315  C CB  . LYS A 1 40  ? -17.813 12.440  -9.573  1.00 33.48 ? 43  LYS A CB  1 
ATOM   316  C CG  . LYS A 1 40  ? -18.335 12.105  -10.975 1.00 39.58 ? 43  LYS A CG  1 
ATOM   317  C CD  . LYS A 1 40  ? -19.587 12.939  -11.324 1.00 38.82 ? 43  LYS A CD  1 
ATOM   318  C CE  . LYS A 1 40  ? -20.729 12.072  -11.859 1.00 40.84 ? 43  LYS A CE  1 
ATOM   319  N NZ  . LYS A 1 40  ? -21.258 11.106  -10.839 1.00 38.67 ? 43  LYS A NZ  1 
ATOM   320  N N   . PRO A 1 41  ? -15.523 12.941  -7.384  1.00 24.25 ? 44  PRO A N   1 
ATOM   321  C CA  . PRO A 1 41  ? -15.368 13.446  -6.014  1.00 23.79 ? 44  PRO A CA  1 
ATOM   322  C C   . PRO A 1 41  ? -16.767 13.738  -5.467  1.00 26.78 ? 44  PRO A C   1 
ATOM   323  O O   . PRO A 1 41  ? -17.608 14.271  -6.208  1.00 30.49 ? 44  PRO A O   1 
ATOM   324  C CB  . PRO A 1 41  ? -14.558 14.734  -6.207  1.00 25.17 ? 44  PRO A CB  1 
ATOM   325  C CG  . PRO A 1 41  ? -13.738 14.475  -7.453  1.00 23.59 ? 44  PRO A CG  1 
ATOM   326  C CD  . PRO A 1 41  ? -14.646 13.640  -8.345  1.00 23.44 ? 44  PRO A CD  1 
ATOM   327  N N   . GLY A 1 42  ? -17.024 13.352  -4.219  1.00 23.62 ? 45  GLY A N   1 
ATOM   328  C CA  . GLY A 1 42  ? -18.368 13.366  -3.670  1.00 20.18 ? 45  GLY A CA  1 
ATOM   329  C C   . GLY A 1 42  ? -18.844 11.940  -3.449  1.00 24.20 ? 45  GLY A C   1 
ATOM   330  O O   . GLY A 1 42  ? -19.470 11.630  -2.424  1.00 21.88 ? 45  GLY A O   1 
ATOM   331  N N   . ASP A 1 43  ? -18.550 11.071  -4.421  1.00 27.36 ? 46  ASP A N   1 
ATOM   332  C CA  . ASP A 1 43  ? -18.886 9.654   -4.318  1.00 24.40 ? 46  ASP A CA  1 
ATOM   333  C C   . ASP A 1 43  ? -17.842 8.926   -3.482  1.00 24.91 ? 46  ASP A C   1 
ATOM   334  O O   . ASP A 1 43  ? -18.004 7.750   -3.160  1.00 26.01 ? 46  ASP A O   1 
ATOM   335  C CB  . ASP A 1 43  ? -18.943 9.009   -5.694  1.00 26.38 ? 46  ASP A CB  1 
ATOM   336  C CG  . ASP A 1 43  ? -19.910 9.705   -6.630  1.00 35.18 ? 46  ASP A CG  1 
ATOM   337  O OD1 . ASP A 1 43  ? -20.964 10.175  -6.152  1.00 33.24 ? 46  ASP A OD1 1 
ATOM   338  O OD2 . ASP A 1 43  ? -19.612 9.766   -7.851  1.00 37.64 ? 46  ASP A OD2 1 
ATOM   339  N N   . PHE A 1 44  ? -16.763 9.632   -3.151  1.00 21.08 ? 47  PHE A N   1 
ATOM   340  C CA  . PHE A 1 44  ? -15.701 9.070   -2.332  1.00 17.67 ? 47  PHE A CA  1 
ATOM   341  C C   . PHE A 1 44  ? -15.011 10.151  -1.515  1.00 22.55 ? 47  PHE A C   1 
ATOM   342  O O   . PHE A 1 44  ? -15.012 11.334  -1.892  1.00 22.31 ? 47  PHE A O   1 
ATOM   343  C CB  . PHE A 1 44  ? -14.678 8.297   -3.177  1.00 17.81 ? 47  PHE A CB  1 
ATOM   344  C CG  . PHE A 1 44  ? -13.880 9.153   -4.138  1.00 18.64 ? 47  PHE A CG  1 
ATOM   345  C CD1 . PHE A 1 44  ? -12.737 9.833   -3.715  1.00 16.87 ? 47  PHE A CD1 1 
ATOM   346  C CD2 . PHE A 1 44  ? -14.238 9.228   -5.479  1.00 21.40 ? 47  PHE A CD2 1 
ATOM   347  C CE1 . PHE A 1 44  ? -11.990 10.600  -4.603  1.00 15.45 ? 47  PHE A CE1 1 
ATOM   348  C CE2 . PHE A 1 44  ? -13.495 9.997   -6.372  1.00 20.67 ? 47  PHE A CE2 1 
ATOM   349  C CZ  . PHE A 1 44  ? -12.370 10.686  -5.926  1.00 17.06 ? 47  PHE A CZ  1 
ATOM   350  N N   . THR A 1 45  ? -14.437 9.739   -0.390  1.00 19.24 ? 48  THR A N   1 
ATOM   351  C CA  . THR A 1 45  ? -13.641 10.640  0.420   1.00 24.06 ? 48  THR A CA  1 
ATOM   352  C C   . THR A 1 45  ? -12.203 10.159  0.480   1.00 22.82 ? 48  THR A C   1 
ATOM   353  O O   . THR A 1 45  ? -11.932 8.950   0.491   1.00 17.77 ? 48  THR A O   1 
ATOM   354  C CB  . THR A 1 45  ? -14.180 10.775  1.850   1.00 23.22 ? 48  THR A CB  1 
ATOM   355  O OG1 . THR A 1 45  ? -14.117 9.503   2.506   1.00 26.94 ? 48  THR A OG1 1 
ATOM   356  C CG2 . THR A 1 45  ? -15.599 11.275  1.823   1.00 23.19 ? 48  THR A CG2 1 
ATOM   357  N N   . VAL A 1 46  ? -11.294 11.129  0.546   1.00 23.60 ? 49  VAL A N   1 
ATOM   358  C CA  . VAL A 1 46  ? -9.861  10.876  0.507   1.00 19.73 ? 49  VAL A CA  1 
ATOM   359  C C   . VAL A 1 46  ? -9.207  11.267  1.831   1.00 20.63 ? 49  VAL A C   1 
ATOM   360  O O   . VAL A 1 46  ? -9.374  12.394  2.295   1.00 21.40 ? 49  VAL A O   1 
ATOM   361  C CB  . VAL A 1 46  ? -9.230  11.710  -0.606  1.00 25.70 ? 49  VAL A CB  1 
ATOM   362  C CG1 . VAL A 1 46  ? -7.755  11.445  -0.686  1.00 23.69 ? 49  VAL A CG1 1 
ATOM   363  C CG2 . VAL A 1 46  ? -9.916  11.429  -1.950  1.00 20.10 ? 49  VAL A CG2 1 
ATOM   364  N N   . THR A 1 47  ? -8.480  10.339  2.449   1.00 19.46 ? 50  THR A N   1 
ATOM   365  C CA  . THR A 1 47  ? -7.659  10.686  3.609   1.00 22.16 ? 50  THR A CA  1 
ATOM   366  C C   . THR A 1 47  ? -6.172  10.405  3.338   1.00 20.64 ? 50  THR A C   1 
ATOM   367  O O   . THR A 1 47  ? -5.839  9.467   2.603   1.00 19.02 ? 50  THR A O   1 
ATOM   368  C CB  . THR A 1 47  ? -8.120  9.968   4.902   1.00 25.20 ? 50  THR A CB  1 
ATOM   369  O OG1 . THR A 1 47  ? -7.984  8.550   4.747   1.00 30.58 ? 50  THR A OG1 1 
ATOM   370  C CG2 . THR A 1 47  ? -9.570  10.309  5.227   1.00 21.87 ? 50  THR A CG2 1 
ATOM   371  N N   . SER A 1 48  ? -5.289  11.219  3.921   1.00 22.60 ? 51  SER A N   1 
ATOM   372  C CA  . SER A 1 48  ? -3.845  11.045  3.746   1.00 19.49 ? 51  SER A CA  1 
ATOM   373  C C   . SER A 1 48  ? -3.027  11.256  5.017   1.00 25.34 ? 51  SER A C   1 
ATOM   374  O O   . SER A 1 48  ? -3.360  12.096  5.858   1.00 30.63 ? 51  SER A O   1 
ATOM   375  C CB  . SER A 1 48  ? -3.318  11.968  2.644   1.00 22.38 ? 51  SER A CB  1 
ATOM   376  O OG  . SER A 1 48  ? -3.722  13.307  2.854   1.00 30.91 ? 51  SER A OG  1 
ATOM   377  N N   . SER A 1 49  ? -1.950  10.481  5.145   1.00 28.45 ? 52  SER A N   1 
ATOM   378  C CA  . SER A 1 49  ? -0.937  10.707  6.174   1.00 22.52 ? 52  SER A CA  1 
ATOM   379  C C   . SER A 1 49  ? 0.430   10.339  5.590   1.00 23.62 ? 52  SER A C   1 
ATOM   380  O O   . SER A 1 49  ? 0.685   9.166   5.278   1.00 21.85 ? 52  SER A O   1 
ATOM   381  C CB  . SER A 1 49  ? -1.230  9.875   7.424   1.00 24.34 ? 52  SER A CB  1 
ATOM   382  O OG  . SER A 1 49  ? -0.240  10.070  8.422   1.00 26.26 ? 52  SER A OG  1 
ATOM   383  N N   . GLY A 1 50  ? 1.305   11.336  5.446   1.00 24.09 ? 53  GLY A N   1 
ATOM   384  C CA  . GLY A 1 50  ? 2.604   11.122  4.829   1.00 20.61 ? 53  GLY A CA  1 
ATOM   385  C C   . GLY A 1 50  ? 2.396   10.757  3.375   1.00 19.13 ? 53  GLY A C   1 
ATOM   386  O O   . GLY A 1 50  ? 1.702   11.468  2.643   1.00 19.30 ? 53  GLY A O   1 
ATOM   387  N N   . ASP A 1 51  ? 2.957   9.632   2.960   1.00 15.55 ? 54  ASP A N   1 
ATOM   388  C CA  . ASP A 1 51  ? 2.773   9.195   1.587   1.00 15.28 ? 54  ASP A CA  1 
ATOM   389  C C   . ASP A 1 51  ? 1.678   8.126   1.473   1.00 14.26 ? 54  ASP A C   1 
ATOM   390  O O   . ASP A 1 51  ? 1.532   7.467   0.430   1.00 12.27 ? 54  ASP A O   1 
ATOM   391  C CB  . ASP A 1 51  ? 4.104   8.722   0.989   1.00 16.06 ? 54  ASP A CB  1 
ATOM   392  C CG  . ASP A 1 51  ? 4.126   8.810   -0.538  1.00 16.32 ? 54  ASP A CG  1 
ATOM   393  O OD1 . ASP A 1 51  ? 3.545   9.770   -1.100  1.00 15.46 ? 54  ASP A OD1 1 
ATOM   394  O OD2 . ASP A 1 51  ? 4.721   7.908   -1.170  1.00 15.78 ? 54  ASP A OD2 1 
ATOM   395  N N   . PHE A 1 52  ? 0.887   7.977   2.535   1.00 13.28 ? 55  PHE A N   1 
ATOM   396  C CA  . PHE A 1 52  ? -0.236  7.044   2.514   1.00 12.25 ? 55  PHE A CA  1 
ATOM   397  C C   . PHE A 1 52  ? -1.548  7.727   2.114   1.00 14.97 ? 55  PHE A C   1 
ATOM   398  O O   . PHE A 1 52  ? -2.043  8.607   2.835   1.00 17.54 ? 55  PHE A O   1 
ATOM   399  C CB  . PHE A 1 52  ? -0.405  6.364   3.876   1.00 14.23 ? 55  PHE A CB  1 
ATOM   400  C CG  . PHE A 1 52  ? -1.330  5.172   3.850   1.00 14.25 ? 55  PHE A CG  1 
ATOM   401  C CD1 . PHE A 1 52  ? -2.714  5.340   3.842   1.00 13.02 ? 55  PHE A CD1 1 
ATOM   402  C CD2 . PHE A 1 52  ? -0.815  3.885   3.825   1.00 13.05 ? 55  PHE A CD2 1 
ATOM   403  C CE1 . PHE A 1 52  ? -3.564  4.246   3.822   1.00 12.32 ? 55  PHE A CE1 1 
ATOM   404  C CE2 . PHE A 1 52  ? -1.663  2.779   3.800   1.00 13.28 ? 55  PHE A CE2 1 
ATOM   405  C CZ  . PHE A 1 52  ? -3.039  2.962   3.804   1.00 12.76 ? 55  PHE A CZ  1 
ATOM   406  N N   . LEU A 1 53  ? -2.118  7.293   0.986   1.00 14.17 ? 56  LEU A N   1 
ATOM   407  C CA  . LEU A 1 53  ? -3.353  7.875   0.456   1.00 12.68 ? 56  LEU A CA  1 
ATOM   408  C C   . LEU A 1 53  ? -4.485  6.846   0.438   1.00 12.29 ? 56  LEU A C   1 
ATOM   409  O O   . LEU A 1 53  ? -4.343  5.769   -0.153  1.00 12.65 ? 56  LEU A O   1 
ATOM   410  C CB  . LEU A 1 53  ? -3.130  8.440   -0.952  1.00 10.99 ? 56  LEU A CB  1 
ATOM   411  C CG  . LEU A 1 53  ? -4.314  9.272   -1.441  1.00 16.62 ? 56  LEU A CG  1 
ATOM   412  C CD1 . LEU A 1 53  ? -4.591  10.327  -0.395  1.00 17.73 ? 56  LEU A CD1 1 
ATOM   413  C CD2 . LEU A 1 53  ? -4.074  9.923   -2.801  1.00 16.10 ? 56  LEU A CD2 1 
ATOM   414  N N   . LYS A 1 54  ? -5.608  7.177   1.076   1.00 12.68 ? 57  LYS A N   1 
ATOM   415  C CA  . LYS A 1 54  ? -6.729  6.235   1.201   1.00 13.86 ? 57  LYS A CA  1 
ATOM   416  C C   . LYS A 1 54  ? -8.076  6.762   0.680   1.00 16.02 ? 57  LYS A C   1 
ATOM   417  O O   . LYS A 1 54  ? -8.564  7.808   1.140   1.00 16.74 ? 57  LYS A O   1 
ATOM   418  C CB  . LYS A 1 54  ? -6.869  5.793   2.656   1.00 15.30 ? 57  LYS A CB  1 
ATOM   419  C CG  . LYS A 1 54  ? -8.077  4.921   2.953   1.00 18.82 ? 57  LYS A CG  1 
ATOM   420  C CD  . LYS A 1 54  ? -7.812  4.071   4.201   1.00 24.15 ? 57  LYS A CD  1 
ATOM   421  C CE  . LYS A 1 54  ? -8.866  4.305   5.249   1.00 26.71 ? 57  LYS A CE  1 
ATOM   422  N NZ  . LYS A 1 54  ? -8.929  5.759   5.518   1.00 33.30 ? 57  LYS A NZ  1 
ATOM   423  N N   . TYR A 1 55  ? -8.672  6.029   -0.267  1.00 13.27 ? 58  TYR A N   1 
ATOM   424  C CA  . TYR A 1 55  ? -9.978  6.383   -0.831  1.00 13.89 ? 58  TYR A CA  1 
ATOM   425  C C   . TYR A 1 55  ? -11.098 5.543   -0.212  1.00 15.43 ? 58  TYR A C   1 
ATOM   426  O O   . TYR A 1 55  ? -11.015 4.312   -0.197  1.00 14.02 ? 58  TYR A O   1 
ATOM   427  C CB  . TYR A 1 55  ? -9.997  6.181   -2.352  1.00 14.08 ? 58  TYR A CB  1 
ATOM   428  C CG  . TYR A 1 55  ? -9.026  7.046   -3.143  1.00 15.05 ? 58  TYR A CG  1 
ATOM   429  C CD1 . TYR A 1 55  ? -7.706  6.648   -3.332  1.00 15.57 ? 58  TYR A CD1 1 
ATOM   430  C CD2 . TYR A 1 55  ? -9.432  8.240   -3.710  1.00 16.01 ? 58  TYR A CD2 1 
ATOM   431  C CE1 . TYR A 1 55  ? -6.824  7.417   -4.051  1.00 16.12 ? 58  TYR A CE1 1 
ATOM   432  C CE2 . TYR A 1 55  ? -8.549  9.018   -4.444  1.00 14.54 ? 58  TYR A CE2 1 
ATOM   433  C CZ  . TYR A 1 55  ? -7.251  8.598   -4.605  1.00 14.90 ? 58  TYR A CZ  1 
ATOM   434  O OH  . TYR A 1 55  ? -6.349  9.352   -5.314  1.00 16.57 ? 58  TYR A OH  1 
ATOM   435  N N   . TYR A 1 56  ? -12.133 6.202   0.306   1.00 15.43 ? 59  TYR A N   1 
ATOM   436  C CA  . TYR A 1 56  ? -13.303 5.487   0.792   1.00 14.21 ? 59  TYR A CA  1 
ATOM   437  C C   . TYR A 1 56  ? -14.509 5.792   -0.094  1.00 18.07 ? 59  TYR A C   1 
ATOM   438  O O   . TYR A 1 56  ? -14.949 6.946   -0.178  1.00 18.22 ? 59  TYR A O   1 
ATOM   439  C CB  . TYR A 1 56  ? -13.623 5.836   2.254   1.00 16.04 ? 59  TYR A CB  1 
ATOM   440  C CG  . TYR A 1 56  ? -14.950 5.245   2.665   1.00 23.43 ? 59  TYR A CG  1 
ATOM   441  C CD1 . TYR A 1 56  ? -15.053 3.905   3.015   1.00 17.86 ? 59  TYR A CD1 1 
ATOM   442  C CD2 . TYR A 1 56  ? -16.118 6.012   2.637   1.00 23.55 ? 59  TYR A CD2 1 
ATOM   443  C CE1 . TYR A 1 56  ? -16.269 3.350   3.351   1.00 18.29 ? 59  TYR A CE1 1 
ATOM   444  C CE2 . TYR A 1 56  ? -17.341 5.462   2.970   1.00 21.66 ? 59  TYR A CE2 1 
ATOM   445  C CZ  . TYR A 1 56  ? -17.407 4.131   3.326   1.00 23.58 ? 59  TYR A CZ  1 
ATOM   446  O OH  . TYR A 1 56  ? -18.616 3.582   3.665   1.00 30.08 ? 59  TYR A OH  1 
ATOM   447  N N   . PHE A 1 57  ? -15.049 4.765   -0.752  1.00 19.12 ? 60  PHE A N   1 
ATOM   448  C CA  . PHE A 1 57  ? -16.205 4.948   -1.635  1.00 17.43 ? 60  PHE A CA  1 
ATOM   449  C C   . PHE A 1 57  ? -17.504 4.593   -0.935  1.00 17.22 ? 60  PHE A C   1 
ATOM   450  O O   . PHE A 1 57  ? -17.635 3.493   -0.382  1.00 17.31 ? 60  PHE A O   1 
ATOM   451  C CB  . PHE A 1 57  ? -16.079 4.067   -2.877  1.00 14.98 ? 60  PHE A CB  1 
ATOM   452  C CG  . PHE A 1 57  ? -14.926 4.425   -3.763  1.00 16.69 ? 60  PHE A CG  1 
ATOM   453  C CD1 . PHE A 1 57  ? -13.659 3.886   -3.534  1.00 13.07 ? 60  PHE A CD1 1 
ATOM   454  C CD2 . PHE A 1 57  ? -15.110 5.281   -4.846  1.00 16.49 ? 60  PHE A CD2 1 
ATOM   455  C CE1 . PHE A 1 57  ? -12.583 4.209   -4.374  1.00 14.70 ? 60  PHE A CE1 1 
ATOM   456  C CE2 . PHE A 1 57  ? -14.044 5.618   -5.685  1.00 18.61 ? 60  PHE A CE2 1 
ATOM   457  C CZ  . PHE A 1 57  ? -12.773 5.075   -5.449  1.00 16.85 ? 60  PHE A CZ  1 
ATOM   458  N N   . THR A 1 58  ? -18.475 5.502   -0.984  1.00 19.40 ? 61  THR A N   1 
ATOM   459  C CA  . THR A 1 58  ? -19.784 5.228   -0.378  1.00 26.84 ? 61  THR A CA  1 
ATOM   460  C C   . THR A 1 58  ? -20.415 3.933   -0.915  1.00 19.10 ? 61  THR A C   1 
ATOM   461  O O   . THR A 1 58  ? -20.773 3.045   -0.143  1.00 20.94 ? 61  THR A O   1 
ATOM   462  C CB  . THR A 1 58  ? -20.758 6.420   -0.496  1.00 25.03 ? 61  THR A CB  1 
ATOM   463  O OG1 . THR A 1 58  ? -20.293 7.488   0.335   1.00 27.67 ? 61  THR A OG1 1 
ATOM   464  C CG2 . THR A 1 58  ? -22.145 6.015   -0.027  1.00 26.94 ? 61  THR A CG2 1 
ATOM   465  N N   . SER A 1 59  ? -20.529 3.817   -2.230  1.00 17.99 ? 62  SER A N   1 
ATOM   466  C CA  . SER A 1 59  ? -20.996 2.566   -2.825  1.00 23.62 ? 62  SER A CA  1 
ATOM   467  C C   . SER A 1 59  ? -19.792 1.717   -3.207  1.00 19.23 ? 62  SER A C   1 
ATOM   468  O O   . SER A 1 59  ? -18.804 2.242   -3.727  1.00 20.23 ? 62  SER A O   1 
ATOM   469  C CB  . SER A 1 59  ? -21.868 2.826   -4.061  1.00 17.86 ? 62  SER A CB  1 
ATOM   470  O OG  . SER A 1 59  ? -23.052 3.511   -3.699  1.00 25.74 ? 62  SER A OG  1 
ATOM   471  N N   . ALA A 1 60  ? -19.874 0.412   -2.954  1.00 16.48 ? 63  ALA A N   1 
ATOM   472  C CA  . ALA A 1 60  ? -18.781 -0.501  -3.283  1.00 15.27 ? 63  ALA A CA  1 
ATOM   473  C C   . ALA A 1 60  ? -18.352 -0.401  -4.764  1.00 18.25 ? 63  ALA A C   1 
ATOM   474  O O   . ALA A 1 60  ? -19.194 -0.275  -5.662  1.00 17.81 ? 63  ALA A O   1 
ATOM   475  C CB  . ALA A 1 60  ? -19.158 -1.921  -2.921  1.00 13.99 ? 63  ALA A CB  1 
ATOM   476  N N   . VAL A 1 61  ? -17.044 -0.432  -5.009  1.00 11.98 ? 64  VAL A N   1 
ATOM   477  C CA  . VAL A 1 61  ? -16.528 -0.444  -6.374  1.00 14.95 ? 64  VAL A CA  1 
ATOM   478  C C   . VAL A 1 61  ? -16.200 -1.876  -6.823  1.00 14.60 ? 64  VAL A C   1 
ATOM   479  O O   . VAL A 1 61  ? -16.480 -2.260  -7.954  1.00 13.34 ? 64  VAL A O   1 
ATOM   480  C CB  . VAL A 1 61  ? -15.286 0.469   -6.532  1.00 12.23 ? 64  VAL A CB  1 
ATOM   481  C CG1 . VAL A 1 61  ? -14.793 0.458   -7.956  1.00 14.27 ? 64  VAL A CG1 1 
ATOM   482  C CG2 . VAL A 1 61  ? -15.600 1.881   -6.112  1.00 10.81 ? 64  VAL A CG2 1 
ATOM   483  N N   . ARG A 1 62  ? -15.588 -2.649  -5.927  1.00 17.45 ? 65  ARG A N   1 
ATOM   484  C CA  . ARG A 1 62  ? -15.272 -4.057  -6.174  1.00 21.90 ? 65  ARG A CA  1 
ATOM   485  C C   . ARG A 1 62  ? -16.116 -4.907  -5.235  1.00 26.54 ? 65  ARG A C   1 
ATOM   486  O O   . ARG A 1 62  ? -15.702 -5.202  -4.105  1.00 22.12 ? 65  ARG A O   1 
ATOM   487  C CB  . ARG A 1 62  ? -13.788 -4.364  -5.908  1.00 21.33 ? 65  ARG A CB  1 
ATOM   488  C CG  . ARG A 1 62  ? -12.801 -3.775  -6.909  1.00 18.85 ? 65  ARG A CG  1 
ATOM   489  C CD  . ARG A 1 62  ? -12.785 -4.571  -8.212  1.00 17.55 ? 65  ARG A CD  1 
ATOM   490  N NE  . ARG A 1 62  ? -12.413 -5.972  -8.010  1.00 16.61 ? 65  ARG A NE  1 
ATOM   491  C CZ  . ARG A 1 62  ? -11.160 -6.427  -7.982  1.00 16.99 ? 65  ARG A CZ  1 
ATOM   492  N NH1 . ARG A 1 62  ? -10.131 -5.592  -8.129  1.00 14.42 ? 65  ARG A NH1 1 
ATOM   493  N NH2 . ARG A 1 62  ? -10.931 -7.727  -7.800  1.00 16.58 ? 65  ARG A NH2 1 
ATOM   494  N N   . PRO A 1 63  ? -17.297 -5.332  -5.708  1.00 32.65 ? 66  PRO A N   1 
ATOM   495  C CA  . PRO A 1 63  ? -18.220 -6.058  -4.832  1.00 30.73 ? 66  PRO A CA  1 
ATOM   496  C C   . PRO A 1 63  ? -17.819 -7.527  -4.714  1.00 28.30 ? 66  PRO A C   1 
ATOM   497  O O   . PRO A 1 63  ? -18.384 -8.241  -3.893  1.00 39.62 ? 66  PRO A O   1 
ATOM   498  C CB  . PRO A 1 63  ? -19.556 -5.906  -5.559  1.00 28.47 ? 66  PRO A CB  1 
ATOM   499  C CG  . PRO A 1 63  ? -19.155 -5.909  -7.044  1.00 31.98 ? 66  PRO A CG  1 
ATOM   500  C CD  . PRO A 1 63  ? -17.765 -5.300  -7.111  1.00 31.80 ? 66  PRO A CD  1 
ATOM   501  N N   . ASP A 1 64  ? -16.834 -7.951  -5.503  1.00 27.72 ? 67  ASP A N   1 
ATOM   502  C CA  . ASP A 1 64  ? -16.357 -9.336  -5.505  1.00 29.12 ? 67  ASP A CA  1 
ATOM   503  C C   . ASP A 1 64  ? -15.376 -9.713  -4.374  1.00 29.57 ? 67  ASP A C   1 
ATOM   504  O O   . ASP A 1 64  ? -14.932 -10.866 -4.300  1.00 31.56 ? 67  ASP A O   1 
ATOM   505  C CB  . ASP A 1 64  ? -15.687 -9.644  -6.851  1.00 29.29 ? 67  ASP A CB  1 
ATOM   506  C CG  . ASP A 1 64  ? -14.618 -8.625  -7.215  1.00 25.58 ? 67  ASP A CG  1 
ATOM   507  O OD1 . ASP A 1 64  ? -14.907 -7.415  -7.128  1.00 25.97 ? 67  ASP A OD1 1 
ATOM   508  O OD2 . ASP A 1 64  ? -13.489 -9.024  -7.576  1.00 27.64 ? 67  ASP A OD2 1 
ATOM   509  N N   . ILE A 1 65  ? -15.025 -8.767  -3.500  1.00 28.91 ? 68  ILE A N   1 
ATOM   510  C CA  . ILE A 1 65  ? -13.966 -9.026  -2.512  1.00 27.34 ? 68  ILE A CA  1 
ATOM   511  C C   . ILE A 1 65  ? -14.337 -8.760  -1.046  1.00 24.57 ? 68  ILE A C   1 
ATOM   512  O O   . ILE A 1 65  ? -15.059 -7.806  -0.736  1.00 22.77 ? 68  ILE A O   1 
ATOM   513  C CB  . ILE A 1 65  ? -12.662 -8.248  -2.845  1.00 22.92 ? 68  ILE A CB  1 
ATOM   514  C CG1 . ILE A 1 65  ? -12.941 -6.752  -2.952  1.00 23.11 ? 68  ILE A CG1 1 
ATOM   515  C CG2 . ILE A 1 65  ? -12.032 -8.760  -4.120  1.00 18.02 ? 68  ILE A CG2 1 
ATOM   516  C CD1 . ILE A 1 65  ? -11.686 -5.924  -3.218  1.00 23.06 ? 68  ILE A CD1 1 
ATOM   517  N N   . PRO A 1 66  ? -13.815 -9.602  -0.135  1.00 23.59 ? 69  PRO A N   1 
ATOM   518  C CA  . PRO A 1 66  ? -14.027 -9.408  1.307   1.00 26.49 ? 69  PRO A CA  1 
ATOM   519  C C   . PRO A 1 66  ? -13.055 -8.386  1.920   1.00 21.68 ? 69  PRO A C   1 
ATOM   520  O O   . PRO A 1 66  ? -11.922 -8.262  1.452   1.00 18.80 ? 69  PRO A O   1 
ATOM   521  C CB  . PRO A 1 66  ? -13.745 -10.800 1.883   1.00 23.39 ? 69  PRO A CB  1 
ATOM   522  C CG  . PRO A 1 66  ? -12.734 -11.401 0.938   1.00 21.40 ? 69  PRO A CG  1 
ATOM   523  C CD  . PRO A 1 66  ? -13.043 -10.827 -0.434  1.00 20.28 ? 69  PRO A CD  1 
ATOM   524  N N   . ALA A 1 67  ? -13.498 -7.671  2.953   1.00 17.95 ? 70  ALA A N   1 
ATOM   525  C CA  . ALA A 1 67  ? -12.626 -6.757  3.679   1.00 16.53 ? 70  ALA A CA  1 
ATOM   526  C C   . ALA A 1 67  ? -11.407 -7.491  4.252   1.00 19.43 ? 70  ALA A C   1 
ATOM   527  O O   . ALA A 1 67  ? -11.551 -8.528  4.914   1.00 20.05 ? 70  ALA A O   1 
ATOM   528  C CB  . ALA A 1 67  ? -13.408 -6.041  4.810   1.00 20.16 ? 70  ALA A CB  1 
ATOM   529  N N   . MET A 1 68  ? -10.213 -6.953  3.992   1.00 15.88 ? 71  MET A N   1 
ATOM   530  C CA  . MET A 1 68  ? -8.992  -7.447  4.615   1.00 14.22 ? 71  MET A CA  1 
ATOM   531  C C   . MET A 1 68  ? -8.679  -6.496  5.735   1.00 14.17 ? 71  MET A C   1 
ATOM   532  O O   . MET A 1 68  ? -9.072  -5.341  5.681   1.00 19.82 ? 71  MET A O   1 
ATOM   533  C CB  . MET A 1 68  ? -7.820  -7.432  3.639   1.00 17.56 ? 71  MET A CB  1 
ATOM   534  C CG  . MET A 1 68  ? -7.779  -8.568  2.642   1.00 20.59 ? 71  MET A CG  1 
ATOM   535  S SD  . MET A 1 68  ? -6.187  -8.619  1.783   1.00 32.13 ? 71  MET A SD  1 
ATOM   536  C CE  . MET A 1 68  ? -5.081  -8.142  3.131   1.00 13.44 ? 71  MET A CE  1 
ATOM   537  N N   . VAL A 1 69  ? -7.970  -6.964  6.751   1.00 15.97 ? 72  VAL A N   1 
ATOM   538  C CA  . VAL A 1 69  ? -7.596  -6.096  7.861   1.00 13.57 ? 72  VAL A CA  1 
ATOM   539  C C   . VAL A 1 69  ? -6.449  -5.182  7.443   1.00 13.50 ? 72  VAL A C   1 
ATOM   540  O O   . VAL A 1 69  ? -5.473  -5.636  6.835   1.00 14.90 ? 72  VAL A O   1 
ATOM   541  C CB  . VAL A 1 69  ? -7.180  -6.922  9.109   1.00 19.62 ? 72  VAL A CB  1 
ATOM   542  C CG1 . VAL A 1 69  ? -6.431  -6.052  10.125  1.00 13.21 ? 72  VAL A CG1 1 
ATOM   543  C CG2 . VAL A 1 69  ? -8.402  -7.593  9.745   1.00 12.01 ? 72  VAL A CG2 1 
ATOM   544  N N   . LEU A 1 70  ? -6.559  -3.903  7.778   1.00 12.26 ? 73  LEU A N   1 
ATOM   545  C CA  . LEU A 1 70  ? -5.486  -2.951  7.515   1.00 15.94 ? 73  LEU A CA  1 
ATOM   546  C C   . LEU A 1 70  ? -4.844  -2.463  8.824   1.00 14.85 ? 73  LEU A C   1 
ATOM   547  O O   . LEU A 1 70  ? -5.469  -1.742  9.611   1.00 13.41 ? 73  LEU A O   1 
ATOM   548  C CB  . LEU A 1 70  ? -6.006  -1.761  6.696   1.00 14.77 ? 73  LEU A CB  1 
ATOM   549  C CG  . LEU A 1 70  ? -5.066  -0.552  6.579   1.00 19.33 ? 73  LEU A CG  1 
ATOM   550  C CD1 . LEU A 1 70  ? -3.854  -0.874  5.698   1.00 14.10 ? 73  LEU A CD1 1 
ATOM   551  C CD2 . LEU A 1 70  ? -5.820  0.679   6.067   1.00 20.94 ? 73  LEU A CD2 1 
ATOM   552  N N   . GLU A 1 71  ? -3.592  -2.860  9.048   1.00 15.15 ? 74  GLU A N   1 
ATOM   553  C CA  . GLU A 1 71  ? -2.863  -2.467  10.255  1.00 14.19 ? 74  GLU A CA  1 
ATOM   554  C C   . GLU A 1 71  ? -1.850  -1.395  9.940   1.00 16.51 ? 74  GLU A C   1 
ATOM   555  O O   . GLU A 1 71  ? -1.433  -1.234  8.785   1.00 22.41 ? 74  GLU A O   1 
ATOM   556  C CB  . GLU A 1 71  ? -2.163  -3.667  10.905  1.00 13.66 ? 74  GLU A CB  1 
ATOM   557  C CG  . GLU A 1 71  ? -3.115  -4.604  11.639  1.00 17.06 ? 74  GLU A CG  1 
ATOM   558  C CD  . GLU A 1 71  ? -2.438  -5.851  12.191  1.00 32.62 ? 74  GLU A CD  1 
ATOM   559  O OE1 . GLU A 1 71  ? -1.248  -6.130  11.840  1.00 26.14 ? 74  GLU A OE1 1 
ATOM   560  O OE2 . GLU A 1 71  ? -3.121  -6.547  12.980  1.00 33.89 ? 74  GLU A OE2 1 
ATOM   561  N N   . ASN A 1 72  ? -1.453  -0.670  10.976  1.00 14.66 ? 75  ASN A N   1 
ATOM   562  C CA  . ASN A 1 72  ? -0.452  0.374   10.859  1.00 17.92 ? 75  ASN A CA  1 
ATOM   563  C C   . ASN A 1 72  ? 0.959   -0.228  11.025  1.00 20.95 ? 75  ASN A C   1 
ATOM   564  O O   . ASN A 1 72  ? 1.516   -0.236  12.129  1.00 21.38 ? 75  ASN A O   1 
ATOM   565  C CB  . ASN A 1 72  ? -0.743  1.425   11.924  1.00 21.91 ? 75  ASN A CB  1 
ATOM   566  C CG  . ASN A 1 72  ? 0.139   2.648   11.818  1.00 22.11 ? 75  ASN A CG  1 
ATOM   567  O OD1 . ASN A 1 72  ? 1.165   2.650   11.137  1.00 20.24 ? 75  ASN A OD1 1 
ATOM   568  N ND2 . ASN A 1 72  ? -0.248  3.695   12.530  1.00 25.96 ? 75  ASN A ND2 1 
ATOM   569  N N   . GLY A 1 73  ? 1.524   -0.731  9.922   1.00 14.15 ? 76  GLY A N   1 
ATOM   570  C CA  . GLY A 1 73  ? 2.789   -1.442  9.953   1.00 12.69 ? 76  GLY A CA  1 
ATOM   571  C C   . GLY A 1 73  ? 2.643   -2.802  10.613  1.00 18.55 ? 76  GLY A C   1 
ATOM   572  O O   . GLY A 1 73  ? 1.524   -3.301  10.761  1.00 18.85 ? 76  GLY A O   1 
ATOM   573  N N   . CYS A 1 74  ? 3.766   -3.408  11.004  1.00 21.27 ? 77  CYS A N   1 
ATOM   574  C CA  . CYS A 1 74  ? 3.742   -4.655  11.777  1.00 20.07 ? 77  CYS A CA  1 
ATOM   575  C C   . CYS A 1 74  ? 4.918   -4.745  12.755  1.00 21.22 ? 77  CYS A C   1 
ATOM   576  O O   . CYS A 1 74  ? 5.805   -3.885  12.772  1.00 18.46 ? 77  CYS A O   1 
ATOM   577  C CB  . CYS A 1 74  ? 3.781   -5.865  10.840  1.00 21.71 ? 77  CYS A CB  1 
ATOM   578  S SG  . CYS A 1 74  ? 5.389   -6.078  10.006  1.00 15.52 ? 77  CYS A SG  1 
ATOM   579  N N   . GLN A 1 75  ? 4.941   -5.813  13.549  1.00 26.99 ? 78  GLN A N   1 
ATOM   580  C CA  . GLN A 1 75  ? 6.052   -6.048  14.481  1.00 27.89 ? 78  GLN A CA  1 
ATOM   581  C C   . GLN A 1 75  ? 7.381   -6.133  13.721  1.00 24.25 ? 78  GLN A C   1 
ATOM   582  O O   . GLN A 1 75  ? 7.412   -6.599  12.580  1.00 26.57 ? 78  GLN A O   1 
ATOM   583  C CB  . GLN A 1 75  ? 5.805   -7.333  15.280  1.00 24.55 ? 78  GLN A CB  1 
ATOM   584  C CG  . GLN A 1 75  ? 6.910   -7.709  16.257  1.00 33.04 ? 78  GLN A CG  1 
ATOM   585  C CD  . GLN A 1 75  ? 6.926   -6.836  17.511  1.00 39.16 ? 78  GLN A CD  1 
ATOM   586  O OE1 . GLN A 1 75  ? 7.581   -5.783  17.556  1.00 35.87 ? 78  GLN A OE1 1 
ATOM   587  N NE2 . GLN A 1 75  ? 6.196   -7.271  18.537  1.00 36.06 ? 78  GLN A NE2 1 
ATOM   588  N N   . GLU A 1 76  ? 8.467   -5.661  14.326  1.00 23.18 ? 79  GLU A N   1 
ATOM   589  C CA  . GLU A 1 76  ? 9.798   -5.835  13.730  1.00 22.24 ? 79  GLU A CA  1 
ATOM   590  C C   . GLU A 1 76  ? 10.182  -7.307  13.645  1.00 21.82 ? 79  GLU A C   1 
ATOM   591  O O   . GLU A 1 76  ? 9.930   -8.091  14.578  1.00 20.90 ? 79  GLU A O   1 
ATOM   592  C CB  . GLU A 1 76  ? 10.866  -5.106  14.533  1.00 21.21 ? 79  GLU A CB  1 
ATOM   593  C CG  . GLU A 1 76  ? 10.628  -3.639  14.700  1.00 26.24 ? 79  GLU A CG  1 
ATOM   594  C CD  . GLU A 1 76  ? 11.769  -2.971  15.444  1.00 32.90 ? 79  GLU A CD  1 
ATOM   595  O OE1 . GLU A 1 76  ? 11.517  -2.377  16.521  1.00 32.48 ? 79  GLU A OE1 1 
ATOM   596  O OE2 . GLU A 1 76  ? 12.915  -3.044  14.944  1.00 31.15 ? 79  GLU A OE2 1 
ATOM   597  N N   . GLY A 1 77  ? 10.802  -7.679  12.529  1.00 19.99 ? 80  GLY A N   1 
ATOM   598  C CA  . GLY A 1 77  ? 11.234  -9.050  12.334  1.00 20.20 ? 80  GLY A CA  1 
ATOM   599  C C   . GLY A 1 77  ? 10.237  -9.893  11.566  1.00 22.77 ? 80  GLY A C   1 
ATOM   600  O O   . GLY A 1 77  ? 10.600  -10.971 11.066  1.00 19.89 ? 80  GLY A O   1 
ATOM   601  N N   . VAL A 1 78  ? 8.986   -9.419  11.482  1.00 17.97 ? 81  VAL A N   1 
ATOM   602  C CA  . VAL A 1 78  ? 7.953   -10.082 10.671  1.00 22.44 ? 81  VAL A CA  1 
ATOM   603  C C   . VAL A 1 78  ? 8.409   -10.145 9.214   1.00 15.72 ? 81  VAL A C   1 
ATOM   604  O O   . VAL A 1 78  ? 8.879   -9.144  8.670   1.00 17.68 ? 81  VAL A O   1 
ATOM   605  C CB  . VAL A 1 78  ? 6.594   -9.338  10.748  1.00 24.45 ? 81  VAL A CB  1 
ATOM   606  C CG1 . VAL A 1 78  ? 5.611   -9.873  9.732   1.00 18.33 ? 81  VAL A CG1 1 
ATOM   607  C CG2 . VAL A 1 78  ? 6.006   -9.434  12.156  1.00 26.71 ? 81  VAL A CG2 1 
ATOM   608  N N   . VAL A 1 79  ? 8.315   -11.313 8.587   1.00 16.41 ? 82  VAL A N   1 
ATOM   609  C CA  . VAL A 1 79  ? 8.621   -11.392 7.156   1.00 21.04 ? 82  VAL A CA  1 
ATOM   610  C C   . VAL A 1 79  ? 7.350   -11.160 6.337   1.00 16.73 ? 82  VAL A C   1 
ATOM   611  O O   . VAL A 1 79  ? 6.487   -12.036 6.258   1.00 18.82 ? 82  VAL A O   1 
ATOM   612  C CB  . VAL A 1 79  ? 9.284   -12.737 6.746   1.00 18.76 ? 82  VAL A CB  1 
ATOM   613  C CG1 . VAL A 1 79  ? 9.318   -12.866 5.214   1.00 20.55 ? 82  VAL A CG1 1 
ATOM   614  C CG2 . VAL A 1 79  ? 10.682  -12.852 7.323   1.00 14.29 ? 82  VAL A CG2 1 
ATOM   615  N N   . ALA A 1 80  ? 7.225   -9.976  5.742   1.00 16.83 ? 83  ALA A N   1 
ATOM   616  C CA  . ALA A 1 80  ? 6.043   -9.670  4.917   1.00 18.90 ? 83  ALA A CA  1 
ATOM   617  C C   . ALA A 1 80  ? 6.322   -9.910  3.433   1.00 18.92 ? 83  ALA A C   1 
ATOM   618  O O   . ALA A 1 80  ? 7.444   -10.250 3.039   1.00 18.09 ? 83  ALA A O   1 
ATOM   619  C CB  . ALA A 1 80  ? 5.580   -8.257  5.134   1.00 15.53 ? 83  ALA A CB  1 
ATOM   620  N N   . SER A 1 81  ? 5.290   -9.745  2.618   1.00 15.57 ? 84  SER A N   1 
ATOM   621  C CA  . SER A 1 81  ? 5.445   -9.816  1.179   1.00 15.32 ? 84  SER A CA  1 
ATOM   622  C C   . SER A 1 81  ? 5.087   -8.476  0.558   1.00 15.37 ? 84  SER A C   1 
ATOM   623  O O   . SER A 1 81  ? 4.052   -7.884  0.901   1.00 14.07 ? 84  SER A O   1 
ATOM   624  C CB  . SER A 1 81  ? 4.549   -10.902 0.595   1.00 14.43 ? 84  SER A CB  1 
ATOM   625  O OG  . SER A 1 81  ? 5.053   -12.178 0.901   1.00 24.55 ? 84  SER A OG  1 
ATOM   626  N N   . VAL A 1 82  ? 5.945   -7.990  -0.338  1.00 12.89 ? 85  VAL A N   1 
ATOM   627  C CA  . VAL A 1 82  ? 5.554   -6.887  -1.206  1.00 13.00 ? 85  VAL A CA  1 
ATOM   628  C C   . VAL A 1 82  ? 4.935   -7.494  -2.471  1.00 14.45 ? 85  VAL A C   1 
ATOM   629  O O   . VAL A 1 82  ? 5.612   -8.231  -3.211  1.00 13.34 ? 85  VAL A O   1 
ATOM   630  C CB  . VAL A 1 82  ? 6.735   -5.985  -1.560  1.00 12.18 ? 85  VAL A CB  1 
ATOM   631  C CG1 . VAL A 1 82  ? 6.242   -4.714  -2.272  1.00 11.20 ? 85  VAL A CG1 1 
ATOM   632  C CG2 . VAL A 1 82  ? 7.499   -5.618  -0.308  1.00 9.85  ? 85  VAL A CG2 1 
ATOM   633  N N   . LEU A 1 83  ? 3.646   -7.224  -2.693  1.00 12.52 ? 86  LEU A N   1 
ATOM   634  C CA  . LEU A 1 83  ? 2.961   -7.731  -3.886  1.00 13.26 ? 86  LEU A CA  1 
ATOM   635  C C   . LEU A 1 83  ? 3.224   -6.819  -5.088  1.00 11.60 ? 86  LEU A C   1 
ATOM   636  O O   . LEU A 1 83  ? 2.387   -5.974  -5.440  1.00 10.39 ? 86  LEU A O   1 
ATOM   637  C CB  . LEU A 1 83  ? 1.453   -7.887  -3.639  1.00 13.12 ? 86  LEU A CB  1 
ATOM   638  C CG  . LEU A 1 83  ? 1.033   -8.739  -2.430  1.00 15.85 ? 86  LEU A CG  1 
ATOM   639  C CD1 . LEU A 1 83  ? -0.482  -8.969  -2.385  1.00 13.54 ? 86  LEU A CD1 1 
ATOM   640  C CD2 . LEU A 1 83  ? 1.797   -10.078 -2.364  1.00 11.44 ? 86  LEU A CD2 1 
ATOM   641  N N   . VAL A 1 84  ? 4.393   -6.988  -5.710  1.00 9.93  ? 87  VAL A N   1 
ATOM   642  C CA  . VAL A 1 84  ? 4.779   -6.173  -6.860  1.00 10.81 ? 87  VAL A CA  1 
ATOM   643  C C   . VAL A 1 84  ? 4.163   -6.643  -8.193  1.00 14.27 ? 87  VAL A C   1 
ATOM   644  O O   . VAL A 1 84  ? 4.335   -7.803  -8.616  1.00 14.70 ? 87  VAL A O   1 
ATOM   645  C CB  . VAL A 1 84  ? 6.314   -6.078  -6.999  1.00 13.41 ? 87  VAL A CB  1 
ATOM   646  C CG1 . VAL A 1 84  ? 6.704   -5.408  -8.324  1.00 15.18 ? 87  VAL A CG1 1 
ATOM   647  C CG2 . VAL A 1 84  ? 6.903   -5.294  -5.825  1.00 13.98 ? 87  VAL A CG2 1 
ATOM   648  N N   . LYS A 1 85  ? 3.437   -5.737  -8.842  1.00 11.31 ? 88  LYS A N   1 
ATOM   649  C CA  . LYS A 1 85  ? 2.996   -5.950  -10.214 1.00 13.45 ? 88  LYS A CA  1 
ATOM   650  C C   . LYS A 1 85  ? 3.842   -5.108  -11.159 1.00 12.38 ? 88  LYS A C   1 
ATOM   651  O O   . LYS A 1 85  ? 4.230   -3.987  -10.828 1.00 12.88 ? 88  LYS A O   1 
ATOM   652  C CB  . LYS A 1 85  ? 1.508   -5.600  -10.393 1.00 12.11 ? 88  LYS A CB  1 
ATOM   653  C CG  . LYS A 1 85  ? 0.559   -6.786  -10.231 1.00 14.76 ? 88  LYS A CG  1 
ATOM   654  C CD  . LYS A 1 85  ? -0.913  -6.392  -10.444 1.00 12.05 ? 88  LYS A CD  1 
ATOM   655  C CE  . LYS A 1 85  ? -1.816  -7.623  -10.444 1.00 11.60 ? 88  LYS A CE  1 
ATOM   656  N NZ  . LYS A 1 85  ? -3.252  -7.318  -10.768 1.00 9.69  ? 88  LYS A NZ  1 
ATOM   657  N N   . ARG A 1 86  ? 4.123   -5.658  -12.338 1.00 12.86 ? 89  ARG A N   1 
ATOM   658  C CA  . ARG A 1 86  ? 4.758   -4.908  -13.414 1.00 12.11 ? 89  ARG A CA  1 
ATOM   659  C C   . ARG A 1 86  ? 3.721   -4.687  -14.527 1.00 9.53  ? 89  ARG A C   1 
ATOM   660  O O   . ARG A 1 86  ? 2.751   -5.436  -14.619 1.00 9.62  ? 89  ARG A O   1 
ATOM   661  C CB  . ARG A 1 86  ? 5.985   -5.670  -13.927 1.00 10.06 ? 89  ARG A CB  1 
ATOM   662  C CG  . ARG A 1 86  ? 7.075   -5.831  -12.888 1.00 10.59 ? 89  ARG A CG  1 
ATOM   663  C CD  . ARG A 1 86  ? 7.814   -4.513  -12.635 1.00 14.24 ? 89  ARG A CD  1 
ATOM   664  N NE  . ARG A 1 86  ? 8.419   -4.408  -11.304 1.00 15.70 ? 89  ARG A NE  1 
ATOM   665  C CZ  . ARG A 1 86  ? 9.537   -5.025  -10.914 1.00 16.05 ? 89  ARG A CZ  1 
ATOM   666  N NH1 . ARG A 1 86  ? 10.190  -5.827  -11.738 1.00 13.06 ? 89  ARG A NH1 1 
ATOM   667  N NH2 . ARG A 1 86  ? 10.000  -4.844  -9.683  1.00 17.01 ? 89  ARG A NH2 1 
ATOM   668  N N   . ALA A 1 87  ? 3.931   -3.661  -15.353 1.00 9.43  ? 90  ALA A N   1 
ATOM   669  C CA  . ALA A 1 87  ? 3.005   -3.290  -16.431 1.00 10.58 ? 90  ALA A CA  1 
ATOM   670  C C   . ALA A 1 87  ? 2.692   -4.431  -17.391 1.00 12.17 ? 90  ALA A C   1 
ATOM   671  O O   . ALA A 1 87  ? 1.634   -4.455  -18.008 1.00 14.73 ? 90  ALA A O   1 
ATOM   672  C CB  . ALA A 1 87  ? 3.545   -2.101  -17.202 1.00 10.46 ? 90  ALA A CB  1 
ATOM   673  N N   . SER A 1 88  ? 3.624   -5.367  -17.516 1.00 11.67 ? 91  SER A N   1 
ATOM   674  C CA  . SER A 1 88  ? 3.437   -6.571  -18.315 1.00 12.32 ? 91  SER A CA  1 
ATOM   675  C C   . SER A 1 88  ? 2.361   -7.477  -17.707 1.00 14.49 ? 91  SER A C   1 
ATOM   676  O O   . SER A 1 88  ? 1.890   -8.421  -18.369 1.00 10.95 ? 91  SER A O   1 
ATOM   677  C CB  . SER A 1 88  ? 4.739   -7.362  -18.346 1.00 12.58 ? 91  SER A CB  1 
ATOM   678  O OG  . SER A 1 88  ? 5.014   -7.893  -17.054 1.00 13.60 ? 91  SER A OG  1 
ATOM   679  N N   . GLY A 1 89  ? 2.008   -7.222  -16.440 1.00 12.81 ? 92  GLY A N   1 
ATOM   680  C CA  . GLY A 1 89  ? 1.099   -8.089  -15.703 1.00 11.77 ? 92  GLY A CA  1 
ATOM   681  C C   . GLY A 1 89  ? 1.801   -9.135  -14.854 1.00 10.83 ? 92  GLY A C   1 
ATOM   682  O O   . GLY A 1 89  ? 1.157   -9.897  -14.123 1.00 10.98 ? 92  GLY A O   1 
ATOM   683  N N   . GLU A 1 90  ? 3.126   -9.168  -14.946 1.00 13.61 ? 93  GLU A N   1 
ATOM   684  C CA  . GLU A 1 90  ? 3.942   -10.038 -14.098 1.00 14.70 ? 93  GLU A CA  1 
ATOM   685  C C   . GLU A 1 90  ? 3.744   -9.734  -12.602 1.00 12.29 ? 93  GLU A C   1 
ATOM   686  O O   . GLU A 1 90  ? 3.523   -8.580  -12.202 1.00 9.76  ? 93  GLU A O   1 
ATOM   687  C CB  . GLU A 1 90  ? 5.421   -9.931  -14.467 1.00 11.11 ? 93  GLU A CB  1 
ATOM   688  C CG  . GLU A 1 90  ? 6.313   -10.845 -13.635 1.00 19.09 ? 93  GLU A CG  1 
ATOM   689  C CD  . GLU A 1 90  ? 7.787   -10.821 -14.045 1.00 25.98 ? 93  GLU A CD  1 
ATOM   690  O OE1 . GLU A 1 90  ? 8.170   -9.971  -14.885 1.00 23.47 ? 93  GLU A OE1 1 
ATOM   691  O OE2 . GLU A 1 90  ? 8.558   -11.660 -13.514 1.00 24.89 ? 93  GLU A OE2 1 
ATOM   692  N N   . MET A 1 91  ? 3.795   -10.786 -11.787 1.00 12.31 ? 94  MET A N   1 
ATOM   693  C CA  . MET A 1 91  ? 3.544   -10.673 -10.353 1.00 15.55 ? 94  MET A CA  1 
ATOM   694  C C   . MET A 1 91  ? 4.762   -11.145 -9.570  1.00 15.11 ? 94  MET A C   1 
ATOM   695  O O   . MET A 1 91  ? 5.203   -12.291 -9.712  1.00 16.59 ? 94  MET A O   1 
ATOM   696  C CB  . MET A 1 91  ? 2.313   -11.488 -9.954  1.00 11.35 ? 94  MET A CB  1 
ATOM   697  C CG  . MET A 1 91  ? 1.015   -10.957 -10.516 1.00 12.64 ? 94  MET A CG  1 
ATOM   698  S SD  . MET A 1 91  ? -0.321  -12.189 -10.563 1.00 19.38 ? 94  MET A SD  1 
ATOM   699  C CE  . MET A 1 91  ? 0.453   -13.414 -11.623 1.00 16.18 ? 94  MET A CE  1 
ATOM   700  N N   . LEU A 1 92  ? 5.318   -10.259 -8.755  1.00 12.68 ? 95  LEU A N   1 
ATOM   701  C CA  . LEU A 1 92  ? 6.504   -10.613 -7.988  1.00 14.18 ? 95  LEU A CA  1 
ATOM   702  C C   . LEU A 1 92  ? 6.225   -10.437 -6.512  1.00 14.64 ? 95  LEU A C   1 
ATOM   703  O O   . LEU A 1 92  ? 6.101   -9.299  -6.042  1.00 16.45 ? 95  LEU A O   1 
ATOM   704  C CB  . LEU A 1 92  ? 7.681   -9.735  -8.381  1.00 14.47 ? 95  LEU A CB  1 
ATOM   705  C CG  . LEU A 1 92  ? 8.056   -9.743  -9.859  1.00 19.78 ? 95  LEU A CG  1 
ATOM   706  C CD1 . LEU A 1 92  ? 8.927   -8.535  -10.211 1.00 19.88 ? 95  LEU A CD1 1 
ATOM   707  C CD2 . LEU A 1 92  ? 8.777   -11.034 -10.198 1.00 20.96 ? 95  LEU A CD2 1 
ATOM   708  N N   . ALA A 1 93  ? 6.118   -11.554 -5.787  1.00 14.88 ? 96  ALA A N   1 
ATOM   709  C CA  . ALA A 1 93  ? 5.980   -11.530 -4.331  1.00 12.99 ? 96  ALA A CA  1 
ATOM   710  C C   . ALA A 1 93  ? 7.361   -11.362 -3.715  1.00 18.65 ? 96  ALA A C   1 
ATOM   711  O O   . ALA A 1 93  ? 8.100   -12.341 -3.603  1.00 19.29 ? 96  ALA A O   1 
ATOM   712  C CB  . ALA A 1 93  ? 5.347   -12.807 -3.838  1.00 11.59 ? 96  ALA A CB  1 
ATOM   713  N N   . LEU A 1 94  ? 7.713   -10.136 -3.319  1.00 16.01 ? 97  LEU A N   1 
ATOM   714  C CA  . LEU A 1 94  ? 9.018   -9.893  -2.708  1.00 14.36 ? 97  LEU A CA  1 
ATOM   715  C C   . LEU A 1 94  ? 8.981   -10.077 -1.181  1.00 17.46 ? 97  LEU A C   1 
ATOM   716  O O   . LEU A 1 94  ? 8.244   -9.368  -0.466  1.00 18.20 ? 97  LEU A O   1 
ATOM   717  C CB  . LEU A 1 94  ? 9.542   -8.500  -3.075  1.00 17.55 ? 97  LEU A CB  1 
ATOM   718  C CG  . LEU A 1 94  ? 9.721   -8.197  -4.571  1.00 21.36 ? 97  LEU A CG  1 
ATOM   719  C CD1 . LEU A 1 94  ? 10.491  -6.900  -4.832  1.00 15.18 ? 97  LEU A CD1 1 
ATOM   720  C CD2 . LEU A 1 94  ? 10.401  -9.365  -5.270  1.00 19.86 ? 97  LEU A CD2 1 
ATOM   721  N N   . ALA A 1 95  ? 9.765   -11.030 -0.682  1.00 17.65 ? 98  ALA A N   1 
ATOM   722  C CA  . ALA A 1 95  ? 9.918   -11.215 0.767   1.00 15.47 ? 98  ALA A CA  1 
ATOM   723  C C   . ALA A 1 95  ? 10.682  -10.043 1.349   1.00 17.46 ? 98  ALA A C   1 
ATOM   724  O O   . ALA A 1 95  ? 11.689  -9.599  0.781   1.00 19.98 ? 98  ALA A O   1 
ATOM   725  C CB  . ALA A 1 95  ? 10.628  -12.535 1.092   1.00 13.49 ? 98  ALA A CB  1 
ATOM   726  N N   . VAL A 1 96  ? 10.199  -9.539  2.477   1.00 17.19 ? 99  VAL A N   1 
ATOM   727  C CA  . VAL A 1 96  ? 10.828  -8.406  3.132   1.00 15.60 ? 99  VAL A CA  1 
ATOM   728  C C   . VAL A 1 96  ? 10.732  -8.561  4.637   1.00 17.35 ? 99  VAL A C   1 
ATOM   729  O O   . VAL A 1 96  ? 9.635   -8.781  5.178   1.00 16.60 ? 99  VAL A O   1 
ATOM   730  C CB  . VAL A 1 96  ? 10.186  -7.069  2.683   1.00 17.91 ? 99  VAL A CB  1 
ATOM   731  C CG1 . VAL A 1 96  ? 8.658   -7.095  2.868   1.00 16.15 ? 99  VAL A CG1 1 
ATOM   732  C CG2 . VAL A 1 96  ? 10.822  -5.896  3.425   1.00 16.31 ? 99  VAL A CG2 1 
ATOM   733  N N   . ARG A 1 97  ? 11.883  -8.487  5.312   1.00 21.25 ? 100 ARG A N   1 
ATOM   734  C CA  . ARG A 1 97  ? 11.914  -8.502  6.777   1.00 17.69 ? 100 ARG A CA  1 
ATOM   735  C C   . ARG A 1 97  ? 11.648  -7.094  7.261   1.00 15.82 ? 100 ARG A C   1 
ATOM   736  O O   . ARG A 1 97  ? 12.481  -6.209  7.081   1.00 16.24 ? 100 ARG A O   1 
ATOM   737  C CB  . ARG A 1 97  ? 13.262  -9.002  7.327   1.00 20.05 ? 100 ARG A CB  1 
ATOM   738  C CG  . ARG A 1 97  ? 13.401  -8.879  8.879   1.00 26.82 ? 100 ARG A CG  1 
ATOM   739  C CD  . ARG A 1 97  ? 14.593  -9.674  9.443   1.00 29.46 ? 100 ARG A CD  1 
ATOM   740  N NE  . ARG A 1 97  ? 14.675  -11.024 8.863   1.00 45.11 ? 100 ARG A NE  1 
ATOM   741  C CZ  . ARG A 1 97  ? 15.685  -11.475 8.108   1.00 47.68 ? 100 ARG A CZ  1 
ATOM   742  N NH1 . ARG A 1 97  ? 16.735  -10.699 7.842   1.00 40.34 ? 100 ARG A NH1 1 
ATOM   743  N NH2 . ARG A 1 97  ? 15.653  -12.716 7.626   1.00 44.84 ? 100 ARG A NH2 1 
ATOM   744  N N   . MET A 1 98  ? 10.484  -6.878  7.867   1.00 15.26 ? 101 MET A N   1 
ATOM   745  C CA  . MET A 1 98  ? 10.106  -5.528  8.286   1.00 17.78 ? 101 MET A CA  1 
ATOM   746  C C   . MET A 1 98  ? 10.987  -5.022  9.421   1.00 19.22 ? 101 MET A C   1 
ATOM   747  O O   . MET A 1 98  ? 11.319  -5.774  10.343  1.00 22.57 ? 101 MET A O   1 
ATOM   748  C CB  . MET A 1 98  ? 8.622   -5.472  8.652   1.00 15.63 ? 101 MET A CB  1 
ATOM   749  C CG  . MET A 1 98  ? 7.700   -5.704  7.452   1.00 15.86 ? 101 MET A CG  1 
ATOM   750  S SD  . MET A 1 98  ? 8.188   -4.767  5.972   1.00 13.05 ? 101 MET A SD  1 
ATOM   751  C CE  . MET A 1 98  ? 7.923   -3.095  6.592   1.00 12.45 ? 101 MET A CE  1 
ATOM   752  N N   . GLY A 1 99  ? 11.395  -3.758  9.348   1.00 20.33 ? 102 GLY A N   1 
ATOM   753  C CA  . GLY A 1 99  ? 12.285  -3.212  10.365  1.00 20.14 ? 102 GLY A CA  1 
ATOM   754  C C   . GLY A 1 99  ? 11.695  -2.090  11.207  1.00 25.86 ? 102 GLY A C   1 
ATOM   755  O O   . GLY A 1 99  ? 10.534  -2.141  11.636  1.00 23.56 ? 102 GLY A O   1 
ATOM   756  N N   . SER A 1 100 ? 12.499  -1.067  11.456  1.00 25.20 ? 103 SER A N   1 
ATOM   757  C CA  . SER A 1 100 ? 12.055  0.035   12.285  1.00 28.04 ? 103 SER A CA  1 
ATOM   758  C C   . SER A 1 100 ? 11.720  1.264   11.438  1.00 31.96 ? 103 SER A C   1 
ATOM   759  O O   . SER A 1 100 ? 11.760  1.205   10.213  1.00 31.52 ? 103 SER A O   1 
ATOM   760  C CB  . SER A 1 100 ? 13.118  0.361   13.332  1.00 30.42 ? 103 SER A CB  1 
ATOM   761  O OG  . SER A 1 100 ? 14.361  0.634   12.721  1.00 36.11 ? 103 SER A OG  1 
ATOM   762  N N   . GLN A 1 101 ? 11.407  2.377   12.095  1.00 36.52 ? 104 GLN A N   1 
ATOM   763  C CA  . GLN A 1 101 ? 10.940  3.588   11.413  1.00 40.51 ? 104 GLN A CA  1 
ATOM   764  C C   . GLN A 1 101 ? 12.085  4.464   10.890  1.00 43.26 ? 104 GLN A C   1 
ATOM   765  O O   . GLN A 1 101 ? 13.026  4.761   11.629  1.00 51.20 ? 104 GLN A O   1 
ATOM   766  C CB  . GLN A 1 101 ? 10.065  4.411   12.368  1.00 35.29 ? 104 GLN A CB  1 
ATOM   767  C CG  . GLN A 1 101 ? 8.986   3.593   13.063  1.00 35.86 ? 104 GLN A CG  1 
ATOM   768  C CD  . GLN A 1 101 ? 7.905   3.138   12.093  1.00 39.55 ? 104 GLN A CD  1 
ATOM   769  O OE1 . GLN A 1 101 ? 7.716   3.751   11.040  1.00 42.96 ? 104 GLN A OE1 1 
ATOM   770  N NE2 . GLN A 1 101 ? 7.194   2.060   12.437  1.00 27.52 ? 104 GLN A NE2 1 
ATOM   771  N N   . ALA A 1 102 ? 12.004  4.874   9.622   1.00 41.10 ? 105 ALA A N   1 
ATOM   772  C CA  . ALA A 1 102 ? 12.934  5.868   9.066   1.00 39.82 ? 105 ALA A CA  1 
ATOM   773  C C   . ALA A 1 102 ? 12.210  6.918   8.210   1.00 37.98 ? 105 ALA A C   1 
ATOM   774  O O   . ALA A 1 102 ? 11.042  6.758   7.873   1.00 34.18 ? 105 ALA A O   1 
ATOM   775  C CB  . ALA A 1 102 ? 14.040  5.188   8.264   1.00 28.60 ? 105 ALA A CB  1 
ATOM   776  N N   . ALA A 1 103 ? 12.907  7.991   7.858   1.00 42.77 ? 106 ALA A N   1 
ATOM   777  C CA  . ALA A 1 103 ? 12.357  8.956   6.914   1.00 40.58 ? 106 ALA A CA  1 
ATOM   778  C C   . ALA A 1 103 ? 13.127  8.876   5.607   1.00 45.16 ? 106 ALA A C   1 
ATOM   779  O O   . ALA A 1 103 ? 14.137  8.176   5.508   1.00 40.64 ? 106 ALA A O   1 
ATOM   780  C CB  . ALA A 1 103 ? 12.405  10.362  7.467   1.00 40.83 ? 106 ALA A CB  1 
ATOM   781  N N   . ILE A 1 104 ? 12.642  9.608   4.611   1.00 47.75 ? 107 ILE A N   1 
ATOM   782  C CA  . ILE A 1 104 ? 13.237  9.612   3.286   1.00 40.07 ? 107 ILE A CA  1 
ATOM   783  C C   . ILE A 1 104 ? 12.617  10.793  2.564   1.00 36.86 ? 107 ILE A C   1 
ATOM   784  O O   . ILE A 1 104 ? 11.466  11.133  2.821   1.00 40.72 ? 107 ILE A O   1 
ATOM   785  C CB  . ILE A 1 104 ? 12.940  8.272   2.532   1.00 41.78 ? 107 ILE A CB  1 
ATOM   786  C CG1 . ILE A 1 104 ? 13.743  8.170   1.235   1.00 43.90 ? 107 ILE A CG1 1 
ATOM   787  C CG2 . ILE A 1 104 ? 11.456  8.115   2.243   1.00 37.59 ? 107 ILE A CG2 1 
ATOM   788  C CD1 . ILE A 1 104 ? 13.644  6.810   0.541   1.00 48.14 ? 107 ILE A CD1 1 
ATOM   789  N N   . LYS A 1 105 ? 13.379  11.443  1.693   1.00 40.14 ? 108 LYS A N   1 
ATOM   790  C CA  . LYS A 1 105 ? 12.821  12.506  0.873   1.00 38.15 ? 108 LYS A CA  1 
ATOM   791  C C   . LYS A 1 105 ? 12.078  11.869  -0.285  1.00 40.16 ? 108 LYS A C   1 
ATOM   792  O O   . LYS A 1 105 ? 12.605  10.972  -0.939  1.00 44.11 ? 108 LYS A O   1 
ATOM   793  C CB  . LYS A 1 105 ? 13.919  13.434  0.351   1.00 37.42 ? 108 LYS A CB  1 
ATOM   794  C CG  . LYS A 1 105 ? 13.523  14.921  0.336   1.00 41.20 ? 108 LYS A CG  1 
ATOM   795  C CD  . LYS A 1 105 ? 14.671  15.806  -0.175  1.00 51.68 ? 108 LYS A CD  1 
ATOM   796  C CE  . LYS A 1 105 ? 14.756  15.807  -1.708  1.00 56.21 ? 108 LYS A CE  1 
ATOM   797  N NZ  . LYS A 1 105 ? 15.971  16.515  -2.224  1.00 49.95 ? 108 LYS A NZ  1 
ATOM   798  N N   . ILE A 1 106 ? 10.844  12.304  -0.518  1.00 47.64 ? 109 ILE A N   1 
ATOM   799  C CA  . ILE A 1 106 ? 10.072  11.844  -1.678  1.00 50.29 ? 109 ILE A CA  1 
ATOM   800  C C   . ILE A 1 106 ? 9.427   13.044  -2.365  1.00 49.99 ? 109 ILE A C   1 
ATOM   801  O O   . ILE A 1 106 ? 8.409   13.568  -1.898  1.00 52.79 ? 109 ILE A O   1 
ATOM   802  C CB  . ILE A 1 106 ? 8.993   10.796  -1.293  1.00 45.54 ? 109 ILE A CB  1 
ATOM   803  C CG1 . ILE A 1 106 ? 9.648   9.520   -0.764  1.00 45.66 ? 109 ILE A CG1 1 
ATOM   804  C CG2 . ILE A 1 106 ? 8.109   10.452  -2.500  1.00 36.97 ? 109 ILE A CG2 1 
ATOM   805  C CD1 . ILE A 1 106 ? 10.313  8.677   -1.842  1.00 37.59 ? 109 ILE A CD1 1 
ATOM   806  N N   . GLY A 1 107 ? 10.030  13.480  -3.470  1.00 44.34 ? 110 GLY A N   1 
ATOM   807  C CA  . GLY A 1 107 ? 9.583   14.674  -4.161  1.00 45.14 ? 110 GLY A CA  1 
ATOM   808  C C   . GLY A 1 107 ? 9.786   15.912  -3.305  1.00 56.33 ? 110 GLY A C   1 
ATOM   809  O O   . GLY A 1 107 ? 10.864  16.111  -2.734  1.00 54.13 ? 110 GLY A O   1 
ATOM   810  N N   . SER A 1 108 ? 8.736   16.724  -3.197  1.00 59.08 ? 111 SER A N   1 
ATOM   811  C CA  . SER A 1 108 ? 8.799   17.998  -2.484  1.00 58.32 ? 111 SER A CA  1 
ATOM   812  C C   . SER A 1 108 ? 9.377   17.891  -1.066  1.00 58.97 ? 111 SER A C   1 
ATOM   813  O O   . SER A 1 108 ? 10.261  18.667  -0.696  1.00 60.82 ? 111 SER A O   1 
ATOM   814  C CB  . SER A 1 108 ? 7.421   18.677  -2.462  1.00 55.68 ? 111 SER A CB  1 
ATOM   815  O OG  . SER A 1 108 ? 6.510   18.017  -1.597  1.00 60.41 ? 111 SER A OG  1 
ATOM   816  N N   . ALA A 1 109 ? 8.905   16.918  -0.289  1.00 59.41 ? 112 ALA A N   1 
ATOM   817  C CA  . ALA A 1 109 ? 9.270   16.852  1.129   1.00 52.87 ? 112 ALA A CA  1 
ATOM   818  C C   . ALA A 1 109 ? 9.539   15.449  1.698   1.00 45.51 ? 112 ALA A C   1 
ATOM   819  O O   . ALA A 1 109 ? 9.589   14.451  0.975   1.00 44.79 ? 112 ALA A O   1 
ATOM   820  C CB  . ALA A 1 109 ? 8.223   17.584  1.977   1.00 46.61 ? 112 ALA A CB  1 
ATOM   821  N N   . VAL A 1 110 ? 9.687   15.405  3.018   1.00 37.00 ? 113 VAL A N   1 
ATOM   822  C CA  . VAL A 1 110 ? 10.167  14.233  3.739   1.00 37.29 ? 113 VAL A CA  1 
ATOM   823  C C   . VAL A 1 110 ? 9.006   13.460  4.357   1.00 36.51 ? 113 VAL A C   1 
ATOM   824  O O   . VAL A 1 110 ? 8.304   13.979  5.227   1.00 37.15 ? 113 VAL A O   1 
ATOM   825  C CB  . VAL A 1 110 ? 11.148  14.668  4.895   1.00 40.34 ? 113 VAL A CB  1 
ATOM   826  C CG1 . VAL A 1 110 ? 11.480  13.501  5.833   1.00 39.85 ? 113 VAL A CG1 1 
ATOM   827  C CG2 . VAL A 1 110 ? 12.435  15.313  4.344   1.00 30.90 ? 113 VAL A CG2 1 
ATOM   828  N N   . VAL A 1 111 ? 8.798   12.217  3.933   1.00 35.39 ? 114 VAL A N   1 
ATOM   829  C CA  . VAL A 1 111 ? 7.800   11.388  4.610   1.00 29.60 ? 114 VAL A CA  1 
ATOM   830  C C   . VAL A 1 111 ? 8.459   10.384  5.537   1.00 35.45 ? 114 VAL A C   1 
ATOM   831  O O   . VAL A 1 111 ? 9.688   10.213  5.527   1.00 38.37 ? 114 VAL A O   1 
ATOM   832  C CB  . VAL A 1 111 ? 6.852   10.653  3.632   1.00 35.09 ? 114 VAL A CB  1 
ATOM   833  C CG1 . VAL A 1 111 ? 6.084   11.668  2.758   1.00 31.52 ? 114 VAL A CG1 1 
ATOM   834  C CG2 . VAL A 1 111 ? 7.607   9.608   2.782   1.00 20.81 ? 114 VAL A CG2 1 
ATOM   835  N N   . HIS A 1 112 ? 7.630   9.708   6.324   1.00 35.12 ? 115 HIS A N   1 
ATOM   836  C CA  . HIS A 1 112 ? 8.114   8.803   7.344   1.00 30.58 ? 115 HIS A CA  1 
ATOM   837  C C   . HIS A 1 112 ? 7.386   7.486   7.145   1.00 32.81 ? 115 HIS A C   1 
ATOM   838  O O   . HIS A 1 112 ? 6.190   7.499   6.856   1.00 37.00 ? 115 HIS A O   1 
ATOM   839  C CB  . HIS A 1 112 ? 7.796   9.392   8.719   1.00 37.32 ? 115 HIS A CB  1 
ATOM   840  C CG  . HIS A 1 112 ? 8.706   8.925   9.813   1.00 45.61 ? 115 HIS A CG  1 
ATOM   841  N ND1 . HIS A 1 112 ? 9.705   9.722   10.340  1.00 41.54 ? 115 HIS A ND1 1 
ATOM   842  C CD2 . HIS A 1 112 ? 8.763   7.749   10.490  1.00 41.72 ? 115 HIS A CD2 1 
ATOM   843  C CE1 . HIS A 1 112 ? 10.337  9.053   11.290  1.00 46.55 ? 115 HIS A CE1 1 
ATOM   844  N NE2 . HIS A 1 112 ? 9.788   7.856   11.402  1.00 48.27 ? 115 HIS A NE2 1 
ATOM   845  N N   . GLY A 1 113 ? 8.104   6.364   7.282   1.00 36.45 ? 116 GLY A N   1 
ATOM   846  C CA  . GLY A 1 113 ? 7.536   5.031   7.080   1.00 29.81 ? 116 GLY A CA  1 
ATOM   847  C C   . GLY A 1 113 ? 8.361   3.881   7.658   1.00 31.07 ? 116 GLY A C   1 
ATOM   848  O O   . GLY A 1 113 ? 9.475   4.097   8.151   1.00 33.19 ? 116 GLY A O   1 
ATOM   849  N N   . GLN A 1 114 ? 7.819   2.659   7.599   1.00 24.58 ? 117 GLN A N   1 
ATOM   850  C CA  . GLN A 1 114 ? 8.510   1.474   8.128   1.00 22.72 ? 117 GLN A CA  1 
ATOM   851  C C   . GLN A 1 114 ? 9.487   0.860   7.113   1.00 19.42 ? 117 GLN A C   1 
ATOM   852  O O   . GLN A 1 114 ? 9.071   0.343   6.075   1.00 20.51 ? 117 GLN A O   1 
ATOM   853  C CB  . GLN A 1 114 ? 7.513   0.398   8.615   1.00 17.29 ? 117 GLN A CB  1 
ATOM   854  C CG  . GLN A 1 114 ? 8.129   -0.579  9.624   1.00 15.55 ? 117 GLN A CG  1 
ATOM   855  C CD  . GLN A 1 114 ? 7.188   -1.677  10.118  1.00 19.00 ? 117 GLN A CD  1 
ATOM   856  O OE1 . GLN A 1 114 ? 5.977   -1.623  9.926   1.00 23.77 ? 117 GLN A OE1 1 
ATOM   857  N NE2 . GLN A 1 114 ? 7.755   -2.679  10.780  1.00 18.76 ? 117 GLN A NE2 1 
ATOM   858  N N   . THR A 1 115 ? 10.780  0.911   7.428   1.00 15.20 ? 118 THR A N   1 
ATOM   859  C CA  . THR A 1 115 ? 11.811  0.301   6.601   1.00 13.77 ? 118 THR A CA  1 
ATOM   860  C C   . THR A 1 115 ? 11.607  -1.191  6.542   1.00 16.73 ? 118 THR A C   1 
ATOM   861  O O   . THR A 1 115 ? 10.907  -1.778  7.385   1.00 17.34 ? 118 THR A O   1 
ATOM   862  C CB  . THR A 1 115 ? 13.236  0.515   7.160   1.00 16.42 ? 118 THR A CB  1 
ATOM   863  O OG1 . THR A 1 115 ? 13.342  -0.074  8.467   1.00 20.85 ? 118 THR A OG1 1 
ATOM   864  C CG2 . THR A 1 115 ? 13.560  1.956   7.242   1.00 16.20 ? 118 THR A CG2 1 
ATOM   865  N N   . GLY A 1 116 ? 12.244  -1.812  5.559   1.00 11.93 ? 119 GLY A N   1 
ATOM   866  C CA  . GLY A 1 116 ? 12.225  -3.253  5.468   1.00 15.19 ? 119 GLY A CA  1 
ATOM   867  C C   . GLY A 1 116 ? 13.452  -3.720  4.726   1.00 14.48 ? 119 GLY A C   1 
ATOM   868  O O   . GLY A 1 116 ? 14.081  -2.931  4.019   1.00 17.28 ? 119 GLY A O   1 
ATOM   869  N N   . MET A 1 117 ? 13.795  -4.995  4.882   1.00 15.17 ? 120 MET A N   1 
ATOM   870  C CA  . MET A 1 117 ? 14.952  -5.556  4.201   1.00 19.07 ? 120 MET A CA  1 
ATOM   871  C C   . MET A 1 117 ? 14.518  -6.595  3.168   1.00 21.36 ? 120 MET A C   1 
ATOM   872  O O   . MET A 1 117 ? 13.953  -7.639  3.524   1.00 19.78 ? 120 MET A O   1 
ATOM   873  C CB  . MET A 1 117 ? 15.945  -6.163  5.206   1.00 20.63 ? 120 MET A CB  1 
ATOM   874  C CG  . MET A 1 117 ? 17.272  -6.574  4.569   1.00 29.46 ? 120 MET A CG  1 
ATOM   875  S SD  . MET A 1 117 ? 18.698  -6.751  5.672   1.00 64.51 ? 120 MET A SD  1 
ATOM   876  C CE  . MET A 1 117 ? 18.454  -8.409  6.317   1.00 48.38 ? 120 MET A CE  1 
ATOM   877  N N   . LEU A 1 118 ? 14.774  -6.308  1.890   1.00 23.40 ? 121 LEU A N   1 
ATOM   878  C CA  . LEU A 1 118 ? 14.483  -7.280  0.829   1.00 26.40 ? 121 LEU A CA  1 
ATOM   879  C C   . LEU A 1 118 ? 15.298  -8.544  1.063   1.00 26.07 ? 121 LEU A C   1 
ATOM   880  O O   . LEU A 1 118 ? 16.524  -8.497  1.193   1.00 27.28 ? 121 LEU A O   1 
ATOM   881  C CB  . LEU A 1 118 ? 14.744  -6.713  -0.576  1.00 21.77 ? 121 LEU A CB  1 
ATOM   882  C CG  . LEU A 1 118 ? 13.760  -5.623  -1.025  1.00 25.36 ? 121 LEU A CG  1 
ATOM   883  C CD1 . LEU A 1 118 ? 13.950  -5.241  -2.493  1.00 23.04 ? 121 LEU A CD1 1 
ATOM   884  C CD2 . LEU A 1 118 ? 12.327  -6.054  -0.758  1.00 21.81 ? 121 LEU A CD2 1 
ATOM   885  N N   . LEU A 1 119 ? 14.602  -9.668  1.143   1.00 21.56 ? 122 LEU A N   1 
ATOM   886  C CA  . LEU A 1 119 ? 15.251  -10.941 1.386   1.00 27.92 ? 122 LEU A CA  1 
ATOM   887  C C   . LEU A 1 119 ? 15.546  -11.667 0.070   1.00 38.94 ? 122 LEU A C   1 
ATOM   888  O O   . LEU A 1 119 ? 14.703  -11.713 -0.834  1.00 40.13 ? 122 LEU A O   1 
ATOM   889  C CB  . LEU A 1 119 ? 14.381  -11.812 2.299   1.00 21.71 ? 122 LEU A CB  1 
ATOM   890  C CG  . LEU A 1 119 ? 14.071  -11.183 3.652   1.00 26.04 ? 122 LEU A CG  1 
ATOM   891  C CD1 . LEU A 1 119 ? 13.152  -12.085 4.490   1.00 26.67 ? 122 LEU A CD1 1 
ATOM   892  C CD2 . LEU A 1 119 ? 15.365  -10.858 4.388   1.00 23.32 ? 122 LEU A CD2 1 
ATOM   893  N N   . THR A 1 120 ? 16.746  -12.224 -0.043  1.00 35.44 ? 123 THR A N   1 
ATOM   894  C CA  . THR A 1 120 ? 17.063  -13.106 -1.164  1.00 40.32 ? 123 THR A CA  1 
ATOM   895  C C   . THR A 1 120 ? 16.891  -14.569 -0.734  1.00 46.12 ? 123 THR A C   1 
ATOM   896  O O   . THR A 1 120 ? 16.984  -14.888 0.457   1.00 47.91 ? 123 THR A O   1 
ATOM   897  C CB  . THR A 1 120 ? 18.492  -12.862 -1.694  1.00 39.64 ? 123 THR A CB  1 
ATOM   898  O OG1 . THR A 1 120 ? 19.427  -12.935 -0.606  1.00 34.98 ? 123 THR A OG1 1 
ATOM   899  C CG2 . THR A 1 120 ? 18.594  -11.481 -2.372  1.00 34.22 ? 123 THR A CG2 1 
ATOM   900  N N   . GLY A 1 121 ? 16.620  -15.451 -1.693  1.00 45.07 ? 124 GLY A N   1 
ATOM   901  C CA  . GLY A 1 121 ? 16.541  -16.871 -1.400  1.00 51.00 ? 124 GLY A CA  1 
ATOM   902  C C   . GLY A 1 121 ? 17.913  -17.460 -1.116  1.00 49.77 ? 124 GLY A C   1 
ATOM   903  O O   . GLY A 1 121 ? 18.056  -18.664 -0.889  1.00 54.92 ? 124 GLY A O   1 
ATOM   904  N N   . GLY A 1 130 ? 14.999  -6.824  -7.350  1.00 17.39 ? 133 GLY A N   1 
ATOM   905  C CA  . GLY A 1 130 ? 14.267  -6.075  -6.341  1.00 19.16 ? 133 GLY A CA  1 
ATOM   906  C C   . GLY A 1 130 ? 13.162  -5.190  -6.907  1.00 24.07 ? 133 GLY A C   1 
ATOM   907  O O   . GLY A 1 130 ? 12.565  -5.513  -7.928  1.00 21.47 ? 133 GLY A O   1 
ATOM   908  N N   . THR A 1 131 ? 12.879  -4.072  -6.241  1.00 26.56 ? 134 THR A N   1 
ATOM   909  C CA  . THR A 1 131 ? 11.870  -3.133  -6.729  1.00 22.64 ? 134 THR A CA  1 
ATOM   910  C C   . THR A 1 131 ? 12.455  -2.116  -7.703  1.00 21.23 ? 134 THR A C   1 
ATOM   911  O O   . THR A 1 131 ? 13.659  -1.898  -7.739  1.00 24.01 ? 134 THR A O   1 
ATOM   912  C CB  . THR A 1 131 ? 11.178  -2.354  -5.586  1.00 23.55 ? 134 THR A CB  1 
ATOM   913  O OG1 . THR A 1 131 ? 12.059  -1.340  -5.084  1.00 22.88 ? 134 THR A OG1 1 
ATOM   914  C CG2 . THR A 1 131 ? 10.740  -3.290  -4.460  1.00 18.56 ? 134 THR A CG2 1 
ATOM   915  N N   . ILE A 1 132 ? 11.573  -1.514  -8.494  1.00 23.84 ? 135 ILE A N   1 
ATOM   916  C CA  . ILE A 1 132 ? 11.900  -0.421  -9.410  1.00 24.27 ? 135 ILE A CA  1 
ATOM   917  C C   . ILE A 1 132 ? 10.926  0.740   -9.110  1.00 22.01 ? 135 ILE A C   1 
ATOM   918  O O   . ILE A 1 132 ? 9.868   0.515   -8.524  1.00 23.63 ? 135 ILE A O   1 
ATOM   919  C CB  . ILE A 1 132 ? 11.850  -0.907  -10.896 1.00 25.78 ? 135 ILE A CB  1 
ATOM   920  C CG1 . ILE A 1 132 ? 10.565  -1.682  -11.191 1.00 24.43 ? 135 ILE A CG1 1 
ATOM   921  C CG2 . ILE A 1 132 ? 12.995  -1.843  -11.172 1.00 20.97 ? 135 ILE A CG2 1 
ATOM   922  C CD1 . ILE A 1 132 ? 9.563   -0.945  -12.051 1.00 22.93 ? 135 ILE A CD1 1 
ATOM   923  N N   . PRO A 1 133 ? 11.293  1.984   -9.462  1.00 23.75 ? 136 PRO A N   1 
ATOM   924  C CA  . PRO A 1 133 ? 10.472  3.163   -9.115  1.00 25.53 ? 136 PRO A CA  1 
ATOM   925  C C   . PRO A 1 133 ? 8.967   3.155   -9.493  1.00 28.94 ? 136 PRO A C   1 
ATOM   926  O O   . PRO A 1 133 ? 8.172   3.794   -8.792  1.00 28.64 ? 136 PRO A O   1 
ATOM   927  C CB  . PRO A 1 133 ? 11.199  4.326   -9.817  1.00 24.56 ? 136 PRO A CB  1 
ATOM   928  C CG  . PRO A 1 133 ? 12.312  3.676   -10.651 1.00 21.63 ? 136 PRO A CG  1 
ATOM   929  C CD  . PRO A 1 133 ? 12.617  2.386   -9.964  1.00 21.80 ? 136 PRO A CD  1 
ATOM   930  N N   . GLY A 1 134 ? 8.575   2.472   -10.563 1.00 21.51 ? 137 GLY A N   1 
ATOM   931  C CA  . GLY A 1 134 ? 7.163   2.387   -10.893 1.00 15.58 ? 137 GLY A CA  1 
ATOM   932  C C   . GLY A 1 134 ? 6.384   1.365   -10.069 1.00 16.28 ? 137 GLY A C   1 
ATOM   933  O O   . GLY A 1 134 ? 5.205   1.121   -10.349 1.00 14.74 ? 137 GLY A O   1 
ATOM   934  N N   . ASP A 1 135 ? 7.023   0.782   -9.052  1.00 14.06 ? 138 ASP A N   1 
ATOM   935  C CA  . ASP A 1 135 ? 6.367   -0.186  -8.169  1.00 13.64 ? 138 ASP A CA  1 
ATOM   936  C C   . ASP A 1 135 ? 5.604   0.482   -7.016  1.00 13.59 ? 138 ASP A C   1 
ATOM   937  O O   . ASP A 1 135 ? 4.856   -0.182  -6.301  1.00 14.75 ? 138 ASP A O   1 
ATOM   938  C CB  . ASP A 1 135 ? 7.383   -1.174  -7.565  1.00 16.16 ? 138 ASP A CB  1 
ATOM   939  C CG  . ASP A 1 135 ? 8.051   -2.071  -8.609  1.00 17.03 ? 138 ASP A CG  1 
ATOM   940  O OD1 . ASP A 1 135 ? 7.632   -2.071  -9.773  1.00 18.99 ? 138 ASP A OD1 1 
ATOM   941  O OD2 . ASP A 1 135 ? 9.002   -2.802  -8.256  1.00 19.35 ? 138 ASP A OD2 1 
ATOM   942  N N   . ALA A 1 136 ? 5.805   1.783   -6.817  1.00 13.79 ? 139 ALA A N   1 
ATOM   943  C CA  . ALA A 1 136 ? 5.161   2.498   -5.701  1.00 12.82 ? 139 ALA A CA  1 
ATOM   944  C C   . ALA A 1 136 ? 3.635   2.303   -5.642  1.00 12.38 ? 139 ALA A C   1 
ATOM   945  O O   . ALA A 1 136 ? 2.938   2.328   -6.671  1.00 11.35 ? 139 ALA A O   1 
ATOM   946  C CB  . ALA A 1 136 ? 5.502   3.976   -5.728  1.00 11.98 ? 139 ALA A CB  1 
ATOM   947  N N   . GLY A 1 137 ? 3.127   2.097   -4.429  1.00 12.63 ? 140 GLY A N   1 
ATOM   948  C CA  . GLY A 1 137 ? 1.707   1.874   -4.221  1.00 10.92 ? 140 GLY A CA  1 
ATOM   949  C C   . GLY A 1 137 ? 1.327   0.414   -4.053  1.00 9.44  ? 140 GLY A C   1 
ATOM   950  O O   . GLY A 1 137 ? 0.194   0.105   -3.652  1.00 8.23  ? 140 GLY A O   1 
ATOM   951  N N   . CYS A 1 138 ? 2.256   -0.492  -4.367  1.00 9.60  ? 141 CYS A N   1 
ATOM   952  C CA  . CYS A 1 138 ? 1.996   -1.915  -4.164  1.00 8.29  ? 141 CYS A CA  1 
ATOM   953  C C   . CYS A 1 138 ? 1.921   -2.232  -2.658  1.00 10.61 ? 141 CYS A C   1 
ATOM   954  O O   . CYS A 1 138 ? 2.628   -1.615  -1.838  1.00 8.57  ? 141 CYS A O   1 
ATOM   955  C CB  . CYS A 1 138 ? 3.025   -2.788  -4.896  1.00 8.50  ? 141 CYS A CB  1 
ATOM   956  S SG  . CYS A 1 138 ? 2.812   -2.828  -6.741  1.00 11.13 ? 141 CYS A SG  1 
ATOM   957  N N   . PRO A 1 139 ? 1.041   -3.181  -2.284  1.00 10.18 ? 142 PRO A N   1 
ATOM   958  C CA  . PRO A 1 139 ? 0.800   -3.479  -0.863  1.00 9.06  ? 142 PRO A CA  1 
ATOM   959  C C   . PRO A 1 139 ? 1.886   -4.362  -0.216  1.00 9.32  ? 142 PRO A C   1 
ATOM   960  O O   . PRO A 1 139 ? 2.483   -5.231  -0.868  1.00 9.53  ? 142 PRO A O   1 
ATOM   961  C CB  . PRO A 1 139 ? -0.547  -4.220  -0.899  1.00 9.17  ? 142 PRO A CB  1 
ATOM   962  C CG  . PRO A 1 139 ? -0.503  -4.974  -2.242  1.00 8.01  ? 142 PRO A CG  1 
ATOM   963  C CD  . PRO A 1 139 ? 0.207   -4.016  -3.183  1.00 8.05  ? 142 PRO A CD  1 
ATOM   964  N N   . TYR A 1 140 ? 2.152   -4.110  1.061   1.00 10.39 ? 143 TYR A N   1 
ATOM   965  C CA  . TYR A 1 140 ? 2.927   -5.026  1.893   1.00 13.82 ? 143 TYR A CA  1 
ATOM   966  C C   . TYR A 1 140 ? 1.928   -5.855  2.679   1.00 11.39 ? 143 TYR A C   1 
ATOM   967  O O   . TYR A 1 140 ? 1.112   -5.308  3.434   1.00 10.58 ? 143 TYR A O   1 
ATOM   968  C CB  . TYR A 1 140 ? 3.811   -4.264  2.892   1.00 12.22 ? 143 TYR A CB  1 
ATOM   969  C CG  . TYR A 1 140 ? 5.036   -3.605  2.286   1.00 14.63 ? 143 TYR A CG  1 
ATOM   970  C CD1 . TYR A 1 140 ? 4.935   -2.848  1.123   1.00 11.96 ? 143 TYR A CD1 1 
ATOM   971  C CD2 . TYR A 1 140 ? 6.288   -3.707  2.903   1.00 13.06 ? 143 TYR A CD2 1 
ATOM   972  C CE1 . TYR A 1 140 ? 6.040   -2.234  0.572   1.00 12.90 ? 143 TYR A CE1 1 
ATOM   973  C CE2 . TYR A 1 140 ? 7.406   -3.088  2.362   1.00 12.12 ? 143 TYR A CE2 1 
ATOM   974  C CZ  . TYR A 1 140 ? 7.270   -2.349  1.188   1.00 13.97 ? 143 TYR A CZ  1 
ATOM   975  O OH  . TYR A 1 140 ? 8.360   -1.732  0.615   1.00 11.94 ? 143 TYR A OH  1 
ATOM   976  N N   . VAL A 1 141 ? 1.976   -7.167  2.517   1.00 10.22 ? 144 VAL A N   1 
ATOM   977  C CA  . VAL A 1 141 ? 1.030   -8.003  3.250   1.00 16.70 ? 144 VAL A CA  1 
ATOM   978  C C   . VAL A 1 141 ? 1.741   -9.096  4.034   1.00 16.43 ? 144 VAL A C   1 
ATOM   979  O O   . VAL A 1 141 ? 2.890   -9.429  3.748   1.00 17.07 ? 144 VAL A O   1 
ATOM   980  C CB  . VAL A 1 141 ? -0.035  -8.639  2.323   1.00 17.80 ? 144 VAL A CB  1 
ATOM   981  C CG1 . VAL A 1 141 ? -0.695  -7.570  1.452   1.00 13.56 ? 144 VAL A CG1 1 
ATOM   982  C CG2 . VAL A 1 141 ? 0.588   -9.756  1.464   1.00 14.09 ? 144 VAL A CG2 1 
ATOM   983  N N   . TYR A 1 142 ? 1.060   -9.638  5.036   1.00 18.09 ? 145 TYR A N   1 
ATOM   984  C CA  . TYR A 1 142 ? 1.543   -10.855 5.670   1.00 25.73 ? 145 TYR A CA  1 
ATOM   985  C C   . TYR A 1 142 ? 0.371   -11.661 6.183   1.00 27.66 ? 145 TYR A C   1 
ATOM   986  O O   . TYR A 1 142 ? -0.703  -11.111 6.441   1.00 20.94 ? 145 TYR A O   1 
ATOM   987  C CB  . TYR A 1 142 ? 2.585   -10.581 6.769   1.00 21.81 ? 145 TYR A CB  1 
ATOM   988  C CG  . TYR A 1 142 ? 2.036   -10.085 8.086   1.00 23.18 ? 145 TYR A CG  1 
ATOM   989  C CD1 . TYR A 1 142 ? 1.555   -8.794  8.213   1.00 21.79 ? 145 TYR A CD1 1 
ATOM   990  C CD2 . TYR A 1 142 ? 2.037   -10.897 9.215   1.00 27.80 ? 145 TYR A CD2 1 
ATOM   991  C CE1 . TYR A 1 142 ? 1.072   -8.329  9.417   1.00 23.04 ? 145 TYR A CE1 1 
ATOM   992  C CE2 . TYR A 1 142 ? 1.555   -10.440 10.430  1.00 29.71 ? 145 TYR A CE2 1 
ATOM   993  C CZ  . TYR A 1 142 ? 1.071   -9.152  10.520  1.00 27.48 ? 145 TYR A CZ  1 
ATOM   994  O OH  . TYR A 1 142 ? 0.584   -8.665  11.707  1.00 33.53 ? 145 TYR A OH  1 
ATOM   995  N N   . LYS A 1 143 ? 0.576   -12.975 6.284   1.00 38.22 ? 146 LYS A N   1 
ATOM   996  C CA  . LYS A 1 143 ? -0.438  -13.863 6.832   1.00 37.12 ? 146 LYS A CA  1 
ATOM   997  C C   . LYS A 1 143 ? -0.309  -13.893 8.347   1.00 38.58 ? 146 LYS A C   1 
ATOM   998  O O   . LYS A 1 143 ? 0.717   -14.318 8.887   1.00 44.97 ? 146 LYS A O   1 
ATOM   999  C CB  . LYS A 1 143 ? -0.328  -15.276 6.244   1.00 37.81 ? 146 LYS A CB  1 
ATOM   1000 C CG  . LYS A 1 143 ? -1.439  -16.220 6.713   1.00 41.36 ? 146 LYS A CG  1 
ATOM   1001 C CD  . LYS A 1 143 ? -1.996  -17.065 5.573   1.00 38.99 ? 146 LYS A CD  1 
ATOM   1002 C CE  . LYS A 1 143 ? -1.168  -18.320 5.342   1.00 46.63 ? 146 LYS A CE  1 
ATOM   1003 N NZ  . LYS A 1 143 ? -1.604  -19.092 4.131   1.00 45.12 ? 146 LYS A NZ  1 
ATOM   1004 N N   . LYS A 1 144 ? -1.344  -13.402 9.025   1.00 39.38 ? 147 LYS A N   1 
ATOM   1005 C CA  . LYS A 1 144 ? -1.419  -13.479 10.478  1.00 39.06 ? 147 LYS A CA  1 
ATOM   1006 C C   . LYS A 1 144 ? -2.217  -14.730 10.836  1.00 39.85 ? 147 LYS A C   1 
ATOM   1007 O O   . LYS A 1 144 ? -3.452  -14.707 10.863  1.00 34.19 ? 147 LYS A O   1 
ATOM   1008 C CB  . LYS A 1 144 ? -2.089  -12.226 11.051  1.00 38.75 ? 147 LYS A CB  1 
ATOM   1009 C CG  . LYS A 1 144 ? -1.789  -11.958 12.520  1.00 37.01 ? 147 LYS A CG  1 
ATOM   1010 C CD  . LYS A 1 144 ? -2.235  -10.553 12.911  1.00 41.21 ? 147 LYS A CD  1 
ATOM   1011 C CE  . LYS A 1 144 ? -1.567  -10.085 14.207  1.00 43.49 ? 147 LYS A CE  1 
ATOM   1012 N NZ  . LYS A 1 144 ? -2.000  -8.711  14.602  1.00 40.54 ? 147 LYS A NZ  1 
ATOM   1013 N N   . GLY A 1 145 ? -1.506  -15.824 11.101  1.00 40.95 ? 148 GLY A N   1 
ATOM   1014 C CA  . GLY A 1 145 ? -2.153  -17.096 11.360  1.00 35.45 ? 148 GLY A CA  1 
ATOM   1015 C C   . GLY A 1 145 ? -2.895  -17.566 10.130  1.00 35.21 ? 148 GLY A C   1 
ATOM   1016 O O   . GLY A 1 145 ? -2.295  -18.137 9.212   1.00 39.58 ? 148 GLY A O   1 
ATOM   1017 N N   . ASN A 1 146 ? -4.196  -17.290 10.100  1.00 38.76 ? 149 ASN A N   1 
ATOM   1018 C CA  . ASN A 1 146 ? -5.089  -17.716 9.021   1.00 32.85 ? 149 ASN A CA  1 
ATOM   1019 C C   . ASN A 1 146 ? -5.475  -16.556 8.084   1.00 38.45 ? 149 ASN A C   1 
ATOM   1020 O O   . ASN A 1 146 ? -6.029  -16.755 7.004   1.00 40.93 ? 149 ASN A O   1 
ATOM   1021 C CB  . ASN A 1 146 ? -6.357  -18.285 9.654   1.00 31.63 ? 149 ASN A CB  1 
ATOM   1022 C CG  . ASN A 1 146 ? -7.241  -18.958 8.651   1.00 36.39 ? 149 ASN A CG  1 
ATOM   1023 O OD1 . ASN A 1 146 ? -6.754  -19.490 7.658   1.00 43.96 ? 149 ASN A OD1 1 
ATOM   1024 N ND2 . ASN A 1 146 ? -8.550  -18.935 8.887   1.00 34.95 ? 149 ASN A ND2 1 
ATOM   1025 N N   . THR A 1 147 ? -5.173  -15.338 8.519   1.00 42.64 ? 150 THR A N   1 
ATOM   1026 C CA  . THR A 1 147 ? -5.694  -14.128 7.896   1.00 43.61 ? 150 THR A CA  1 
ATOM   1027 C C   . THR A 1 147 ? -4.599  -13.347 7.161   1.00 42.22 ? 150 THR A C   1 
ATOM   1028 O O   . THR A 1 147 ? -3.517  -13.096 7.710   1.00 42.54 ? 150 THR A O   1 
ATOM   1029 C CB  . THR A 1 147 ? -6.350  -13.199 8.970   1.00 45.34 ? 150 THR A CB  1 
ATOM   1030 O OG1 . THR A 1 147 ? -7.497  -13.843 9.543   1.00 48.65 ? 150 THR A OG1 1 
ATOM   1031 C CG2 . THR A 1 147 ? -6.767  -11.859 8.371   1.00 40.63 ? 150 THR A CG2 1 
ATOM   1032 N N   . TRP A 1 148 ? -4.876  -12.953 5.922   1.00 41.29 ? 151 TRP A N   1 
ATOM   1033 C CA  . TRP A 1 148 ? -3.999  -12.005 5.256   1.00 33.91 ? 151 TRP A CA  1 
ATOM   1034 C C   . TRP A 1 148 ? -4.306  -10.604 5.771   1.00 28.06 ? 151 TRP A C   1 
ATOM   1035 O O   . TRP A 1 148 ? -5.470  -10.235 5.969   1.00 34.18 ? 151 TRP A O   1 
ATOM   1036 C CB  . TRP A 1 148 ? -4.123  -12.092 3.735   1.00 38.42 ? 151 TRP A CB  1 
ATOM   1037 C CG  . TRP A 1 148 ? -3.395  -13.287 3.172   1.00 39.95 ? 151 TRP A CG  1 
ATOM   1038 C CD1 . TRP A 1 148 ? -3.945  -14.485 2.800   1.00 38.59 ? 151 TRP A CD1 1 
ATOM   1039 C CD2 . TRP A 1 148 ? -1.987  -13.402 2.937   1.00 36.82 ? 151 TRP A CD2 1 
ATOM   1040 N NE1 . TRP A 1 148 ? -2.963  -15.329 2.339   1.00 43.82 ? 151 TRP A NE1 1 
ATOM   1041 C CE2 . TRP A 1 148 ? -1.753  -14.689 2.414   1.00 43.31 ? 151 TRP A CE2 1 
ATOM   1042 C CE3 . TRP A 1 148 ? -0.903  -12.540 3.115   1.00 37.43 ? 151 TRP A CE3 1 
ATOM   1043 C CZ2 . TRP A 1 148 ? -0.469  -15.136 2.069   1.00 39.37 ? 151 TRP A CZ2 1 
ATOM   1044 C CZ3 . TRP A 1 148 ? 0.374   -12.986 2.773   1.00 35.29 ? 151 TRP A CZ3 1 
ATOM   1045 C CH2 . TRP A 1 148 ? 0.576   -14.270 2.257   1.00 36.57 ? 151 TRP A CH2 1 
ATOM   1046 N N   . VAL A 1 149 ? -3.248  -9.845  6.012   1.00 16.77 ? 152 VAL A N   1 
ATOM   1047 C CA  . VAL A 1 149 ? -3.343  -8.522  6.599   1.00 14.92 ? 152 VAL A CA  1 
ATOM   1048 C C   . VAL A 1 149 ? -2.485  -7.593  5.756   1.00 13.16 ? 152 VAL A C   1 
ATOM   1049 O O   . VAL A 1 149 ? -1.373  -7.962  5.350   1.00 15.04 ? 152 VAL A O   1 
ATOM   1050 C CB  . VAL A 1 149 ? -2.858  -8.550  8.077   1.00 15.95 ? 152 VAL A CB  1 
ATOM   1051 C CG1 . VAL A 1 149 ? -2.447  -7.181  8.553   1.00 15.26 ? 152 VAL A CG1 1 
ATOM   1052 C CG2 . VAL A 1 149 ? -3.937  -9.124  8.972   1.00 15.84 ? 152 VAL A CG2 1 
ATOM   1053 N N   . VAL A 1 150 ? -3.010  -6.407  5.454   1.00 12.01 ? 153 VAL A N   1 
ATOM   1054 C CA  . VAL A 1 150 ? -2.216  -5.417  4.732   1.00 14.14 ? 153 VAL A CA  1 
ATOM   1055 C C   . VAL A 1 150 ? -1.637  -4.385  5.719   1.00 13.07 ? 153 VAL A C   1 
ATOM   1056 O O   . VAL A 1 150 ? -2.368  -3.829  6.554   1.00 13.71 ? 153 VAL A O   1 
ATOM   1057 C CB  . VAL A 1 150 ? -3.007  -4.774  3.535   1.00 12.52 ? 153 VAL A CB  1 
ATOM   1058 C CG1 . VAL A 1 150 ? -4.295  -4.112  4.009   1.00 12.63 ? 153 VAL A CG1 1 
ATOM   1059 C CG2 . VAL A 1 150 ? -2.141  -3.798  2.754   1.00 9.64  ? 153 VAL A CG2 1 
ATOM   1060 N N   . ILE A 1 151 ? -0.327  -4.156  5.646   1.00 11.34 ? 154 ILE A N   1 
ATOM   1061 C CA  . ILE A 1 151 ? 0.338   -3.246  6.589   1.00 13.93 ? 154 ILE A CA  1 
ATOM   1062 C C   . ILE A 1 151 ? 0.810   -1.898  6.013   1.00 13.20 ? 154 ILE A C   1 
ATOM   1063 O O   . ILE A 1 151 ? 1.172   -0.985  6.764   1.00 13.18 ? 154 ILE A O   1 
ATOM   1064 C CB  . ILE A 1 151 ? 1.535   -3.919  7.282   1.00 12.50 ? 154 ILE A CB  1 
ATOM   1065 C CG1 . ILE A 1 151 ? 2.613   -4.286  6.263   1.00 12.86 ? 154 ILE A CG1 1 
ATOM   1066 C CG2 . ILE A 1 151 ? 1.091   -5.125  8.061   1.00 13.89 ? 154 ILE A CG2 1 
ATOM   1067 C CD1 . ILE A 1 151 ? 3.849   -4.883  6.905   1.00 13.26 ? 154 ILE A CD1 1 
ATOM   1068 N N   . GLY A 1 152 ? 0.821   -1.767  4.693   1.00 12.73 ? 155 GLY A N   1 
ATOM   1069 C CA  . GLY A 1 152 ? 1.243   -0.513  4.093   1.00 12.74 ? 155 GLY A CA  1 
ATOM   1070 C C   . GLY A 1 152 ? 1.464   -0.581  2.592   1.00 12.23 ? 155 GLY A C   1 
ATOM   1071 O O   . GLY A 1 152 ? 1.265   -1.638  1.977   1.00 9.99  ? 155 GLY A O   1 
ATOM   1072 N N   . VAL A 1 153 ? 1.888   0.544   2.011   1.00 9.58  ? 156 VAL A N   1 
ATOM   1073 C CA  . VAL A 1 153 ? 2.102   0.627   0.576   1.00 10.29 ? 156 VAL A CA  1 
ATOM   1074 C C   . VAL A 1 153 ? 3.547   0.998   0.263   1.00 11.88 ? 156 VAL A C   1 
ATOM   1075 O O   . VAL A 1 153 ? 4.174   1.764   0.999   1.00 10.54 ? 156 VAL A O   1 
ATOM   1076 C CB  . VAL A 1 153 ? 1.135   1.638   -0.074  1.00 11.26 ? 156 VAL A CB  1 
ATOM   1077 C CG1 . VAL A 1 153 ? -0.306  1.147   0.062   1.00 7.51  ? 156 VAL A CG1 1 
ATOM   1078 C CG2 . VAL A 1 153 ? 1.306   3.026   0.557   1.00 8.55  ? 156 VAL A CG2 1 
ATOM   1079 N N   . HIS A 1 154 ? 4.080   0.438   -0.827  1.00 13.54 ? 157 HIS A N   1 
ATOM   1080 C CA  . HIS A 1 154 ? 5.478   0.670   -1.184  1.00 12.70 ? 157 HIS A CA  1 
ATOM   1081 C C   . HIS A 1 154 ? 5.680   2.141   -1.572  1.00 14.03 ? 157 HIS A C   1 
ATOM   1082 O O   . HIS A 1 154 ? 4.882   2.720   -2.316  1.00 15.22 ? 157 HIS A O   1 
ATOM   1083 C CB  . HIS A 1 154 ? 5.929   -0.277  -2.303  1.00 11.59 ? 157 HIS A CB  1 
ATOM   1084 C CG  . HIS A 1 154 ? 7.370   -0.119  -2.683  1.00 13.11 ? 157 HIS A CG  1 
ATOM   1085 N ND1 . HIS A 1 154 ? 8.405   -0.573  -1.895  1.00 12.78 ? 157 HIS A ND1 1 
ATOM   1086 C CD2 . HIS A 1 154 ? 7.948   0.445   -3.770  1.00 16.41 ? 157 HIS A CD2 1 
ATOM   1087 C CE1 . HIS A 1 154 ? 9.557   -0.284  -2.472  1.00 12.31 ? 157 HIS A CE1 1 
ATOM   1088 N NE2 . HIS A 1 154 ? 9.308   0.324   -3.615  1.00 14.91 ? 157 HIS A NE2 1 
ATOM   1089 N N   . VAL A 1 155 ? 6.730   2.738   -1.025  1.00 15.00 ? 158 VAL A N   1 
ATOM   1090 C CA  . VAL A 1 155 ? 7.028   4.155   -1.193  1.00 17.61 ? 158 VAL A CA  1 
ATOM   1091 C C   . VAL A 1 155 ? 8.283   4.295   -2.048  1.00 20.46 ? 158 VAL A C   1 
ATOM   1092 O O   . VAL A 1 155 ? 8.281   4.986   -3.074  1.00 19.90 ? 158 VAL A O   1 
ATOM   1093 C CB  . VAL A 1 155 ? 7.278   4.834   0.179   1.00 14.43 ? 158 VAL A CB  1 
ATOM   1094 C CG1 . VAL A 1 155 ? 8.085   6.114   0.023   1.00 18.44 ? 158 VAL A CG1 1 
ATOM   1095 C CG2 . VAL A 1 155 ? 5.982   5.137   0.841   1.00 15.92 ? 158 VAL A CG2 1 
ATOM   1096 N N   . ALA A 1 156 ? 9.351   3.623   -1.618  1.00 20.08 ? 159 ALA A N   1 
ATOM   1097 C CA  . ALA A 1 156 ? 10.649  3.750   -2.266  1.00 22.51 ? 159 ALA A CA  1 
ATOM   1098 C C   . ALA A 1 156 ? 11.646  2.668   -1.857  1.00 22.30 ? 159 ALA A C   1 
ATOM   1099 O O   . ALA A 1 156 ? 11.520  2.038   -0.796  1.00 16.72 ? 159 ALA A O   1 
ATOM   1100 C CB  . ALA A 1 156 ? 11.240  5.128   -1.979  1.00 27.10 ? 159 ALA A CB  1 
ATOM   1101 N N   . ALA A 1 157 ? 12.638  2.473   -2.724  1.00 24.71 ? 160 ALA A N   1 
ATOM   1102 C CA  . ALA A 1 157 ? 13.812  1.669   -2.412  1.00 22.16 ? 160 ALA A CA  1 
ATOM   1103 C C   . ALA A 1 157 ? 15.028  2.595   -2.265  1.00 23.57 ? 160 ALA A C   1 
ATOM   1104 O O   . ALA A 1 157 ? 14.982  3.768   -2.640  1.00 22.72 ? 160 ALA A O   1 
ATOM   1105 C CB  . ALA A 1 157 ? 14.042  0.629   -3.490  1.00 18.17 ? 160 ALA A CB  1 
ATOM   1106 N N   . THR A 1 158 ? 16.117  2.046   -1.735  1.00 29.03 ? 161 THR A N   1 
ATOM   1107 C CA  . THR A 1 158 ? 17.369  2.777   -1.538  1.00 29.00 ? 161 THR A CA  1 
ATOM   1108 C C   . THR A 1 158 ? 18.382  2.581   -2.672  1.00 33.01 ? 161 THR A C   1 
ATOM   1109 O O   . THR A 1 158 ? 18.144  1.845   -3.636  1.00 30.42 ? 161 THR A O   1 
ATOM   1110 C CB  . THR A 1 158 ? 18.023  2.356   -0.226  1.00 32.66 ? 161 THR A CB  1 
ATOM   1111 O OG1 . THR A 1 158 ? 17.170  2.730   0.867   1.00 36.97 ? 161 THR A OG1 1 
ATOM   1112 C CG2 . THR A 1 158 ? 19.401  3.014   -0.073  1.00 45.91 ? 161 THR A CG2 1 
ATOM   1113 N N   . GLY A 1 161 ? 20.533  -0.393  -2.829  1.00 41.60 ? 164 GLY A N   1 
ATOM   1114 C CA  . GLY A 1 161 ? 21.210  -0.845  -1.623  1.00 43.68 ? 164 GLY A CA  1 
ATOM   1115 C C   . GLY A 1 161 ? 20.355  -1.622  -0.627  1.00 43.99 ? 164 GLY A C   1 
ATOM   1116 O O   . GLY A 1 161 ? 20.518  -1.439  0.589   1.00 48.60 ? 164 GLY A O   1 
ATOM   1117 N N   . ASN A 1 162 ? 19.430  -2.447  -1.140  1.00 39.38 ? 165 ASN A N   1 
ATOM   1118 C CA  . ASN A 1 162 ? 18.672  -3.444  -0.348  1.00 38.13 ? 165 ASN A CA  1 
ATOM   1119 C C   . ASN A 1 162 ? 17.452  -3.011  0.526   1.00 36.13 ? 165 ASN A C   1 
ATOM   1120 O O   . ASN A 1 162 ? 16.576  -3.831  0.832   1.00 23.77 ? 165 ASN A O   1 
ATOM   1121 C CB  . ASN A 1 162 ? 19.637  -4.287  0.491   1.00 35.39 ? 165 ASN A CB  1 
ATOM   1122 C CG  . ASN A 1 162 ? 18.973  -5.506  1.074   1.00 44.08 ? 165 ASN A CG  1 
ATOM   1123 O OD1 . ASN A 1 162 ? 19.033  -5.745  2.283   1.00 38.26 ? 165 ASN A OD1 1 
ATOM   1124 N ND2 . ASN A 1 162 ? 18.316  -6.286  0.212   1.00 46.20 ? 165 ASN A ND2 1 
ATOM   1125 N N   . THR A 1 163 ? 17.404  -1.740  0.924   1.00 34.57 ? 166 THR A N   1 
ATOM   1126 C CA  . THR A 1 163 ? 16.389  -1.236  1.850   1.00 24.27 ? 166 THR A CA  1 
ATOM   1127 C C   . THR A 1 163 ? 15.141  -0.671  1.139   1.00 23.78 ? 166 THR A C   1 
ATOM   1128 O O   . THR A 1 163 ? 15.255  0.139   0.214   1.00 23.08 ? 166 THR A O   1 
ATOM   1129 C CB  . THR A 1 163 ? 16.995  -0.127  2.763   1.00 24.44 ? 166 THR A CB  1 
ATOM   1130 O OG1 . THR A 1 163 ? 17.997  -0.697  3.605   1.00 28.31 ? 166 THR A OG1 1 
ATOM   1131 C CG2 . THR A 1 163 ? 15.934  0.547   3.636   1.00 19.91 ? 166 THR A CG2 1 
ATOM   1132 N N   . VAL A 1 164 ? 13.954  -1.078  1.587   1.00 18.11 ? 167 VAL A N   1 
ATOM   1133 C CA  . VAL A 1 164 ? 12.706  -0.485  1.096   1.00 22.14 ? 167 VAL A CA  1 
ATOM   1134 C C   . VAL A 1 164 ? 11.951  0.244   2.228   1.00 18.10 ? 167 VAL A C   1 
ATOM   1135 O O   . VAL A 1 164 ? 12.168  -0.038  3.405   1.00 17.14 ? 167 VAL A O   1 
ATOM   1136 C CB  . VAL A 1 164 ? 11.789  -1.546  0.424   1.00 19.24 ? 167 VAL A CB  1 
ATOM   1137 C CG1 . VAL A 1 164 ? 12.473  -2.147  -0.799  1.00 14.25 ? 167 VAL A CG1 1 
ATOM   1138 C CG2 . VAL A 1 164 ? 11.422  -2.639  1.431   1.00 15.73 ? 167 VAL A CG2 1 
ATOM   1139 N N   . ILE A 1 165 ? 11.087  1.186   1.856   1.00 16.11 ? 168 ILE A N   1 
ATOM   1140 C CA  . ILE A 1 165 ? 10.241  1.908   2.798   1.00 16.68 ? 168 ILE A CA  1 
ATOM   1141 C C   . ILE A 1 165 ? 8.749   1.715   2.452   1.00 18.84 ? 168 ILE A C   1 
ATOM   1142 O O   . ILE A 1 165 ? 8.352   1.848   1.288   1.00 16.36 ? 168 ILE A O   1 
ATOM   1143 C CB  . ILE A 1 165 ? 10.518  3.420   2.769   1.00 18.80 ? 168 ILE A CB  1 
ATOM   1144 C CG1 . ILE A 1 165 ? 12.007  3.694   2.874   1.00 21.24 ? 168 ILE A CG1 1 
ATOM   1145 C CG2 . ILE A 1 165 ? 9.769   4.132   3.912   1.00 23.49 ? 168 ILE A CG2 1 
ATOM   1146 C CD1 . ILE A 1 165 ? 12.531  3.597   4.288   1.00 23.54 ? 168 ILE A CD1 1 
ATOM   1147 N N   . ALA A 1 166 ? 7.933   1.418   3.462   1.00 14.94 ? 169 ALA A N   1 
ATOM   1148 C CA  . ALA A 1 166 ? 6.491   1.336   3.292   1.00 12.44 ? 169 ALA A CA  1 
ATOM   1149 C C   . ALA A 1 166 ? 5.789   2.465   4.050   1.00 20.02 ? 169 ALA A C   1 
ATOM   1150 O O   . ALA A 1 166 ? 6.070   2.694   5.236   1.00 19.28 ? 169 ALA A O   1 
ATOM   1151 C CB  . ALA A 1 166 ? 5.981   -0.013  3.772   1.00 11.45 ? 169 ALA A CB  1 
ATOM   1152 N N   . ALA A 1 167 ? 4.867   3.165   3.381   1.00 15.58 ? 170 ALA A N   1 
ATOM   1153 C CA  . ALA A 1 167 ? 4.028   4.140   4.082   1.00 15.45 ? 170 ALA A CA  1 
ATOM   1154 C C   . ALA A 1 167 ? 2.936   3.392   4.838   1.00 14.89 ? 170 ALA A C   1 
ATOM   1155 O O   . ALA A 1 167 ? 2.389   2.417   4.321   1.00 14.43 ? 170 ALA A O   1 
ATOM   1156 C CB  . ALA A 1 167 ? 3.417   5.140   3.114   1.00 13.82 ? 170 ALA A CB  1 
ATOM   1157 N N   . THR A 1 168 ? 2.628   3.836   6.054   1.00 16.05 ? 171 THR A N   1 
ATOM   1158 C CA  . THR A 1 168 ? 1.629   3.152   6.879   1.00 20.38 ? 171 THR A CA  1 
ATOM   1159 C C   . THR A 1 168 ? 0.504   4.084   7.328   1.00 19.33 ? 171 THR A C   1 
ATOM   1160 O O   . THR A 1 168 ? 0.613   5.299   7.176   1.00 19.14 ? 171 THR A O   1 
ATOM   1161 C CB  . THR A 1 168 ? 2.256   2.520   8.136   1.00 15.96 ? 171 THR A CB  1 
ATOM   1162 O OG1 . THR A 1 168 ? 2.696   3.565   9.015   1.00 21.58 ? 171 THR A OG1 1 
ATOM   1163 C CG2 . THR A 1 168 ? 3.413   1.626   7.768   1.00 14.49 ? 171 THR A CG2 1 
ATOM   1164 N N   . HIS A 1 169 ? -0.542  3.491   7.916   1.00 24.55 ? 172 HIS A N   1 
ATOM   1165 C CA  . HIS A 1 169 ? -1.763  4.190   8.338   1.00 24.34 ? 172 HIS A CA  1 
ATOM   1166 C C   . HIS A 1 169 ? -2.730  3.286   9.152   1.00 26.23 ? 172 HIS A C   1 
ATOM   1167 O O   . HIS A 1 169 ? -2.769  2.063   8.985   1.00 21.34 ? 172 HIS A O   1 
ATOM   1168 C CB  . HIS A 1 169 ? -2.492  4.692   7.108   1.00 19.20 ? 172 HIS A CB  1 
ATOM   1169 C CG  . HIS A 1 169 ? -3.619  5.624   7.410   1.00 32.34 ? 172 HIS A CG  1 
ATOM   1170 N ND1 . HIS A 1 169 ? -3.435  6.830   8.067   1.00 34.48 ? 172 HIS A ND1 1 
ATOM   1171 C CD2 . HIS A 1 169 ? -4.945  5.535   7.147   1.00 25.48 ? 172 HIS A CD2 1 
ATOM   1172 C CE1 . HIS A 1 169 ? -4.602  7.438   8.189   1.00 34.91 ? 172 HIS A CE1 1 
ATOM   1173 N NE2 . HIS A 1 169 ? -5.535  6.678   7.635   1.00 31.23 ? 172 HIS A NE2 1 
ATOM   1174 N N   . GLY A 1 170 ? -3.517  3.890   10.032  1.00 23.35 ? 173 GLY A N   1 
ATOM   1175 C CA  . GLY A 1 170 ? -4.448  3.119   10.825  1.00 26.17 ? 173 GLY A CA  1 
ATOM   1176 C C   . GLY A 1 170 ? -4.354  3.388   12.318  1.00 42.75 ? 173 GLY A C   1 
ATOM   1177 O O   . GLY A 1 170 ? -3.256  3.540   12.881  1.00 31.16 ? 173 GLY A O   1 
ATOM   1178 N N   . GLU A 1 171 ? -5.524  3.457   12.951  1.00 47.63 ? 174 GLU A N   1 
ATOM   1179 C CA  . GLU A 1 171 ? -5.629  3.554   14.399  1.00 47.99 ? 174 GLU A CA  1 
ATOM   1180 C C   . GLU A 1 171 ? -5.762  2.145   14.965  1.00 47.54 ? 174 GLU A C   1 
ATOM   1181 O O   . GLU A 1 171 ? -6.683  1.412   14.595  1.00 52.09 ? 174 GLU A O   1 
ATOM   1182 C CB  . GLU A 1 171 ? -6.862  4.374   14.786  1.00 48.17 ? 174 GLU A CB  1 
ATOM   1183 C CG  . GLU A 1 171 ? -6.640  5.357   15.916  1.00 54.50 ? 174 GLU A CG  1 
ATOM   1184 C CD  . GLU A 1 171 ? -5.860  6.581   15.474  1.00 63.55 ? 174 GLU A CD  1 
ATOM   1185 O OE1 . GLU A 1 171 ? -4.628  6.625   15.708  1.00 63.83 ? 174 GLU A OE1 1 
ATOM   1186 O OE2 . GLU A 1 171 ? -6.480  7.498   14.890  1.00 62.10 ? 174 GLU A OE2 1 
ATOM   1187 N N   . PRO A 1 172 ? -4.833  1.750   15.851  1.00 50.52 ? 175 PRO A N   1 
ATOM   1188 C CA  . PRO A 1 172 ? -4.964  0.450   16.526  1.00 54.05 ? 175 PRO A CA  1 
ATOM   1189 C C   . PRO A 1 172 ? -6.269  0.348   17.325  1.00 56.06 ? 175 PRO A C   1 
ATOM   1190 O O   . PRO A 1 172 ? -6.710  1.343   17.915  1.00 53.17 ? 175 PRO A O   1 
ATOM   1191 C CB  . PRO A 1 172 ? -3.750  0.423   17.463  1.00 48.11 ? 175 PRO A CB  1 
ATOM   1192 C CG  . PRO A 1 172 ? -2.732  1.298   16.769  1.00 43.66 ? 175 PRO A CG  1 
ATOM   1193 C CD  . PRO A 1 172 ? -3.548  2.411   16.156  1.00 43.01 ? 175 PRO A CD  1 
ATOM   1194 N N   . THR A 1 173 ? -6.875  -0.840  17.331  1.00 54.67 ? 176 THR A N   1 
ATOM   1195 C CA  . THR A 1 173 ? -8.137  -1.075  18.031  1.00 55.66 ? 176 THR A CA  1 
ATOM   1196 C C   . THR A 1 173 ? -8.046  -0.713  19.521  1.00 59.90 ? 176 THR A C   1 
ATOM   1197 O O   . THR A 1 173 ? -8.867  0.056   20.048  1.00 51.95 ? 176 THR A O   1 
ATOM   1198 C CB  . THR A 1 173 ? -8.567  -2.552  17.918  1.00 57.76 ? 176 THR A CB  1 
ATOM   1199 O OG1 . THR A 1 173 ? -8.304  -3.039  16.593  1.00 57.38 ? 176 THR A OG1 1 
ATOM   1200 C CG2 . THR A 1 173 ? -10.053 -2.706  18.255  1.00 50.62 ? 176 THR A CG2 1 
ATOM   1201 N N   . LEU A 1 174 ? -7.035  -1.274  20.184  1.00 55.53 ? 177 LEU A N   1 
ATOM   1202 C CA  . LEU A 1 174 ? -6.818  -1.070  21.616  1.00 52.02 ? 177 LEU A CA  1 
ATOM   1203 C C   . LEU A 1 174 ? -6.181  0.289   21.946  1.00 52.10 ? 177 LEU A C   1 
ATOM   1204 O O   . LEU A 1 174 ? -5.185  0.691   21.329  1.00 47.03 ? 177 LEU A O   1 
ATOM   1205 C CB  . LEU A 1 174 ? -5.954  -2.200  22.180  1.00 50.31 ? 177 LEU A CB  1 
ATOM   1206 C CG  . LEU A 1 174 ? -6.535  -3.612  22.228  1.00 43.91 ? 177 LEU A CG  1 
ATOM   1207 C CD1 . LEU A 1 174 ? -5.420  -4.587  22.516  1.00 35.32 ? 177 LEU A CD1 1 
ATOM   1208 C CD2 . LEU A 1 174 ? -7.629  -3.732  23.284  1.00 37.92 ? 177 LEU A CD2 1 
ATOM   1209 N N   . GLU A 1 175 ? -6.767  0.988   22.921  1.00 54.93 ? 178 GLU A N   1 
ATOM   1210 C CA  . GLU A 1 175 ? -6.195  2.236   23.438  1.00 56.20 ? 178 GLU A CA  1 
ATOM   1211 C C   . GLU A 1 175 ? -5.479  2.025   24.786  1.00 54.70 ? 178 GLU A C   1 
ATOM   1212 O O   . GLU A 1 175 ? -5.789  1.093   25.540  1.00 50.50 ? 178 GLU A O   1 
ATOM   1213 C CB  . GLU A 1 175 ? -7.264  3.337   23.542  1.00 55.67 ? 178 GLU A CB  1 
ATOM   1214 C CG  . GLU A 1 175 ? -7.728  3.895   22.185  1.00 62.76 ? 178 GLU A CG  1 
ATOM   1215 C CD  . GLU A 1 175 ? -9.190  4.330   22.173  1.00 59.02 ? 178 GLU A CD  1 
ATOM   1216 O OE1 . GLU A 1 175 ? -10.041 3.606   22.736  1.00 53.41 ? 178 GLU A OE1 1 
ATOM   1217 O OE2 . GLU A 1 175 ? -9.489  5.394   21.589  1.00 57.33 ? 178 GLU A OE2 1 
ATOM   1218 N N   . ALA A 1 176 ? -4.511  2.892   25.066  1.00 53.50 ? 179 ALA A N   1 
ATOM   1219 C CA  . ALA A 1 176 ? -3.733  2.826   26.294  1.00 51.36 ? 179 ALA A CA  1 
ATOM   1220 C C   . ALA A 1 176 ? -4.434  3.571   27.423  1.00 47.23 ? 179 ALA A C   1 
ATOM   1221 O O   . ALA A 1 176 ? -4.008  3.514   28.577  1.00 48.54 ? 179 ALA A O   1 
ATOM   1222 C CB  . ALA A 1 176 ? -2.337  3.393   26.059  1.00 47.66 ? 179 ALA A CB  1 
HETATM 1223 O O   . HOH B 2 .   ? 0.748   15.978  0.814   1.00 33.37 ? 201 HOH A O   1 
HETATM 1224 O O   . HOH B 2 .   ? -6.053  0.931   -12.870 1.00 18.39 ? 202 HOH A O   1 
HETATM 1225 O O   . HOH B 2 .   ? 9.527   11.979  9.230   1.00 33.32 ? 203 HOH A O   1 
HETATM 1226 O O   . HOH B 2 .   ? 5.828   13.760  -1.861  1.00 42.12 ? 204 HOH A O   1 
HETATM 1227 O O   . HOH B 2 .   ? -10.677 -3.568  6.720   1.00 24.94 ? 205 HOH A O   1 
HETATM 1228 O O   . HOH B 2 .   ? 4.431   7.883   4.948   1.00 28.12 ? 206 HOH A O   1 
HETATM 1229 O O   . HOH B 2 .   ? 12.546  -1.204  18.658  1.00 25.81 ? 207 HOH A O   1 
HETATM 1230 O O   . HOH B 2 .   ? 16.390  7.902   7.243   1.00 43.54 ? 208 HOH A O   1 
HETATM 1231 O O   . HOH B 2 .   ? -12.790 -9.009  7.499   1.00 29.19 ? 209 HOH A O   1 
HETATM 1232 O O   . HOH B 2 .   ? 4.137   12.739  -0.649  1.00 26.94 ? 210 HOH A O   1 
HETATM 1233 O O   . HOH B 2 .   ? -12.416 7.172   -14.027 1.00 33.02 ? 211 HOH A O   1 
HETATM 1234 O O   . HOH B 2 .   ? -0.799  0.990   6.611   1.00 19.31 ? 212 HOH A O   1 
HETATM 1235 O O   . HOH B 2 .   ? 5.644   -1.712  -11.872 1.00 18.04 ? 213 HOH A O   1 
HETATM 1236 O O   . HOH B 2 .   ? -10.576 7.533   3.292   1.00 23.25 ? 214 HOH A O   1 
HETATM 1237 O O   . HOH B 2 .   ? -3.883  -15.433 -3.417  1.00 29.45 ? 215 HOH A O   1 
HETATM 1238 O O   . HOH B 2 .   ? -2.879  -15.878 -1.259  1.00 37.43 ? 216 HOH A O   1 
HETATM 1239 O O   . HOH B 2 .   ? 11.368  1.470   -5.976  1.00 26.01 ? 217 HOH A O   1 
HETATM 1240 O O   . HOH B 2 .   ? 1.630   1.667   -13.240 1.00 21.33 ? 218 HOH A O   1 
HETATM 1241 O O   . HOH B 2 .   ? 3.737   2.029   -12.909 1.00 26.11 ? 219 HOH A O   1 
HETATM 1242 O O   . HOH B 2 .   ? 7.871   6.272   -7.405  1.00 26.20 ? 220 HOH A O   1 
HETATM 1243 O O   . HOH B 2 .   ? -11.067 4.582   -15.110 1.00 27.98 ? 221 HOH A O   1 
HETATM 1244 O O   . HOH B 2 .   ? 9.779   2.024   -12.264 1.00 28.01 ? 222 HOH A O   1 
# 
